data_5LDR
#
_entry.id   5LDR
#
_cell.length_a   79.260
_cell.length_b   107.580
_cell.length_c   201.550
_cell.angle_alpha   90.00
_cell.angle_beta   90.00
_cell.angle_gamma   90.00
#
_symmetry.space_group_name_H-M   'P 21 21 21'
#
loop_
_entity.id
_entity.type
_entity.pdbx_description
1 polymer Beta-D-galactosidase
2 polymer Beta-D-galactosidase
3 non-polymer beta-D-galactopyranose
4 non-polymer alpha-D-glucopyranose
5 non-polymer DI(HYDROXYETHYL)ETHER
6 non-polymer 'CHLORIDE ION'
7 non-polymer 'ACETATE ION'
8 water water
#
loop_
_entity_poly.entity_id
_entity_poly.type
_entity_poly.pdbx_seq_one_letter_code
_entity_poly.pdbx_strand_id
1 'polypeptide(L)'
;NMRVTQKLNHGWIFAEGAADPATPLAGETVTLPHNAVDLPLSYFDETSYQRAFTYQRVIAWDDAWQGRRVQLRFDGAMAD
NVVWVNGVQVVAHPDGYTPFVADLTDHLRPGDNLVTVRIDGSENPAIPPFGAQIDYLTYAGIYRDVWLMVLPERHLTNAR
ILTPDALSDAKTVVIRPEVTAPGPVRARLLDGDREIAATEGEGELTLAGLTGLSLWSTDNPQLYTVELTLPDSGDVTTHR
FGFRTAEWTPQGFLLNGQPMKLRGLNRHQSWAHQGYAAGRHAQERDAEIVRHDLCCNMVRTSHYPQSTWFLDRCDEIGLL
VFEEIPGWQHIGDQAWQDRSVDNVRAMITRDWNHPSIVIWGVRINESPDNHDFYVRTNALARELDPTRAIGGVRCITDSE
MLEDVYTMNDFILDESELPLINRPRTALRPTEEVTGIKKPVPYLVTEYNGHMFPTKAQDPELRQMEHVIRHLEVLNAAHG
DPAISGCIGWCMFDYNTHKDFGAGDRICHHGVMDIWREPKFAAHAYGSQKPPSEGIVMEPVTFWARGERNIGGVLPLIVL
TNCDEVEFECAGVTRRVGPDRERFPHLPRPPVIIDHRHISAEELGQWGMSWHPGRITGWLNGEQVALREYVADPLPTTLQ
IAPDRDTLPADGDIDLRVMLRALDQVGNRLPFLDAGIAVTVDGPARLIGPDLRMLQGGTTGMLLRLTGDAGTIRITARHP
QFPEAVATVTVG
;
A
2 'polypeptide(L)'
;MRVTQKLNHGWIFAEGAADPATPLAGETVTLPHNAVDLPLSYFDETSYQRAFTYQRVIAWDDAWQGRRVQLRFDGAMADN
VVWVNGVQVVAHPDGYTPFVADLTDHLRPGDNLVTVRIDGSENPAIPPFGAQIDYLTYAGIYRDVWLMVLPERHLTNARI
LTPDALSDAKTVVIRPEVTAPGPVRARLLDGDREIAATEGEGELTLAGLTGLSLWSTDNPQLYTVELTLPDSGDVTTHRF
GFRTAEWTPQGFLLNGQPMKLRGLNRHQSWAHQGYAAGRHAQERDAEIVRHDLCCNMVRTSHYPQSTWFLDRCDEIGLLV
FEEIPGWQHIGDQAWQDRSVDNVRAMITRDWNHPSIVIWGVRINESPDNHDFYVRTNALARELDPTRAIGGVRCITDSEM
LEDVYTMNDFILDESELPLINRPRTALRPTEEVTGIKKPVPYLVTEYNGHMFPTKAQDPELRQMEHVIRHLEVLNAAHGD
PAISGCIGWCMFDYNTHKDFGAGDRICHHGVMDIWREPKFAAHAYGSQKPPSEGIVMEPVTFWARGERNIGGVLPLIVLT
NCDEVEFECAGVTRRVGPDRERFPHLPRPPVIIDHRHISAEELGQWGMSWHPGRITGWLNGEQVALREYVADPLPTTLQI
APDRDTLPADGDIDLRVMLRALDQVGNRLPFLDAGIAVTVDGPARLIGPDLRMLQGGTTGMLLRLTGDAGTIRITARHPQ
FPEAVATVTVG
;
B
#
loop_
_chem_comp.id
_chem_comp.type
_chem_comp.name
_chem_comp.formula
ACT non-polymer 'ACETATE ION' 'C2 H3 O2 -1'
CL non-polymer 'CHLORIDE ION' 'Cl -1'
GAL D-saccharide, beta linking beta-D-galactopyranose 'C6 H12 O6'
GLC D-saccharide, alpha linking alpha-D-glucopyranose 'C6 H12 O6'
PEG non-polymer DI(HYDROXYETHYL)ETHER 'C4 H10 O3'
#
# COMPACT_ATOMS: atom_id res chain seq x y z
N MET A 2 -33.03 -40.50 -29.43
CA MET A 2 -32.15 -39.28 -29.55
C MET A 2 -30.76 -39.46 -28.93
N ARG A 3 -30.25 -38.41 -28.31
CA ARG A 3 -28.94 -38.34 -27.77
C ARG A 3 -29.07 -37.80 -26.40
N VAL A 4 -28.06 -38.00 -25.59
CA VAL A 4 -28.11 -37.47 -24.25
C VAL A 4 -26.78 -36.85 -23.82
N THR A 5 -26.51 -35.64 -24.31
CA THR A 5 -25.44 -34.80 -23.74
C THR A 5 -25.77 -34.65 -22.23
N GLN A 6 -24.78 -34.80 -21.34
CA GLN A 6 -24.98 -34.98 -19.85
C GLN A 6 -23.66 -34.70 -19.07
N LYS A 7 -23.66 -33.59 -18.36
CA LYS A 7 -22.56 -33.18 -17.49
C LYS A 7 -22.24 -34.26 -16.51
N LEU A 8 -20.97 -34.35 -16.19
CA LEU A 8 -20.48 -35.46 -15.40
C LEU A 8 -19.23 -34.94 -14.75
N ASN A 9 -19.38 -33.89 -13.95
CA ASN A 9 -18.24 -33.26 -13.24
C ASN A 9 -18.12 -33.68 -11.78
N HIS A 10 -19.16 -34.36 -11.27
CA HIS A 10 -19.11 -34.96 -9.95
C HIS A 10 -18.19 -36.18 -9.97
N GLY A 11 -17.58 -36.49 -8.84
CA GLY A 11 -17.10 -37.85 -8.58
C GLY A 11 -15.88 -38.27 -9.33
N TRP A 12 -14.92 -37.37 -9.38
CA TRP A 12 -13.61 -37.59 -9.99
C TRP A 12 -12.53 -37.79 -8.92
N ILE A 13 -11.57 -38.67 -9.20
CA ILE A 13 -10.48 -38.98 -8.28
C ILE A 13 -9.26 -38.26 -8.80
N PHE A 14 -8.69 -37.44 -7.94
CA PHE A 14 -7.54 -36.64 -8.23
C PHE A 14 -6.34 -37.11 -7.42
N ALA A 15 -5.19 -37.21 -8.07
CA ALA A 15 -3.96 -37.73 -7.47
C ALA A 15 -2.72 -37.09 -8.08
N GLU A 16 -1.93 -36.46 -7.22
CA GLU A 16 -0.61 -35.94 -7.58
C GLU A 16 0.24 -37.11 -8.09
N GLY A 17 0.70 -37.00 -9.34
CA GLY A 17 1.57 -37.99 -9.99
C GLY A 17 1.12 -38.59 -11.32
N ALA A 18 1.74 -39.73 -11.67
CA ALA A 18 1.46 -40.52 -12.87
C ALA A 18 1.18 -42.00 -12.50
N ALA A 19 -0.09 -42.40 -12.34
CA ALA A 19 -0.45 -43.77 -11.90
C ALA A 19 -0.69 -44.78 -13.05
N ASP A 20 -0.36 -46.06 -12.83
CA ASP A 20 -0.76 -47.15 -13.75
C ASP A 20 -2.25 -46.95 -14.14
N PRO A 21 -2.52 -46.72 -15.44
CA PRO A 21 -3.90 -46.30 -15.74
C PRO A 21 -5.06 -47.28 -15.42
N ALA A 22 -4.80 -48.60 -15.28
CA ALA A 22 -5.88 -49.62 -15.18
C ALA A 22 -6.21 -50.09 -13.77
N THR A 23 -5.37 -49.76 -12.80
CA THR A 23 -5.55 -50.15 -11.41
C THR A 23 -6.32 -49.03 -10.71
N PRO A 24 -7.48 -49.35 -10.04
CA PRO A 24 -8.22 -48.30 -9.37
C PRO A 24 -7.32 -47.32 -8.62
N LEU A 25 -7.18 -46.11 -9.18
CA LEU A 25 -6.38 -45.05 -8.59
C LEU A 25 -6.94 -44.63 -7.24
N ALA A 26 -6.04 -44.49 -6.28
CA ALA A 26 -6.32 -43.90 -4.98
C ALA A 26 -5.75 -42.46 -4.91
N GLY A 27 -6.54 -41.54 -4.39
CA GLY A 27 -6.12 -40.13 -4.28
C GLY A 27 -7.26 -39.31 -3.66
N GLU A 28 -7.24 -37.99 -3.78
CA GLU A 28 -8.30 -37.12 -3.20
C GLU A 28 -9.57 -37.10 -4.10
N THR A 29 -10.78 -36.98 -3.49
CA THR A 29 -12.07 -36.89 -4.27
C THR A 29 -12.59 -35.46 -4.49
N VAL A 30 -12.77 -35.10 -5.79
CA VAL A 30 -13.15 -33.70 -6.24
C VAL A 30 -14.26 -33.65 -7.30
N THR A 31 -14.83 -32.45 -7.51
CA THR A 31 -15.86 -32.15 -8.53
C THR A 31 -15.32 -31.07 -9.48
N LEU A 32 -15.59 -31.19 -10.78
CA LEU A 32 -14.90 -30.38 -11.80
C LEU A 32 -15.68 -29.13 -12.11
N PRO A 33 -15.01 -28.03 -12.47
CA PRO A 33 -13.55 -27.91 -12.72
C PRO A 33 -12.59 -27.87 -11.53
N HIS A 34 -11.46 -28.53 -11.67
CA HIS A 34 -10.47 -28.61 -10.61
C HIS A 34 -9.14 -28.01 -11.13
N ASN A 35 -8.36 -27.54 -10.18
CA ASN A 35 -7.11 -26.87 -10.44
C ASN A 35 -6.09 -27.48 -9.50
N ALA A 36 -5.03 -28.08 -10.05
CA ALA A 36 -4.29 -29.10 -9.31
C ALA A 36 -3.64 -28.51 -8.14
N VAL A 37 -3.08 -27.33 -8.31
CA VAL A 37 -2.24 -26.73 -7.25
C VAL A 37 -2.72 -25.31 -6.80
N ASP A 38 -3.45 -25.32 -5.68
CA ASP A 38 -4.00 -24.07 -5.13
C ASP A 38 -2.93 -23.12 -4.60
N LEU A 39 -2.86 -21.93 -5.17
CA LEU A 39 -1.77 -21.01 -4.85
C LEU A 39 -2.09 -19.90 -3.82
N PRO A 40 -1.02 -19.27 -3.27
CA PRO A 40 -1.18 -18.00 -2.58
C PRO A 40 -1.65 -16.94 -3.49
N LEU A 41 -1.63 -15.71 -2.98
CA LEU A 41 -2.02 -14.57 -3.78
C LEU A 41 -0.85 -13.89 -4.39
N SER A 42 0.22 -13.79 -3.65
CA SER A 42 1.41 -13.25 -4.20
C SER A 42 2.56 -14.05 -3.69
N TYR A 43 3.70 -13.81 -4.32
CA TYR A 43 4.97 -14.43 -3.95
C TYR A 43 4.94 -16.00 -3.81
N PHE A 44 4.85 -16.72 -4.94
CA PHE A 44 4.78 -18.19 -4.92
C PHE A 44 5.67 -18.83 -5.99
N ASP A 45 5.73 -20.18 -5.98
CA ASP A 45 6.66 -20.92 -6.81
C ASP A 45 6.30 -20.88 -8.23
N GLU A 46 5.07 -21.23 -8.59
CA GLU A 46 4.58 -21.03 -9.99
C GLU A 46 4.99 -22.13 -11.00
N THR A 47 5.95 -22.92 -10.55
CA THR A 47 6.36 -24.13 -11.16
C THR A 47 5.71 -25.24 -10.37
N SER A 48 5.34 -24.97 -9.11
CA SER A 48 4.73 -25.97 -8.22
C SER A 48 3.79 -26.88 -8.99
N TYR A 49 3.07 -26.27 -9.94
CA TYR A 49 2.06 -26.96 -10.73
C TYR A 49 2.56 -27.66 -12.01
N GLN A 50 3.88 -27.63 -12.24
CA GLN A 50 4.46 -28.02 -13.53
C GLN A 50 4.92 -29.45 -13.51
N ARG A 51 3.94 -30.33 -13.31
CA ARG A 51 4.23 -31.69 -12.99
C ARG A 51 3.11 -32.64 -13.42
N ALA A 52 3.09 -33.84 -12.86
CA ALA A 52 2.13 -34.85 -13.21
C ALA A 52 1.00 -34.90 -12.21
N PHE A 53 -0.14 -35.28 -12.77
CA PHE A 53 -1.38 -35.38 -12.08
C PHE A 53 -2.21 -36.37 -12.87
N THR A 54 -2.82 -37.29 -12.14
CA THR A 54 -3.81 -38.21 -12.70
C THR A 54 -5.18 -37.88 -12.11
N TYR A 55 -6.22 -37.87 -12.93
CA TYR A 55 -7.59 -37.99 -12.40
C TYR A 55 -8.18 -39.28 -12.96
N GLN A 56 -9.24 -39.76 -12.28
CA GLN A 56 -9.93 -40.98 -12.68
C GLN A 56 -11.45 -40.87 -12.50
N ARG A 57 -12.20 -41.67 -13.28
CA ARG A 57 -13.66 -41.82 -13.10
C ARG A 57 -14.14 -43.27 -13.41
N VAL A 58 -15.21 -43.67 -12.71
CA VAL A 58 -15.83 -44.99 -12.75
C VAL A 58 -17.20 -44.92 -13.40
N ILE A 59 -17.47 -45.80 -14.36
CA ILE A 59 -18.75 -45.79 -15.05
C ILE A 59 -19.24 -47.19 -15.30
N ALA A 60 -20.42 -47.48 -14.75
CA ALA A 60 -21.03 -48.77 -14.93
C ALA A 60 -21.67 -48.82 -16.30
N TRP A 61 -21.53 -49.96 -16.97
CA TRP A 61 -22.27 -50.30 -18.18
C TRP A 61 -23.74 -50.00 -17.97
N ASP A 62 -24.45 -49.58 -19.02
CA ASP A 62 -25.90 -49.42 -18.96
C ASP A 62 -26.55 -50.34 -20.02
N ASP A 63 -27.43 -51.27 -19.58
CA ASP A 63 -28.19 -52.16 -20.49
C ASP A 63 -28.80 -51.33 -21.65
N ALA A 64 -29.09 -50.05 -21.35
CA ALA A 64 -29.55 -49.04 -22.32
C ALA A 64 -28.60 -48.50 -23.42
N TRP A 65 -27.35 -48.93 -23.47
CA TRP A 65 -26.43 -48.34 -24.44
C TRP A 65 -26.03 -49.22 -25.60
N GLN A 66 -26.50 -50.47 -25.67
CA GLN A 66 -25.96 -51.43 -26.66
C GLN A 66 -25.96 -50.87 -28.05
N GLY A 67 -24.82 -51.03 -28.76
CA GLY A 67 -24.61 -50.48 -30.09
C GLY A 67 -25.03 -49.02 -30.25
N ARG A 68 -24.72 -48.20 -29.27
CA ARG A 68 -24.82 -46.72 -29.37
C ARG A 68 -23.41 -46.20 -28.95
N ARG A 69 -22.89 -45.11 -29.56
CA ARG A 69 -21.52 -44.59 -29.22
C ARG A 69 -21.52 -44.05 -27.78
N VAL A 70 -20.35 -44.00 -27.11
CA VAL A 70 -20.30 -43.40 -25.75
C VAL A 70 -19.00 -42.68 -25.60
N GLN A 71 -19.11 -41.36 -25.53
CA GLN A 71 -17.99 -40.46 -25.75
C GLN A 71 -17.85 -39.49 -24.58
N LEU A 72 -16.60 -39.25 -24.16
CA LEU A 72 -16.31 -38.12 -23.25
C LEU A 72 -15.83 -36.89 -23.96
N ARG A 73 -16.71 -35.89 -24.09
CA ARG A 73 -16.29 -34.54 -24.53
C ARG A 73 -15.68 -33.89 -23.33
N PHE A 74 -14.42 -33.45 -23.45
CA PHE A 74 -13.80 -32.63 -22.41
C PHE A 74 -13.73 -31.16 -22.88
N ASP A 75 -14.33 -30.26 -22.13
CA ASP A 75 -14.35 -28.90 -22.59
C ASP A 75 -12.95 -28.32 -22.52
N GLY A 76 -12.09 -28.85 -21.67
CA GLY A 76 -10.69 -28.38 -21.65
C GLY A 76 -9.84 -28.80 -20.46
N ALA A 77 -8.51 -28.85 -20.66
CA ALA A 77 -7.56 -29.35 -19.63
C ALA A 77 -6.06 -29.11 -19.89
N MET A 78 -5.45 -28.34 -19.00
CA MET A 78 -4.11 -27.84 -19.15
C MET A 78 -3.06 -28.75 -18.48
N ALA A 79 -2.14 -29.45 -19.19
CA ALA A 79 -2.03 -29.66 -20.66
C ALA A 79 -1.28 -31.01 -20.95
N ASP A 80 -1.07 -31.41 -22.22
CA ASP A 80 -0.38 -32.67 -22.53
C ASP A 80 -1.27 -33.81 -21.95
N ASN A 81 -2.39 -34.03 -22.62
CA ASN A 81 -3.47 -34.82 -22.05
C ASN A 81 -3.62 -36.09 -22.82
N VAL A 82 -4.24 -37.05 -22.20
CA VAL A 82 -4.20 -38.40 -22.69
C VAL A 82 -5.28 -39.15 -21.90
N VAL A 83 -5.90 -40.15 -22.53
CA VAL A 83 -7.08 -40.75 -21.93
C VAL A 83 -7.04 -42.26 -22.07
N TRP A 84 -7.45 -42.97 -21.01
CA TRP A 84 -7.48 -44.44 -20.96
C TRP A 84 -8.89 -44.91 -20.68
N VAL A 85 -9.13 -46.20 -20.92
CA VAL A 85 -10.43 -46.88 -20.75
C VAL A 85 -10.07 -48.35 -20.50
N ASN A 86 -10.32 -48.82 -19.28
CA ASN A 86 -9.82 -50.10 -18.79
C ASN A 86 -8.36 -50.35 -19.15
N GLY A 87 -7.55 -49.28 -19.12
CA GLY A 87 -6.14 -49.35 -19.49
C GLY A 87 -5.73 -49.16 -20.95
N VAL A 88 -6.68 -48.87 -21.83
CA VAL A 88 -6.33 -48.63 -23.22
C VAL A 88 -6.55 -47.16 -23.48
N GLN A 89 -5.44 -46.49 -23.80
CA GLN A 89 -5.32 -45.19 -24.47
C GLN A 89 -6.34 -44.93 -25.61
N VAL A 90 -7.20 -43.93 -25.45
CA VAL A 90 -8.22 -43.56 -26.45
C VAL A 90 -8.12 -42.13 -27.06
N VAL A 91 -7.37 -41.20 -26.44
CA VAL A 91 -7.08 -39.89 -27.09
C VAL A 91 -5.89 -39.21 -26.43
N ALA A 92 -4.93 -38.73 -27.22
CA ALA A 92 -3.92 -37.78 -26.74
C ALA A 92 -4.22 -36.40 -27.35
N HIS A 93 -4.33 -35.36 -26.49
CA HIS A 93 -4.65 -33.97 -26.89
C HIS A 93 -3.81 -32.88 -26.19
N PRO A 94 -2.74 -32.39 -26.84
CA PRO A 94 -1.74 -31.59 -26.11
C PRO A 94 -2.19 -30.18 -25.67
N ASP A 95 -3.05 -29.54 -26.45
CA ASP A 95 -3.31 -28.13 -26.23
C ASP A 95 -4.23 -27.99 -25.04
N GLY A 96 -3.89 -27.03 -24.19
CA GLY A 96 -4.71 -26.77 -22.99
C GLY A 96 -5.70 -25.60 -23.10
N TYR A 97 -6.41 -25.55 -24.21
CA TYR A 97 -7.45 -24.54 -24.42
C TYR A 97 -8.58 -24.99 -25.32
N THR A 98 -8.37 -26.05 -26.09
CA THR A 98 -9.38 -26.49 -27.02
C THR A 98 -9.84 -27.83 -26.48
N PRO A 99 -11.08 -28.16 -26.74
CA PRO A 99 -11.64 -29.41 -26.31
C PRO A 99 -11.32 -30.58 -27.22
N PHE A 100 -11.61 -31.78 -26.72
CA PHE A 100 -11.32 -33.00 -27.38
C PHE A 100 -12.28 -34.12 -26.95
N VAL A 101 -12.57 -35.05 -27.88
CA VAL A 101 -13.49 -36.18 -27.63
C VAL A 101 -12.70 -37.47 -27.48
N ALA A 102 -13.24 -38.38 -26.68
CA ALA A 102 -12.65 -39.71 -26.43
C ALA A 102 -13.74 -40.75 -26.55
N ASP A 103 -13.56 -41.74 -27.43
CA ASP A 103 -14.64 -42.65 -27.68
C ASP A 103 -14.43 -43.85 -26.77
N LEU A 104 -15.43 -44.16 -25.93
CA LEU A 104 -15.35 -45.30 -25.00
C LEU A 104 -15.87 -46.62 -25.55
N THR A 105 -16.90 -46.54 -26.41
CA THR A 105 -17.66 -47.70 -26.89
C THR A 105 -16.93 -49.06 -26.88
N ASP A 106 -15.89 -49.14 -27.72
CA ASP A 106 -15.27 -50.44 -28.06
C ASP A 106 -14.36 -50.99 -26.94
N HIS A 107 -14.19 -50.25 -25.84
CA HIS A 107 -13.51 -50.76 -24.63
C HIS A 107 -14.38 -50.75 -23.36
N LEU A 108 -15.65 -50.40 -23.47
CA LEU A 108 -16.53 -50.64 -22.37
C LEU A 108 -16.84 -52.12 -22.28
N ARG A 109 -16.84 -52.66 -21.06
CA ARG A 109 -17.25 -54.04 -20.76
C ARG A 109 -18.36 -53.94 -19.71
N PRO A 110 -19.07 -55.07 -19.39
CA PRO A 110 -20.09 -54.90 -18.35
C PRO A 110 -19.50 -54.56 -16.94
N GLY A 111 -20.37 -54.15 -16.02
CA GLY A 111 -19.94 -53.64 -14.69
C GLY A 111 -19.29 -52.29 -14.90
N ASP A 112 -18.77 -51.70 -13.82
CA ASP A 112 -17.88 -50.48 -13.93
C ASP A 112 -16.57 -50.59 -14.77
N ASN A 113 -16.23 -49.49 -15.42
CA ASN A 113 -15.08 -49.42 -16.31
C ASN A 113 -14.18 -48.31 -15.75
N LEU A 114 -12.89 -48.35 -16.08
CA LEU A 114 -11.90 -47.38 -15.55
C LEU A 114 -11.35 -46.43 -16.62
N VAL A 115 -12.01 -45.29 -16.69
CA VAL A 115 -11.53 -44.15 -17.44
C VAL A 115 -10.43 -43.45 -16.64
N THR A 116 -9.26 -43.27 -17.26
CA THR A 116 -8.14 -42.59 -16.61
C THR A 116 -7.63 -41.44 -17.51
N VAL A 117 -7.10 -40.38 -16.86
CA VAL A 117 -6.68 -39.14 -17.53
C VAL A 117 -5.32 -38.59 -17.07
N ARG A 118 -4.40 -38.41 -18.04
CA ARG A 118 -3.08 -37.83 -17.74
C ARG A 118 -3.07 -36.34 -18.01
N ILE A 119 -2.59 -35.63 -17.01
CA ILE A 119 -2.20 -34.25 -17.15
C ILE A 119 -0.74 -34.10 -16.76
N ASP A 120 0.03 -33.46 -17.64
CA ASP A 120 1.34 -32.95 -17.28
C ASP A 120 1.21 -31.46 -17.39
N GLY A 121 1.33 -30.76 -16.28
CA GLY A 121 1.12 -29.29 -16.26
C GLY A 121 2.25 -28.31 -16.58
N SER A 122 3.25 -28.77 -17.31
CA SER A 122 4.56 -28.15 -17.42
C SER A 122 4.86 -27.66 -18.85
N GLU A 123 5.83 -26.75 -18.92
CA GLU A 123 5.98 -25.81 -20.02
C GLU A 123 6.67 -26.39 -21.20
N ASN A 124 5.97 -27.36 -21.79
CA ASN A 124 6.51 -28.35 -22.73
C ASN A 124 6.64 -27.76 -24.12
N PRO A 125 7.80 -27.24 -24.50
CA PRO A 125 7.97 -26.38 -25.71
C PRO A 125 7.57 -26.92 -27.07
N ALA A 126 7.14 -28.17 -27.14
CA ALA A 126 6.46 -28.72 -28.32
C ALA A 126 4.94 -28.44 -28.31
N ILE A 127 4.42 -27.98 -27.17
CA ILE A 127 3.05 -27.46 -27.04
C ILE A 127 3.13 -25.94 -27.03
N PRO A 128 2.41 -25.26 -27.96
CA PRO A 128 2.17 -23.82 -27.74
C PRO A 128 1.28 -23.55 -26.48
N PRO A 129 1.54 -22.47 -25.75
CA PRO A 129 2.38 -21.33 -26.17
C PRO A 129 3.74 -21.31 -25.51
N PHE A 130 4.33 -22.47 -25.29
CA PHE A 130 5.50 -22.57 -24.46
C PHE A 130 6.83 -22.32 -25.17
N GLY A 131 7.88 -22.51 -24.39
CA GLY A 131 9.23 -22.60 -24.88
C GLY A 131 9.99 -21.35 -24.65
N ALA A 132 9.42 -20.41 -23.89
CA ALA A 132 10.05 -19.12 -23.55
C ALA A 132 9.17 -18.45 -22.52
N GLN A 133 9.39 -17.15 -22.33
CA GLN A 133 8.68 -16.44 -21.26
C GLN A 133 7.20 -16.31 -21.60
N ILE A 134 6.43 -16.05 -20.54
CA ILE A 134 5.03 -15.66 -20.66
C ILE A 134 4.65 -14.71 -19.51
N ASP A 135 4.06 -13.55 -19.82
CA ASP A 135 3.56 -12.59 -18.79
C ASP A 135 2.20 -13.08 -18.28
N TYR A 136 1.91 -14.39 -18.33
CA TYR A 136 0.73 -14.91 -17.67
C TYR A 136 0.95 -16.30 -17.30
N LEU A 137 0.18 -16.77 -16.34
CA LEU A 137 0.32 -18.11 -15.73
C LEU A 137 -0.71 -19.07 -16.32
N THR A 138 -0.31 -20.33 -16.52
CA THR A 138 -1.17 -21.37 -17.11
C THR A 138 -1.84 -22.40 -16.22
N TYR A 139 -1.28 -22.60 -15.02
CA TYR A 139 -1.89 -23.45 -14.00
C TYR A 139 -1.88 -24.86 -14.51
N ALA A 140 -2.78 -25.70 -14.03
CA ALA A 140 -2.96 -27.01 -14.61
C ALA A 140 -4.20 -27.62 -14.04
N GLY A 141 -4.60 -28.76 -14.61
CA GLY A 141 -5.76 -29.53 -14.14
C GLY A 141 -6.80 -29.63 -15.25
N ILE A 142 -7.97 -30.15 -14.88
CA ILE A 142 -9.10 -30.18 -15.78
C ILE A 142 -9.99 -29.06 -15.31
N TYR A 143 -9.88 -27.93 -15.99
CA TYR A 143 -10.41 -26.65 -15.54
C TYR A 143 -11.68 -26.20 -16.25
N ARG A 144 -12.20 -27.06 -17.14
CA ARG A 144 -13.45 -26.82 -17.86
C ARG A 144 -14.37 -28.01 -17.59
N ASP A 145 -15.52 -28.02 -18.22
CA ASP A 145 -16.54 -29.04 -17.99
C ASP A 145 -16.12 -30.41 -18.59
N VAL A 146 -16.98 -31.41 -18.43
CA VAL A 146 -16.91 -32.71 -19.15
C VAL A 146 -18.34 -33.19 -19.36
N TRP A 147 -18.60 -33.88 -20.47
CA TRP A 147 -19.96 -34.28 -20.82
C TRP A 147 -20.10 -35.74 -21.34
N LEU A 148 -20.91 -36.54 -20.63
CA LEU A 148 -21.24 -37.90 -21.04
C LEU A 148 -22.27 -37.84 -22.16
N MET A 149 -21.80 -37.95 -23.39
CA MET A 149 -22.66 -38.05 -24.57
C MET A 149 -22.84 -39.53 -24.89
N VAL A 150 -24.09 -39.90 -25.22
CA VAL A 150 -24.43 -41.24 -25.75
C VAL A 150 -25.19 -41.09 -27.08
N LEU A 151 -24.43 -41.22 -28.16
CA LEU A 151 -24.89 -40.89 -29.49
C LEU A 151 -25.32 -42.09 -30.39
N PRO A 152 -26.28 -41.89 -31.31
CA PRO A 152 -26.54 -42.99 -32.27
C PRO A 152 -25.35 -43.17 -33.24
N GLU A 153 -25.20 -44.37 -33.80
CA GLU A 153 -24.20 -44.61 -34.82
C GLU A 153 -24.24 -43.40 -35.80
N ARG A 154 -25.26 -43.39 -36.68
CA ARG A 154 -25.29 -42.37 -37.70
C ARG A 154 -25.65 -41.13 -36.95
N HIS A 155 -24.69 -40.23 -36.78
CA HIS A 155 -24.99 -39.00 -36.05
C HIS A 155 -24.13 -37.72 -36.28
N LEU A 156 -24.52 -36.66 -35.60
CA LEU A 156 -24.32 -35.29 -36.07
C LEU A 156 -23.36 -34.49 -35.22
N THR A 157 -22.25 -34.04 -35.80
CA THR A 157 -21.06 -33.56 -35.03
C THR A 157 -20.76 -32.04 -35.01
N ASN A 158 -21.43 -31.26 -35.84
CA ASN A 158 -21.26 -29.82 -35.84
C ASN A 158 -22.03 -29.32 -37.02
N ALA A 159 -22.39 -28.04 -36.98
CA ALA A 159 -23.02 -27.34 -38.06
C ALA A 159 -22.52 -25.92 -38.09
N ARG A 160 -22.47 -25.37 -39.28
CA ARG A 160 -22.25 -23.99 -39.44
C ARG A 160 -23.53 -23.38 -39.96
N ILE A 161 -24.01 -22.39 -39.21
CA ILE A 161 -25.18 -21.57 -39.54
C ILE A 161 -24.59 -20.32 -40.18
N LEU A 162 -25.29 -19.80 -41.21
CA LEU A 162 -24.78 -18.71 -42.03
C LEU A 162 -25.86 -17.70 -42.39
N THR A 163 -25.41 -16.47 -42.67
CA THR A 163 -26.32 -15.34 -42.91
C THR A 163 -26.02 -14.52 -44.17
N PRO A 164 -26.39 -15.05 -45.33
CA PRO A 164 -26.34 -14.18 -46.48
C PRO A 164 -27.43 -13.10 -46.35
N ASP A 165 -27.11 -11.92 -46.88
CA ASP A 165 -27.98 -10.73 -46.89
C ASP A 165 -28.77 -10.67 -45.57
N ALA A 166 -27.99 -10.46 -44.51
CA ALA A 166 -28.48 -10.26 -43.16
C ALA A 166 -29.32 -8.99 -42.99
N LEU A 167 -29.05 -7.93 -43.75
CA LEU A 167 -29.89 -6.73 -43.63
C LEU A 167 -31.02 -6.60 -44.72
N SER A 168 -31.32 -7.71 -45.42
CA SER A 168 -32.55 -7.81 -46.18
C SER A 168 -33.75 -7.85 -45.17
N ASP A 169 -34.83 -7.13 -45.44
CA ASP A 169 -36.13 -7.30 -44.70
C ASP A 169 -36.70 -8.74 -44.83
N ALA A 170 -36.25 -9.42 -45.89
CA ALA A 170 -36.50 -10.82 -46.21
C ALA A 170 -35.19 -11.55 -46.06
N LYS A 171 -34.94 -11.94 -44.83
CA LYS A 171 -33.68 -12.54 -44.45
C LYS A 171 -33.51 -13.97 -44.83
N THR A 172 -32.27 -14.41 -44.65
CA THR A 172 -31.83 -15.63 -45.24
C THR A 172 -30.86 -16.32 -44.29
N VAL A 173 -30.97 -17.65 -44.29
CA VAL A 173 -30.34 -18.57 -43.34
C VAL A 173 -29.94 -19.79 -44.10
N VAL A 174 -28.68 -20.18 -43.89
CA VAL A 174 -28.09 -21.34 -44.52
C VAL A 174 -27.31 -22.17 -43.53
N ILE A 175 -27.45 -23.49 -43.64
CA ILE A 175 -26.82 -24.40 -42.70
C ILE A 175 -26.09 -25.50 -43.37
N ARG A 176 -24.86 -25.69 -42.93
CA ARG A 176 -23.97 -26.76 -43.34
C ARG A 176 -23.79 -27.77 -42.17
N PRO A 177 -24.65 -28.81 -42.04
CA PRO A 177 -24.45 -29.83 -41.02
C PRO A 177 -23.19 -30.66 -41.23
N GLU A 178 -22.79 -31.45 -40.23
CA GLU A 178 -21.69 -32.44 -40.37
C GLU A 178 -22.06 -33.76 -39.71
N VAL A 179 -21.73 -34.87 -40.36
CA VAL A 179 -22.33 -36.17 -40.02
C VAL A 179 -21.35 -37.32 -40.19
N THR A 180 -21.83 -38.51 -39.81
CA THR A 180 -21.05 -39.76 -39.79
C THR A 180 -21.47 -40.72 -40.89
N ALA A 181 -22.68 -40.60 -41.43
CA ALA A 181 -22.97 -41.20 -42.72
C ALA A 181 -23.87 -40.23 -43.46
N PRO A 182 -24.16 -40.51 -44.74
CA PRO A 182 -25.23 -39.80 -45.40
C PRO A 182 -26.60 -40.23 -44.95
N GLY A 183 -27.57 -39.36 -45.21
CA GLY A 183 -29.00 -39.59 -44.92
C GLY A 183 -29.70 -38.26 -44.74
N PRO A 184 -31.05 -38.24 -44.90
CA PRO A 184 -31.62 -36.90 -44.84
C PRO A 184 -31.28 -36.26 -43.49
N VAL A 185 -30.80 -35.02 -43.56
CA VAL A 185 -30.68 -34.13 -42.40
C VAL A 185 -31.91 -33.24 -42.49
N ARG A 186 -32.45 -32.79 -41.35
CA ARG A 186 -33.69 -31.96 -41.33
C ARG A 186 -33.59 -30.84 -40.29
N ALA A 187 -34.34 -29.73 -40.44
CA ALA A 187 -34.14 -28.56 -39.51
C ALA A 187 -35.20 -27.43 -39.35
N ARG A 188 -35.11 -26.75 -38.19
CA ARG A 188 -36.14 -25.84 -37.62
C ARG A 188 -35.60 -24.55 -37.01
N LEU A 189 -35.91 -23.43 -37.64
CA LEU A 189 -35.61 -22.13 -37.06
C LEU A 189 -36.59 -21.94 -35.93
N LEU A 190 -36.10 -21.40 -34.78
CA LEU A 190 -36.93 -21.14 -33.53
C LEU A 190 -36.71 -19.74 -32.80
N ASP A 191 -37.80 -19.10 -32.36
CA ASP A 191 -37.73 -17.85 -31.58
C ASP A 191 -38.52 -18.04 -30.29
N GLY A 192 -37.80 -18.37 -29.22
CA GLY A 192 -38.42 -18.96 -28.05
C GLY A 192 -38.88 -20.35 -28.49
N ASP A 193 -40.18 -20.61 -28.29
CA ASP A 193 -40.78 -21.88 -28.70
C ASP A 193 -41.62 -21.73 -29.99
N ARG A 194 -41.64 -20.50 -30.55
CA ARG A 194 -42.40 -20.19 -31.75
C ARG A 194 -41.55 -20.67 -32.93
N GLU A 195 -42.03 -21.69 -33.65
CA GLU A 195 -41.40 -22.20 -34.88
C GLU A 195 -41.60 -21.17 -36.00
N ILE A 196 -40.48 -20.70 -36.54
CA ILE A 196 -40.45 -19.76 -37.66
C ILE A 196 -40.43 -20.46 -39.06
N ALA A 197 -39.64 -21.52 -39.26
CA ALA A 197 -39.53 -22.13 -40.58
C ALA A 197 -38.97 -23.55 -40.49
N ALA A 198 -38.91 -24.23 -41.63
CA ALA A 198 -38.22 -25.51 -41.70
C ALA A 198 -37.93 -25.93 -43.14
N THR A 199 -36.84 -26.70 -43.32
CA THR A 199 -36.46 -27.36 -44.60
C THR A 199 -36.04 -28.84 -44.29
N GLU A 200 -35.50 -29.55 -45.29
CA GLU A 200 -35.12 -30.98 -45.18
C GLU A 200 -34.13 -31.25 -46.28
N GLY A 201 -33.16 -32.17 -46.07
CA GLY A 201 -32.14 -32.57 -47.10
C GLY A 201 -30.70 -32.93 -46.69
N GLU A 202 -30.08 -33.86 -47.41
CA GLU A 202 -28.63 -34.04 -47.32
C GLU A 202 -27.97 -32.71 -47.80
N GLY A 203 -26.80 -32.37 -47.29
CA GLY A 203 -26.11 -31.16 -47.75
C GLY A 203 -26.64 -29.87 -47.11
N GLU A 204 -26.30 -28.73 -47.71
CA GLU A 204 -26.70 -27.35 -47.29
C GLU A 204 -28.19 -27.06 -47.18
N LEU A 205 -28.73 -27.08 -45.97
CA LEU A 205 -30.14 -26.74 -45.75
C LEU A 205 -30.29 -25.21 -45.73
N THR A 206 -31.35 -24.67 -46.35
CA THR A 206 -31.57 -23.18 -46.47
C THR A 206 -32.97 -22.78 -46.07
N LEU A 207 -33.08 -21.57 -45.50
CA LEU A 207 -34.38 -20.93 -45.27
C LEU A 207 -34.23 -19.47 -45.65
N ALA A 208 -35.14 -18.95 -46.48
CA ALA A 208 -35.09 -17.55 -46.95
C ALA A 208 -36.47 -16.94 -47.13
N GLY A 209 -36.47 -15.64 -47.41
CA GLY A 209 -37.70 -14.86 -47.49
C GLY A 209 -38.22 -14.76 -46.08
N LEU A 210 -37.36 -14.31 -45.16
CA LEU A 210 -37.67 -14.21 -43.69
C LEU A 210 -38.19 -12.81 -43.19
N THR A 211 -39.53 -12.67 -43.31
CA THR A 211 -40.37 -11.61 -42.74
C THR A 211 -40.50 -11.91 -41.27
N GLY A 212 -40.14 -10.94 -40.47
CA GLY A 212 -40.53 -10.96 -39.08
C GLY A 212 -39.43 -11.05 -38.04
N LEU A 213 -38.18 -11.08 -38.47
CA LEU A 213 -37.08 -11.26 -37.52
C LEU A 213 -36.32 -9.96 -37.27
N SER A 214 -35.71 -9.87 -36.08
CA SER A 214 -34.99 -8.67 -35.63
C SER A 214 -33.52 -8.91 -35.44
N LEU A 215 -32.71 -7.88 -35.67
CA LEU A 215 -31.24 -8.07 -35.75
C LEU A 215 -30.53 -8.01 -34.39
N TRP A 216 -29.64 -8.99 -34.20
CA TRP A 216 -28.59 -8.95 -33.20
C TRP A 216 -27.70 -7.68 -33.24
N SER A 217 -27.45 -7.12 -32.06
CA SER A 217 -26.69 -5.88 -31.87
C SER A 217 -26.13 -5.73 -30.41
N THR A 218 -25.39 -4.65 -30.18
CA THR A 218 -24.85 -4.37 -28.86
C THR A 218 -25.99 -3.81 -28.05
N ASP A 219 -26.84 -2.96 -28.63
CA ASP A 219 -28.13 -2.67 -27.99
C ASP A 219 -28.98 -3.96 -27.90
N ASN A 220 -29.40 -4.54 -29.04
CA ASN A 220 -30.45 -5.60 -29.09
C ASN A 220 -29.92 -7.00 -29.47
N PRO A 221 -29.41 -7.73 -28.47
CA PRO A 221 -28.88 -9.08 -28.70
C PRO A 221 -29.92 -10.17 -29.01
N GLN A 222 -30.52 -10.08 -30.19
CA GLN A 222 -31.58 -10.98 -30.48
C GLN A 222 -30.96 -12.16 -31.06
N LEU A 223 -31.17 -13.26 -30.37
CA LEU A 223 -30.70 -14.54 -30.80
C LEU A 223 -31.82 -15.37 -31.37
N TYR A 224 -31.42 -16.26 -32.27
CA TYR A 224 -32.30 -17.32 -32.77
C TYR A 224 -31.56 -18.69 -32.81
N THR A 225 -32.38 -19.73 -32.93
CA THR A 225 -31.95 -21.11 -32.72
C THR A 225 -32.31 -22.02 -33.87
N VAL A 226 -31.48 -23.02 -34.07
CA VAL A 226 -31.60 -23.93 -35.17
C VAL A 226 -31.55 -25.37 -34.62
N GLU A 227 -32.70 -25.99 -34.46
CA GLU A 227 -32.75 -27.42 -34.15
C GLU A 227 -32.36 -28.25 -35.39
N LEU A 228 -31.47 -29.25 -35.25
CA LEU A 228 -31.19 -30.24 -36.35
C LEU A 228 -31.52 -31.68 -35.94
N THR A 229 -32.25 -32.43 -36.74
CA THR A 229 -32.51 -33.82 -36.42
C THR A 229 -32.00 -34.64 -37.57
N LEU A 230 -31.63 -35.89 -37.28
CA LEU A 230 -31.44 -36.91 -38.31
C LEU A 230 -32.67 -37.87 -38.29
N PRO A 231 -33.66 -37.73 -39.22
CA PRO A 231 -34.81 -38.67 -39.30
C PRO A 231 -34.49 -40.15 -39.04
N ASP A 232 -33.40 -40.64 -39.64
CA ASP A 232 -33.09 -42.05 -39.66
C ASP A 232 -32.31 -42.54 -38.44
N SER A 233 -32.10 -41.71 -37.42
CA SER A 233 -31.68 -42.23 -36.06
C SER A 233 -32.21 -41.43 -34.83
N GLY A 234 -33.11 -40.48 -35.08
CA GLY A 234 -33.54 -39.54 -34.09
C GLY A 234 -32.44 -38.85 -33.31
N ASP A 235 -31.33 -38.47 -33.90
CA ASP A 235 -30.36 -37.55 -33.21
C ASP A 235 -30.85 -36.13 -33.32
N VAL A 236 -30.60 -35.32 -32.31
CA VAL A 236 -31.00 -33.92 -32.36
C VAL A 236 -30.00 -32.99 -31.69
N THR A 237 -29.84 -31.80 -32.26
CA THR A 237 -28.95 -30.79 -31.71
C THR A 237 -29.46 -29.45 -32.13
N THR A 238 -28.91 -28.43 -31.46
CA THR A 238 -29.35 -27.04 -31.57
C THR A 238 -28.16 -26.10 -31.55
N HIS A 239 -28.22 -25.03 -32.33
CA HIS A 239 -27.15 -24.04 -32.33
C HIS A 239 -27.75 -22.64 -32.35
N ARG A 240 -27.29 -21.77 -31.48
CA ARG A 240 -27.73 -20.39 -31.49
C ARG A 240 -26.84 -19.58 -32.41
N PHE A 241 -27.40 -18.49 -32.95
CA PHE A 241 -26.65 -17.56 -33.80
C PHE A 241 -27.43 -16.27 -33.81
N GLY A 242 -26.89 -15.22 -34.46
CA GLY A 242 -27.66 -13.98 -34.63
C GLY A 242 -27.45 -13.18 -35.91
N PHE A 243 -28.51 -12.53 -36.38
CA PHE A 243 -28.43 -11.86 -37.68
C PHE A 243 -27.77 -10.50 -37.54
N ARG A 244 -26.54 -10.34 -38.05
CA ARG A 244 -25.79 -9.06 -37.94
C ARG A 244 -24.62 -8.88 -38.91
N THR A 245 -24.29 -7.64 -39.31
CA THR A 245 -23.09 -7.42 -40.18
C THR A 245 -22.00 -6.67 -39.40
N ALA A 246 -20.72 -6.97 -39.68
CA ALA A 246 -19.56 -6.42 -38.96
C ALA A 246 -18.37 -6.11 -39.84
N GLU A 247 -18.47 -5.00 -40.55
CA GLU A 247 -17.47 -4.65 -41.54
C GLU A 247 -16.35 -3.86 -40.90
N TRP A 248 -15.13 -4.09 -41.36
CA TRP A 248 -13.97 -3.31 -40.98
C TRP A 248 -13.43 -2.54 -42.17
N THR A 249 -14.09 -1.47 -42.58
CA THR A 249 -13.59 -0.68 -43.68
C THR A 249 -12.61 0.34 -43.14
N PRO A 250 -11.51 0.62 -43.84
CA PRO A 250 -10.57 1.65 -43.33
C PRO A 250 -11.26 2.94 -42.80
N GLN A 251 -12.33 3.40 -43.42
CA GLN A 251 -12.98 4.58 -42.91
C GLN A 251 -13.54 4.35 -41.44
N GLY A 252 -13.54 3.11 -40.97
CA GLY A 252 -14.00 2.75 -39.62
C GLY A 252 -14.51 1.31 -39.48
N PHE A 253 -15.13 1.00 -38.34
CA PHE A 253 -15.86 -0.27 -38.14
C PHE A 253 -17.35 0.04 -38.19
N LEU A 254 -18.13 -0.85 -38.80
CA LEU A 254 -19.55 -0.63 -38.97
C LEU A 254 -20.23 -1.91 -38.62
N LEU A 255 -21.03 -1.87 -37.57
CA LEU A 255 -21.92 -2.95 -37.29
C LEU A 255 -23.14 -2.68 -38.11
N ASN A 256 -23.83 -3.72 -38.58
CA ASN A 256 -25.20 -3.57 -39.13
C ASN A 256 -25.38 -2.27 -39.91
N GLY A 257 -24.37 -1.87 -40.67
CA GLY A 257 -24.49 -0.63 -41.43
C GLY A 257 -23.97 0.58 -40.69
N GLN A 258 -24.50 0.88 -39.51
CA GLN A 258 -24.08 2.09 -38.79
C GLN A 258 -22.61 1.97 -38.19
N PRO A 259 -21.80 3.06 -38.28
CA PRO A 259 -20.44 3.02 -37.74
C PRO A 259 -20.40 2.92 -36.22
N MET A 260 -19.28 2.48 -35.63
CA MET A 260 -19.16 2.30 -34.15
C MET A 260 -17.70 2.25 -33.61
N LYS A 261 -17.24 3.31 -32.92
CA LYS A 261 -15.90 3.33 -32.24
C LYS A 261 -15.88 2.34 -31.12
N LEU A 262 -14.89 1.47 -31.17
CA LEU A 262 -14.78 0.48 -30.13
C LEU A 262 -14.05 1.03 -28.90
N ARG A 263 -14.70 0.86 -27.75
CA ARG A 263 -14.08 0.96 -26.42
C ARG A 263 -14.05 -0.45 -25.96
N GLY A 264 -13.16 -0.73 -25.03
CA GLY A 264 -12.86 -2.10 -24.77
C GLY A 264 -11.68 -2.32 -23.87
N LEU A 265 -11.63 -3.57 -23.38
CA LEU A 265 -10.59 -4.05 -22.52
C LEU A 265 -10.35 -5.53 -22.72
N ASN A 266 -9.09 -5.90 -22.43
CA ASN A 266 -8.60 -7.25 -22.54
C ASN A 266 -9.04 -8.01 -21.28
N ARG A 267 -9.15 -9.33 -21.35
CA ARG A 267 -9.60 -10.17 -20.24
C ARG A 267 -8.82 -11.48 -20.23
N HIS A 268 -8.18 -11.84 -19.11
CA HIS A 268 -7.73 -13.24 -18.91
C HIS A 268 -8.88 -14.08 -18.28
N GLN A 269 -8.71 -15.42 -18.19
CA GLN A 269 -9.74 -16.31 -17.61
C GLN A 269 -9.25 -16.89 -16.31
N SER A 270 -8.47 -16.04 -15.63
CA SER A 270 -7.63 -16.41 -14.48
C SER A 270 -8.25 -15.84 -13.22
N TRP A 271 -8.29 -16.64 -12.15
CA TRP A 271 -8.63 -16.17 -10.80
C TRP A 271 -7.53 -16.42 -9.72
N ALA A 272 -7.62 -15.65 -8.64
CA ALA A 272 -6.72 -15.78 -7.50
C ALA A 272 -6.82 -17.16 -6.85
N HIS A 273 -5.67 -17.71 -6.44
CA HIS A 273 -5.59 -19.07 -5.84
C HIS A 273 -5.91 -20.26 -6.76
N GLN A 274 -7.00 -20.15 -7.55
CA GLN A 274 -7.57 -21.24 -8.38
C GLN A 274 -7.22 -21.30 -9.89
N GLY A 275 -6.66 -20.23 -10.46
CA GLY A 275 -6.19 -20.27 -11.84
C GLY A 275 -7.36 -20.22 -12.80
N TYR A 276 -7.53 -21.24 -13.63
CA TYR A 276 -8.61 -21.27 -14.62
C TYR A 276 -9.73 -22.19 -14.12
N ALA A 277 -9.68 -22.71 -12.90
CA ALA A 277 -10.74 -23.62 -12.48
C ALA A 277 -11.93 -22.82 -11.98
N ALA A 278 -12.59 -22.09 -12.89
CA ALA A 278 -13.81 -21.29 -12.62
C ALA A 278 -14.87 -21.54 -13.69
N GLY A 279 -16.09 -21.94 -13.24
CA GLY A 279 -17.21 -22.40 -14.11
C GLY A 279 -18.22 -21.38 -14.61
N ARG A 280 -19.30 -21.92 -15.18
CA ARG A 280 -20.26 -21.16 -16.00
C ARG A 280 -20.53 -19.83 -15.38
N HIS A 281 -21.08 -19.86 -14.17
CA HIS A 281 -21.40 -18.62 -13.45
C HIS A 281 -20.26 -17.62 -13.53
N ALA A 282 -19.17 -17.94 -12.85
CA ALA A 282 -18.08 -17.00 -12.63
C ALA A 282 -17.68 -16.27 -13.88
N GLN A 283 -17.61 -17.07 -14.96
CA GLN A 283 -17.31 -16.63 -16.35
C GLN A 283 -18.43 -15.67 -16.73
N GLU A 284 -19.68 -16.15 -16.63
CA GLU A 284 -20.82 -15.33 -17.00
C GLU A 284 -20.71 -13.95 -16.36
N ARG A 285 -20.16 -13.89 -15.17
CA ARG A 285 -19.95 -12.60 -14.52
C ARG A 285 -19.03 -11.69 -15.32
N ASP A 286 -17.76 -12.03 -15.39
CA ASP A 286 -16.79 -11.23 -16.14
C ASP A 286 -17.45 -10.50 -17.30
N ALA A 287 -18.07 -11.25 -18.20
CA ALA A 287 -18.70 -10.65 -19.38
C ALA A 287 -19.70 -9.56 -19.01
N GLU A 288 -20.56 -9.88 -18.04
CA GLU A 288 -21.60 -8.96 -17.56
C GLU A 288 -20.95 -7.65 -17.03
N ILE A 289 -19.89 -7.80 -16.21
CA ILE A 289 -19.17 -6.66 -15.63
C ILE A 289 -18.56 -5.83 -16.74
N VAL A 290 -18.07 -6.47 -17.79
CA VAL A 290 -17.39 -5.81 -18.87
C VAL A 290 -18.32 -4.88 -19.55
N ARG A 291 -19.42 -5.49 -20.04
CA ARG A 291 -20.46 -4.87 -20.87
C ARG A 291 -21.11 -3.80 -20.09
N HIS A 292 -21.63 -4.13 -18.91
CA HIS A 292 -22.32 -3.17 -18.05
C HIS A 292 -21.35 -2.23 -17.28
N ASP A 293 -20.69 -2.74 -16.23
CA ASP A 293 -19.87 -1.93 -15.31
C ASP A 293 -18.90 -0.96 -15.96
N LEU A 294 -18.05 -1.48 -16.85
CA LEU A 294 -17.06 -0.66 -17.57
C LEU A 294 -17.57 -0.21 -18.94
N CYS A 295 -18.83 -0.52 -19.25
CA CYS A 295 -19.45 -0.20 -20.53
C CYS A 295 -18.47 -0.14 -21.73
N CYS A 296 -18.00 -1.32 -22.09
CA CYS A 296 -17.30 -1.52 -23.32
C CYS A 296 -18.23 -2.24 -24.27
N ASN A 297 -18.11 -1.87 -25.56
CA ASN A 297 -18.75 -2.56 -26.68
C ASN A 297 -17.89 -3.69 -27.31
N MET A 298 -16.66 -3.87 -26.81
CA MET A 298 -15.70 -4.98 -27.20
C MET A 298 -14.80 -5.52 -26.07
N VAL A 299 -14.64 -6.83 -26.07
CA VAL A 299 -13.61 -7.54 -25.31
C VAL A 299 -12.57 -8.17 -26.26
N ARG A 300 -11.38 -8.46 -25.72
CA ARG A 300 -10.42 -9.34 -26.37
C ARG A 300 -9.99 -10.41 -25.40
N THR A 301 -9.87 -11.65 -25.89
CA THR A 301 -9.49 -12.83 -25.08
C THR A 301 -7.97 -13.05 -25.03
N SER A 302 -7.33 -12.28 -24.16
CA SER A 302 -5.92 -12.40 -23.81
C SER A 302 -5.58 -13.66 -23.05
N HIS A 303 -4.62 -14.49 -23.51
CA HIS A 303 -4.07 -14.52 -24.89
C HIS A 303 -4.27 -15.91 -25.49
N TYR A 304 -5.55 -16.33 -25.46
CA TYR A 304 -6.02 -17.66 -25.88
C TYR A 304 -7.53 -17.68 -26.15
N PRO A 305 -8.04 -18.75 -26.79
CA PRO A 305 -9.44 -19.07 -26.58
C PRO A 305 -9.84 -19.22 -25.09
N GLN A 306 -11.05 -18.78 -24.77
CA GLN A 306 -11.63 -18.81 -23.39
C GLN A 306 -12.87 -19.72 -23.33
N SER A 307 -13.70 -19.56 -22.30
CA SER A 307 -14.83 -20.50 -22.05
C SER A 307 -16.01 -20.31 -23.05
N THR A 308 -16.67 -21.44 -23.45
CA THR A 308 -17.91 -21.39 -24.31
C THR A 308 -18.91 -20.54 -23.54
N TRP A 309 -19.04 -20.84 -22.25
CA TRP A 309 -19.92 -20.11 -21.30
C TRP A 309 -19.76 -18.58 -21.35
N PHE A 310 -18.52 -18.14 -21.44
CA PHE A 310 -18.20 -16.75 -21.63
C PHE A 310 -18.67 -16.24 -22.97
N LEU A 311 -18.45 -17.04 -24.00
CA LEU A 311 -18.81 -16.57 -25.31
C LEU A 311 -20.30 -16.60 -25.45
N ASP A 312 -20.98 -17.63 -24.93
CA ASP A 312 -22.44 -17.60 -24.81
C ASP A 312 -22.84 -16.30 -24.22
N ARG A 313 -22.32 -15.96 -23.06
CA ARG A 313 -22.77 -14.73 -22.39
C ARG A 313 -22.64 -13.48 -23.21
N CYS A 314 -21.47 -13.21 -23.78
CA CYS A 314 -21.27 -12.09 -24.75
C CYS A 314 -22.35 -11.99 -25.88
N ASP A 315 -22.75 -13.16 -26.40
CA ASP A 315 -23.92 -13.28 -27.29
C ASP A 315 -25.14 -12.64 -26.61
N GLU A 316 -25.45 -13.10 -25.38
CA GLU A 316 -26.72 -12.79 -24.68
C GLU A 316 -26.81 -11.33 -24.14
N ILE A 317 -25.71 -10.59 -24.14
CA ILE A 317 -25.67 -9.20 -23.63
C ILE A 317 -25.13 -8.18 -24.59
N GLY A 318 -24.82 -8.58 -25.80
CA GLY A 318 -24.50 -7.62 -26.84
C GLY A 318 -23.12 -7.03 -26.67
N LEU A 319 -22.15 -7.93 -26.49
CA LEU A 319 -20.74 -7.55 -26.31
C LEU A 319 -19.79 -8.15 -27.34
N LEU A 320 -19.16 -7.27 -28.09
CA LEU A 320 -18.33 -7.73 -29.19
C LEU A 320 -17.07 -8.39 -28.65
N VAL A 321 -16.35 -9.13 -29.50
CA VAL A 321 -15.30 -10.08 -29.05
C VAL A 321 -14.21 -10.09 -30.05
N PHE A 322 -13.02 -10.34 -29.59
CA PHE A 322 -11.88 -10.56 -30.42
C PHE A 322 -11.41 -11.89 -29.85
N GLU A 323 -11.18 -12.93 -30.68
CA GLU A 323 -10.67 -14.27 -30.20
C GLU A 323 -9.39 -14.74 -30.91
N GLU A 324 -8.39 -14.99 -30.08
CA GLU A 324 -7.03 -15.16 -30.46
C GLU A 324 -6.61 -16.51 -30.05
N ILE A 325 -5.90 -17.20 -30.94
CA ILE A 325 -5.14 -18.43 -30.59
C ILE A 325 -4.10 -18.15 -29.49
N PRO A 326 -3.71 -19.25 -28.79
CA PRO A 326 -2.82 -19.11 -27.65
C PRO A 326 -1.38 -18.83 -28.09
N GLY A 327 -0.70 -18.14 -27.20
CA GLY A 327 0.55 -17.50 -27.54
C GLY A 327 0.87 -16.27 -26.71
N TRP A 328 2.13 -15.91 -26.74
CA TRP A 328 2.62 -14.74 -26.06
C TRP A 328 4.01 -14.48 -26.63
N GLN A 329 4.09 -13.92 -27.81
CA GLN A 329 5.39 -13.44 -28.31
C GLN A 329 6.48 -14.49 -28.63
N HIS A 330 6.17 -15.78 -28.71
CA HIS A 330 7.19 -16.71 -29.05
C HIS A 330 6.79 -17.67 -30.14
N ILE A 331 7.71 -17.97 -31.06
CA ILE A 331 7.49 -19.03 -32.04
C ILE A 331 8.52 -20.09 -31.85
N GLY A 332 8.12 -21.35 -31.95
CA GLY A 332 9.06 -22.50 -31.93
C GLY A 332 9.28 -23.04 -33.33
N ASP A 333 9.90 -24.20 -33.42
CA ASP A 333 10.23 -24.81 -34.72
C ASP A 333 9.00 -25.15 -35.66
N GLN A 334 9.23 -25.69 -36.88
CA GLN A 334 8.09 -26.00 -37.79
C GLN A 334 7.07 -27.02 -37.18
N ALA A 335 7.53 -27.89 -36.26
CA ALA A 335 6.63 -28.81 -35.51
C ALA A 335 5.55 -28.04 -34.79
N TRP A 336 6.03 -27.02 -34.08
CA TRP A 336 5.26 -26.06 -33.28
C TRP A 336 4.36 -25.16 -34.10
N GLN A 337 4.91 -24.55 -35.14
CA GLN A 337 4.08 -23.95 -36.20
C GLN A 337 2.97 -24.93 -36.70
N ASP A 338 3.24 -26.22 -36.90
CA ASP A 338 2.18 -27.17 -37.26
C ASP A 338 1.13 -27.18 -36.18
N ARG A 339 1.57 -27.45 -34.93
CA ARG A 339 0.74 -27.43 -33.69
C ARG A 339 -0.07 -26.17 -33.62
N SER A 340 0.59 -25.04 -33.82
CA SER A 340 -0.10 -23.76 -33.75
C SER A 340 -1.22 -23.60 -34.78
N VAL A 341 -0.99 -24.10 -35.98
CA VAL A 341 -1.97 -24.07 -37.07
C VAL A 341 -3.11 -25.10 -36.83
N ASP A 342 -2.94 -26.07 -35.92
CA ASP A 342 -4.06 -26.91 -35.53
C ASP A 342 -5.05 -26.13 -34.64
N ASN A 343 -4.55 -25.24 -33.77
CA ASN A 343 -5.40 -24.43 -32.82
C ASN A 343 -6.36 -23.50 -33.55
N VAL A 344 -5.82 -22.75 -34.49
CA VAL A 344 -6.61 -21.96 -35.45
C VAL A 344 -7.87 -22.76 -35.81
N ARG A 345 -7.68 -24.00 -36.32
CA ARG A 345 -8.79 -24.94 -36.72
C ARG A 345 -9.65 -25.22 -35.51
N ALA A 346 -9.06 -25.74 -34.45
CA ALA A 346 -9.79 -26.08 -33.24
C ALA A 346 -10.53 -24.93 -32.64
N MET A 347 -9.97 -23.72 -32.75
CA MET A 347 -10.61 -22.46 -32.29
C MET A 347 -11.84 -22.03 -33.16
N ILE A 348 -11.59 -21.69 -34.43
CA ILE A 348 -12.66 -21.24 -35.34
C ILE A 348 -13.81 -22.22 -35.50
N THR A 349 -13.53 -23.49 -35.70
CA THR A 349 -14.58 -24.49 -35.90
C THR A 349 -15.60 -24.48 -34.77
N ARG A 350 -15.02 -24.35 -33.58
CA ARG A 350 -15.73 -24.34 -32.32
C ARG A 350 -16.63 -23.13 -32.13
N ASP A 351 -16.17 -21.96 -32.56
CA ASP A 351 -16.84 -20.66 -32.32
C ASP A 351 -17.15 -19.89 -33.58
N TRP A 352 -17.50 -20.60 -34.67
CA TRP A 352 -17.85 -19.92 -35.95
C TRP A 352 -19.36 -19.50 -36.04
N ASN A 353 -20.12 -19.65 -34.93
CA ASN A 353 -21.55 -19.29 -34.77
C ASN A 353 -21.91 -18.20 -33.72
N HIS A 354 -20.95 -17.78 -32.90
CA HIS A 354 -21.25 -16.79 -31.88
C HIS A 354 -21.27 -15.48 -32.61
N PRO A 355 -22.41 -14.80 -32.64
CA PRO A 355 -22.44 -13.49 -33.34
C PRO A 355 -21.55 -12.37 -32.75
N SER A 356 -21.20 -12.58 -31.50
CA SER A 356 -20.30 -11.70 -30.77
C SER A 356 -18.93 -11.61 -31.39
N ILE A 357 -18.38 -12.75 -31.80
CA ILE A 357 -17.05 -12.73 -32.37
C ILE A 357 -17.11 -12.06 -33.76
N VAL A 358 -16.31 -11.00 -33.91
CA VAL A 358 -16.30 -10.21 -35.14
C VAL A 358 -14.98 -10.24 -35.87
N ILE A 359 -13.90 -10.51 -35.14
CA ILE A 359 -12.56 -10.59 -35.71
C ILE A 359 -11.89 -11.85 -35.18
N TRP A 360 -10.86 -12.36 -35.84
CA TRP A 360 -10.08 -13.50 -35.31
C TRP A 360 -8.61 -13.12 -35.19
N GLY A 361 -7.95 -13.63 -34.15
CA GLY A 361 -6.49 -13.52 -33.93
C GLY A 361 -5.68 -14.75 -34.38
N VAL A 362 -4.96 -14.57 -35.49
CA VAL A 362 -4.24 -15.65 -36.14
C VAL A 362 -2.73 -15.40 -36.14
N ARG A 363 -2.32 -14.31 -35.47
CA ARG A 363 -0.93 -14.16 -35.09
C ARG A 363 -0.68 -14.49 -33.59
N ILE A 364 0.47 -15.11 -33.29
CA ILE A 364 0.94 -15.24 -31.92
C ILE A 364 1.21 -13.83 -31.44
N ASN A 365 0.83 -13.55 -30.21
CA ASN A 365 0.92 -12.18 -29.63
C ASN A 365 2.31 -11.42 -29.62
N GLU A 366 2.41 -10.33 -30.38
CA GLU A 366 3.66 -9.54 -30.44
C GLU A 366 4.91 -10.24 -31.01
N SER A 367 4.75 -11.49 -31.47
CA SER A 367 5.76 -12.20 -32.27
C SER A 367 6.30 -11.37 -33.43
N PRO A 368 7.51 -11.71 -33.88
CA PRO A 368 7.95 -11.14 -35.13
C PRO A 368 7.02 -11.53 -36.32
N ASP A 369 7.27 -10.91 -37.48
CA ASP A 369 6.64 -11.37 -38.71
C ASP A 369 7.12 -12.81 -38.89
N ASN A 370 6.44 -13.57 -39.71
CA ASN A 370 6.93 -14.92 -40.09
C ASN A 370 6.12 -15.38 -41.30
N HIS A 371 6.47 -14.79 -42.43
CA HIS A 371 5.72 -14.96 -43.65
C HIS A 371 5.16 -16.37 -43.72
N ASP A 372 6.09 -17.33 -43.73
CA ASP A 372 5.78 -18.70 -44.17
C ASP A 372 4.74 -19.43 -43.30
N PHE A 373 4.85 -19.23 -41.98
CA PHE A 373 3.83 -19.60 -40.95
C PHE A 373 2.53 -18.83 -41.03
N TYR A 374 2.63 -17.53 -40.88
CA TYR A 374 1.49 -16.70 -40.88
C TYR A 374 0.69 -16.81 -42.15
N VAL A 375 1.37 -16.81 -43.30
CA VAL A 375 0.70 -17.18 -44.53
C VAL A 375 -0.26 -18.35 -44.34
N ARG A 376 0.21 -19.38 -43.64
CA ARG A 376 -0.59 -20.57 -43.41
C ARG A 376 -1.85 -20.31 -42.64
N THR A 377 -1.70 -19.67 -41.48
CA THR A 377 -2.86 -19.40 -40.60
C THR A 377 -3.94 -18.48 -41.25
N ASN A 378 -3.41 -17.43 -41.89
CA ASN A 378 -4.20 -16.50 -42.69
C ASN A 378 -4.96 -17.26 -43.79
N ALA A 379 -4.24 -17.95 -44.64
CA ALA A 379 -4.90 -18.86 -45.56
C ALA A 379 -5.91 -19.75 -44.86
N LEU A 380 -5.56 -20.27 -43.70
CA LEU A 380 -6.39 -21.32 -43.12
C LEU A 380 -7.76 -20.89 -42.62
N ALA A 381 -7.82 -19.78 -41.90
CA ALA A 381 -9.13 -19.23 -41.50
C ALA A 381 -9.95 -18.64 -42.68
N ARG A 382 -9.26 -18.06 -43.65
CA ARG A 382 -9.91 -17.40 -44.77
C ARG A 382 -10.79 -18.40 -45.47
N GLU A 383 -10.36 -19.67 -45.47
CA GLU A 383 -11.13 -20.77 -46.01
C GLU A 383 -12.14 -21.29 -44.96
N LEU A 384 -11.69 -21.62 -43.76
CA LEU A 384 -12.60 -22.05 -42.67
C LEU A 384 -13.75 -21.05 -42.37
N ASP A 385 -13.52 -19.77 -42.65
CA ASP A 385 -14.52 -18.70 -42.39
C ASP A 385 -14.42 -17.37 -43.25
N PRO A 386 -14.96 -17.40 -44.50
CA PRO A 386 -15.02 -16.15 -45.25
C PRO A 386 -15.78 -14.98 -44.52
N THR A 387 -16.45 -15.25 -43.39
CA THR A 387 -17.42 -14.32 -42.75
C THR A 387 -16.82 -13.26 -41.81
N ARG A 388 -15.97 -13.70 -40.92
CA ARG A 388 -15.36 -12.79 -39.97
C ARG A 388 -14.01 -12.39 -40.52
N ALA A 389 -13.63 -11.16 -40.17
CA ALA A 389 -12.41 -10.55 -40.69
C ALA A 389 -11.25 -11.16 -39.97
N ILE A 390 -10.10 -11.16 -40.64
CA ILE A 390 -8.87 -11.74 -40.07
C ILE A 390 -8.03 -10.61 -39.51
N GLY A 391 -7.41 -10.96 -38.38
CA GLY A 391 -6.56 -10.05 -37.63
C GLY A 391 -5.50 -10.76 -36.79
N GLY A 392 -4.52 -10.00 -36.34
CA GLY A 392 -3.41 -10.48 -35.54
C GLY A 392 -2.91 -9.33 -34.70
N VAL A 393 -1.99 -9.62 -33.78
CA VAL A 393 -1.52 -8.60 -32.82
C VAL A 393 0.01 -8.34 -32.96
N ARG A 394 0.43 -7.10 -32.76
CA ARG A 394 1.85 -6.73 -32.91
C ARG A 394 2.19 -5.53 -32.03
N CYS A 395 3.48 -5.23 -31.86
CA CYS A 395 3.86 -3.97 -31.23
C CYS A 395 5.01 -3.25 -31.91
N ILE A 396 5.57 -3.85 -32.95
CA ILE A 396 6.47 -3.12 -33.86
C ILE A 396 5.57 -2.41 -34.89
N THR A 397 6.15 -1.36 -35.51
CA THR A 397 5.57 -0.64 -36.67
C THR A 397 5.83 -1.53 -37.92
N ASP A 398 5.60 -1.01 -39.12
CA ASP A 398 6.15 -1.64 -40.36
C ASP A 398 6.00 -3.18 -40.53
N SER A 399 4.81 -3.73 -40.27
CA SER A 399 4.65 -5.17 -40.37
C SER A 399 3.91 -5.67 -41.61
N GLU A 400 4.15 -6.96 -41.86
CA GLU A 400 3.77 -7.70 -43.04
C GLU A 400 2.28 -8.06 -42.91
N MET A 401 1.43 -7.07 -43.15
CA MET A 401 0.00 -7.23 -43.06
C MET A 401 -0.51 -8.15 -44.15
N LEU A 402 -0.62 -9.45 -43.84
CA LEU A 402 -1.39 -10.48 -44.62
C LEU A 402 -2.85 -10.45 -44.17
N GLU A 403 -3.07 -9.73 -43.11
CA GLU A 403 -4.24 -9.83 -42.30
C GLU A 403 -5.15 -8.67 -42.77
N ASP A 404 -6.46 -8.73 -42.50
CA ASP A 404 -7.41 -7.71 -43.01
C ASP A 404 -7.39 -6.38 -42.24
N VAL A 405 -6.95 -6.42 -40.97
CA VAL A 405 -7.08 -5.31 -40.02
C VAL A 405 -5.83 -5.14 -39.17
N TYR A 406 -5.15 -4.00 -39.26
CA TYR A 406 -3.82 -3.82 -38.61
C TYR A 406 -3.91 -3.51 -37.09
N THR A 407 -3.74 -4.57 -36.33
CA THR A 407 -4.20 -4.66 -35.00
C THR A 407 -2.96 -4.60 -34.18
N MET A 408 -2.67 -3.41 -33.61
CA MET A 408 -1.34 -3.04 -33.01
C MET A 408 -1.42 -2.82 -31.52
N ASN A 409 -0.31 -2.85 -30.79
CA ASN A 409 -0.30 -2.43 -29.36
C ASN A 409 0.55 -1.19 -29.21
N ASP A 410 -0.09 -0.06 -28.86
CA ASP A 410 0.52 1.27 -28.99
C ASP A 410 0.95 1.84 -27.63
N PHE A 411 2.12 1.40 -27.17
CA PHE A 411 2.64 1.78 -25.83
C PHE A 411 3.52 3.03 -25.84
N ILE A 412 3.12 4.00 -26.65
CA ILE A 412 3.80 5.29 -26.75
C ILE A 412 3.60 6.14 -25.45
N LEU A 413 2.59 5.80 -24.66
CA LEU A 413 2.28 6.57 -23.46
C LEU A 413 2.78 5.90 -22.19
N ASP A 414 3.81 6.43 -21.52
CA ASP A 414 4.60 7.67 -21.88
C ASP A 414 6.15 7.46 -21.94
N GLU A 415 6.77 7.87 -23.04
CA GLU A 415 8.21 7.81 -23.25
C GLU A 415 8.83 9.22 -23.29
N SER A 416 8.06 10.29 -23.06
CA SER A 416 8.66 11.61 -22.77
C SER A 416 9.68 11.34 -21.62
N GLU A 417 9.18 10.55 -20.66
CA GLU A 417 9.86 10.00 -19.46
C GLU A 417 11.25 9.53 -19.59
N LEU A 418 11.59 9.04 -20.76
CA LEU A 418 12.89 8.45 -20.95
C LEU A 418 13.89 9.57 -21.25
N PRO A 419 15.17 9.37 -20.85
CA PRO A 419 16.18 10.44 -20.86
C PRO A 419 16.73 10.82 -22.27
N LEU A 420 16.46 9.96 -23.26
CA LEU A 420 16.93 10.14 -24.64
C LEU A 420 15.84 10.65 -25.62
N ILE A 421 14.67 11.08 -25.13
CA ILE A 421 13.50 11.27 -26.02
C ILE A 421 13.10 12.75 -26.26
N ASN A 422 12.99 13.10 -27.56
CA ASN A 422 12.49 14.39 -28.03
C ASN A 422 11.02 14.42 -28.32
N ARG A 423 10.44 13.26 -28.65
CA ARG A 423 9.00 13.16 -28.95
C ARG A 423 8.25 13.68 -27.75
N PRO A 424 7.56 14.85 -27.87
CA PRO A 424 6.79 15.35 -26.73
C PRO A 424 5.77 14.32 -26.42
N ARG A 425 5.41 14.19 -25.15
CA ARG A 425 4.47 13.17 -24.70
C ARG A 425 3.30 13.06 -25.70
N THR A 426 3.12 11.89 -26.31
CA THR A 426 2.11 11.64 -27.38
C THR A 426 1.31 10.39 -27.03
N ALA A 427 -0.03 10.45 -27.01
CA ALA A 427 -0.85 9.29 -26.49
C ALA A 427 -0.96 8.01 -27.34
N LEU A 428 -1.18 8.23 -28.64
CA LEU A 428 -1.28 7.18 -29.68
C LEU A 428 -0.46 7.72 -30.89
N ARG A 429 -0.04 6.88 -31.85
CA ARG A 429 0.67 7.40 -33.06
C ARG A 429 -0.32 7.65 -34.22
N PRO A 430 0.08 8.46 -35.24
CA PRO A 430 -0.71 8.48 -36.48
C PRO A 430 -0.65 7.12 -37.15
N THR A 431 -1.72 6.72 -37.83
CA THR A 431 -1.78 5.32 -38.30
C THR A 431 -0.62 4.92 -39.27
N GLU A 432 -0.17 5.81 -40.18
CA GLU A 432 0.89 5.48 -41.20
C GLU A 432 2.33 5.44 -40.67
N GLU A 433 2.58 6.08 -39.51
CA GLU A 433 3.87 5.92 -38.82
C GLU A 433 4.08 4.46 -38.50
N VAL A 434 2.96 3.89 -38.07
CA VAL A 434 2.84 2.53 -37.62
C VAL A 434 2.78 1.64 -38.85
N THR A 435 1.74 1.82 -39.65
CA THR A 435 1.37 0.85 -40.63
C THR A 435 2.38 0.69 -41.74
N GLY A 436 3.20 1.71 -41.99
CA GLY A 436 4.11 1.67 -43.13
C GLY A 436 3.41 1.77 -44.50
N ILE A 437 2.20 2.30 -44.51
CA ILE A 437 1.51 2.52 -45.77
C ILE A 437 0.53 3.69 -45.62
N LYS A 438 0.89 4.81 -46.28
CA LYS A 438 -0.03 5.94 -46.47
C LYS A 438 -1.32 5.54 -47.24
N LYS A 439 -1.31 4.39 -47.94
CA LYS A 439 -2.57 3.74 -48.29
C LYS A 439 -3.37 3.50 -47.01
N PRO A 440 -4.56 4.17 -46.87
CA PRO A 440 -5.49 3.77 -45.80
C PRO A 440 -5.72 2.26 -45.74
N VAL A 441 -5.76 1.71 -44.52
CA VAL A 441 -6.07 0.28 -44.24
C VAL A 441 -6.91 0.21 -42.94
N PRO A 442 -7.70 -0.89 -42.70
CA PRO A 442 -8.50 -0.99 -41.45
C PRO A 442 -7.62 -1.13 -40.23
N TYR A 443 -7.84 -0.33 -39.18
CA TYR A 443 -6.85 -0.18 -38.08
C TYR A 443 -7.51 -0.08 -36.74
N LEU A 444 -7.00 -0.91 -35.84
CA LEU A 444 -7.45 -1.03 -34.44
C LEU A 444 -6.26 -0.95 -33.48
N VAL A 445 -6.46 -0.44 -32.28
CA VAL A 445 -5.42 -0.51 -31.20
C VAL A 445 -5.79 -1.51 -30.07
N THR A 446 -5.13 -2.68 -30.06
CA THR A 446 -5.46 -3.82 -29.16
C THR A 446 -5.01 -3.74 -27.65
N GLU A 447 -4.05 -2.86 -27.30
CA GLU A 447 -3.59 -2.64 -25.91
C GLU A 447 -2.82 -1.33 -25.76
N TYR A 448 -2.84 -0.80 -24.57
CA TYR A 448 -2.12 0.43 -24.27
C TYR A 448 -1.95 0.57 -22.76
N ASN A 449 -1.13 1.53 -22.34
CA ASN A 449 -0.80 1.67 -20.92
C ASN A 449 -0.21 0.41 -20.26
N GLY A 450 -0.97 -0.30 -19.41
CA GLY A 450 -0.40 -1.45 -18.64
C GLY A 450 0.94 -1.21 -17.94
N HIS A 451 1.92 -2.01 -18.28
CA HIS A 451 3.28 -1.86 -17.80
C HIS A 451 3.85 -0.46 -17.98
N MET A 452 3.36 0.28 -18.95
CA MET A 452 3.69 1.67 -19.01
C MET A 452 3.38 2.50 -17.72
N PHE A 453 2.25 2.22 -17.05
CA PHE A 453 1.91 2.85 -15.75
C PHE A 453 1.19 1.86 -14.81
N PRO A 454 1.96 1.00 -14.13
CA PRO A 454 1.37 0.11 -13.09
C PRO A 454 0.76 0.87 -11.88
N THR A 455 -0.41 0.42 -11.44
CA THR A 455 -1.18 1.19 -10.40
C THR A 455 -1.96 0.29 -9.42
N LYS A 456 -1.38 0.14 -8.23
CA LYS A 456 -1.87 -0.84 -7.26
C LYS A 456 -3.13 -0.29 -6.63
N ALA A 457 -3.98 -1.21 -6.13
CA ALA A 457 -5.24 -0.83 -5.45
C ALA A 457 -5.06 0.34 -4.45
N GLN A 458 -3.98 0.29 -3.68
CA GLN A 458 -3.73 1.21 -2.60
C GLN A 458 -2.72 2.27 -2.98
N ASP A 459 -2.49 2.51 -4.27
CA ASP A 459 -1.41 3.46 -4.66
C ASP A 459 -1.93 4.89 -4.35
N PRO A 460 -1.00 5.85 -4.09
CA PRO A 460 -1.35 7.17 -3.60
C PRO A 460 -2.52 7.77 -4.34
N GLU A 461 -3.38 8.51 -3.61
CA GLU A 461 -4.41 9.32 -4.25
C GLU A 461 -3.82 9.92 -5.53
N LEU A 462 -2.77 10.73 -5.39
CA LEU A 462 -2.06 11.37 -6.55
C LEU A 462 -1.67 10.49 -7.79
N ARG A 463 -1.24 9.25 -7.56
CA ARG A 463 -0.88 8.35 -8.65
C ARG A 463 -2.10 7.91 -9.44
N GLN A 464 -3.05 7.31 -8.75
CA GLN A 464 -4.35 6.94 -9.32
C GLN A 464 -5.08 8.04 -10.11
N MET A 465 -4.72 9.32 -9.94
CA MET A 465 -5.21 10.40 -10.80
C MET A 465 -4.53 10.14 -12.12
N GLU A 466 -3.21 10.23 -12.13
CA GLU A 466 -2.48 10.18 -13.40
C GLU A 466 -2.88 8.91 -14.11
N HIS A 467 -3.16 7.87 -13.33
CA HIS A 467 -3.53 6.60 -13.89
C HIS A 467 -4.79 6.71 -14.72
N VAL A 468 -5.87 7.10 -14.06
CA VAL A 468 -7.10 7.36 -14.78
C VAL A 468 -6.89 8.24 -16.03
N ILE A 469 -6.31 9.42 -15.81
CA ILE A 469 -6.07 10.40 -16.88
C ILE A 469 -5.45 9.77 -18.10
N ARG A 470 -4.49 8.86 -17.86
CA ARG A 470 -3.85 8.13 -18.94
C ARG A 470 -4.84 7.25 -19.68
N HIS A 471 -5.77 6.58 -19.00
CA HIS A 471 -6.83 5.90 -19.76
C HIS A 471 -7.72 6.86 -20.59
N LEU A 472 -8.02 8.04 -20.04
CA LEU A 472 -8.75 9.08 -20.79
C LEU A 472 -7.99 9.57 -21.98
N GLU A 473 -6.79 10.11 -21.78
CA GLU A 473 -5.94 10.58 -22.90
C GLU A 473 -6.00 9.70 -24.15
N VAL A 474 -5.91 8.38 -23.92
CA VAL A 474 -6.04 7.36 -24.97
C VAL A 474 -7.46 7.23 -25.52
N LEU A 475 -8.43 6.91 -24.68
CA LEU A 475 -9.78 6.81 -25.18
C LEU A 475 -10.12 8.00 -26.03
N ASN A 476 -9.70 9.20 -25.56
CA ASN A 476 -9.82 10.49 -26.27
C ASN A 476 -8.98 10.59 -27.56
N ALA A 477 -7.79 10.03 -27.57
CA ALA A 477 -7.06 9.87 -28.84
C ALA A 477 -7.86 9.15 -29.92
N ALA A 478 -8.25 7.91 -29.64
CA ALA A 478 -9.07 7.08 -30.53
C ALA A 478 -10.31 7.77 -31.09
N HIS A 479 -11.27 8.04 -30.23
CA HIS A 479 -12.53 8.65 -30.62
C HIS A 479 -12.33 9.88 -31.50
N GLY A 480 -11.20 10.58 -31.36
CA GLY A 480 -10.86 11.70 -32.23
C GLY A 480 -10.46 11.34 -33.64
N ASP A 481 -9.50 10.43 -33.73
CA ASP A 481 -9.02 9.95 -34.99
C ASP A 481 -10.02 9.01 -35.69
N PRO A 482 -10.63 9.45 -36.83
CA PRO A 482 -11.53 8.54 -37.63
C PRO A 482 -10.83 7.27 -38.24
N ALA A 483 -9.52 7.41 -38.45
CA ALA A 483 -8.58 6.39 -38.92
C ALA A 483 -8.47 5.16 -38.02
N ILE A 484 -8.76 5.38 -36.74
CA ILE A 484 -8.59 4.35 -35.72
C ILE A 484 -9.99 3.84 -35.35
N SER A 485 -10.30 2.60 -35.73
CA SER A 485 -11.62 2.03 -35.54
C SER A 485 -12.12 1.96 -34.07
N GLY A 486 -11.20 1.89 -33.13
CA GLY A 486 -11.53 1.78 -31.71
C GLY A 486 -10.27 1.77 -30.87
N CYS A 487 -10.37 1.50 -29.55
CA CYS A 487 -9.18 1.03 -28.74
C CYS A 487 -9.51 -0.11 -27.74
N ILE A 488 -8.49 -0.74 -27.14
CA ILE A 488 -8.68 -1.84 -26.14
C ILE A 488 -7.59 -1.86 -25.04
N GLY A 489 -7.80 -1.26 -23.88
CA GLY A 489 -6.68 -0.99 -22.89
C GLY A 489 -6.09 -2.13 -22.09
N TRP A 490 -4.86 -1.97 -21.60
CA TRP A 490 -4.24 -3.07 -20.84
C TRP A 490 -4.39 -2.75 -19.40
N CYS A 491 -5.16 -3.50 -18.59
CA CYS A 491 -6.08 -4.56 -19.01
C CYS A 491 -7.32 -4.59 -18.11
N MET A 492 -8.28 -5.54 -18.27
CA MET A 492 -9.48 -5.56 -17.37
C MET A 492 -9.16 -5.71 -15.87
N PHE A 493 -8.45 -6.77 -15.47
CA PHE A 493 -8.09 -6.93 -14.04
C PHE A 493 -6.64 -7.32 -13.78
N ASP A 494 -6.25 -7.30 -12.51
CA ASP A 494 -4.85 -7.68 -12.13
C ASP A 494 -4.58 -9.19 -12.11
N TYR A 495 -3.54 -9.65 -12.80
CA TYR A 495 -3.37 -11.09 -12.97
C TYR A 495 -2.10 -11.60 -12.27
N ASN A 496 -2.05 -12.91 -12.04
CA ASN A 496 -0.78 -13.59 -11.72
C ASN A 496 0.05 -13.93 -12.98
N THR A 497 1.34 -13.78 -12.76
CA THR A 497 2.31 -13.80 -13.80
C THR A 497 3.46 -14.69 -13.39
N HIS A 498 4.35 -14.86 -14.36
CA HIS A 498 5.63 -15.47 -14.12
C HIS A 498 6.50 -14.42 -13.42
N LYS A 499 7.41 -14.96 -12.59
CA LYS A 499 8.52 -14.23 -11.93
C LYS A 499 9.21 -13.14 -12.76
N ASP A 500 9.32 -13.39 -14.07
CA ASP A 500 9.87 -12.46 -15.07
C ASP A 500 9.19 -11.06 -15.09
N PHE A 501 7.92 -10.97 -14.69
CA PHE A 501 7.15 -9.72 -14.76
C PHE A 501 6.69 -9.25 -13.41
N GLY A 502 5.95 -8.15 -13.48
CA GLY A 502 5.13 -7.69 -12.35
C GLY A 502 5.93 -6.80 -11.44
N ALA A 503 5.43 -6.63 -10.21
CA ALA A 503 6.26 -6.03 -9.14
C ALA A 503 7.10 -7.11 -8.44
N GLY A 504 7.30 -8.23 -9.13
CA GLY A 504 8.05 -9.31 -8.61
C GLY A 504 7.33 -9.92 -7.44
N ASP A 505 6.03 -9.73 -7.42
CA ASP A 505 5.19 -10.32 -6.38
C ASP A 505 4.37 -11.42 -7.04
N ARG A 506 4.66 -11.68 -8.32
CA ARG A 506 3.85 -12.51 -9.14
C ARG A 506 2.54 -11.81 -9.55
N ILE A 507 2.53 -10.47 -9.49
CA ILE A 507 1.37 -9.68 -9.96
C ILE A 507 1.78 -8.50 -10.83
N CYS A 508 1.27 -8.57 -12.06
CA CYS A 508 1.07 -7.43 -12.89
C CYS A 508 -0.13 -6.67 -12.34
N HIS A 509 0.14 -5.44 -11.92
CA HIS A 509 -0.83 -4.51 -11.38
C HIS A 509 -1.25 -3.56 -12.48
N HIS A 510 -1.94 -4.12 -13.50
CA HIS A 510 -2.33 -3.40 -14.73
C HIS A 510 -3.83 -3.28 -14.93
N GLY A 511 -4.62 -3.77 -14.00
CA GLY A 511 -6.08 -3.69 -14.11
C GLY A 511 -6.62 -2.29 -13.92
N VAL A 512 -7.87 -2.13 -14.30
CA VAL A 512 -8.66 -0.97 -13.85
C VAL A 512 -9.58 -1.40 -12.67
N MET A 513 -9.81 -2.71 -12.60
CA MET A 513 -10.23 -3.36 -11.37
C MET A 513 -9.09 -4.26 -10.93
N ASP A 514 -9.01 -4.47 -9.64
CA ASP A 514 -8.21 -5.52 -9.07
C ASP A 514 -8.66 -6.95 -9.51
N ILE A 515 -7.84 -7.94 -9.15
CA ILE A 515 -8.10 -9.39 -9.31
C ILE A 515 -9.39 -9.99 -8.76
N TRP A 516 -10.08 -9.29 -7.86
CA TRP A 516 -11.41 -9.72 -7.38
C TRP A 516 -12.54 -9.17 -8.21
N ARG A 517 -12.20 -8.27 -9.12
CA ARG A 517 -13.15 -7.58 -9.99
C ARG A 517 -13.86 -6.52 -9.19
N GLU A 518 -13.12 -5.92 -8.28
CA GLU A 518 -13.59 -4.77 -7.56
C GLU A 518 -12.91 -3.56 -8.23
N PRO A 519 -13.62 -2.46 -8.46
CA PRO A 519 -12.94 -1.49 -9.32
C PRO A 519 -12.02 -0.47 -8.68
N LYS A 520 -10.87 -0.29 -9.28
CA LYS A 520 -9.98 0.76 -8.87
C LYS A 520 -10.56 1.94 -9.57
N PHE A 521 -10.09 3.09 -9.18
CA PHE A 521 -10.65 4.31 -9.71
C PHE A 521 -10.79 4.35 -11.24
N ALA A 522 -9.88 3.73 -12.01
CA ALA A 522 -9.96 3.88 -13.47
C ALA A 522 -11.18 3.24 -14.08
N ALA A 523 -11.78 2.28 -13.37
CA ALA A 523 -12.97 1.59 -13.85
C ALA A 523 -14.06 2.54 -14.35
N HIS A 524 -14.15 3.72 -13.76
CA HIS A 524 -15.14 4.69 -14.16
C HIS A 524 -14.63 5.75 -15.16
N ALA A 525 -13.48 5.52 -15.79
CA ALA A 525 -13.27 6.14 -17.09
C ALA A 525 -14.26 5.46 -18.05
N TYR A 526 -14.09 4.14 -18.08
CA TYR A 526 -14.74 3.22 -18.98
C TYR A 526 -16.22 3.16 -18.69
N GLY A 527 -16.54 2.81 -17.44
CA GLY A 527 -17.92 2.70 -16.96
C GLY A 527 -18.73 3.96 -17.12
N SER A 528 -18.00 5.10 -17.20
CA SER A 528 -18.57 6.43 -17.33
C SER A 528 -18.83 6.91 -18.73
N GLN A 529 -18.47 6.15 -19.75
CA GLN A 529 -18.80 6.63 -21.08
C GLN A 529 -20.21 6.22 -21.50
N LYS A 530 -20.85 5.34 -20.73
CA LYS A 530 -22.27 5.04 -20.96
C LYS A 530 -23.18 6.31 -20.92
N PRO A 531 -24.29 6.27 -21.64
CA PRO A 531 -25.41 7.18 -21.38
C PRO A 531 -26.13 7.10 -20.00
N PRO A 532 -26.68 8.25 -19.54
CA PRO A 532 -27.49 8.24 -18.35
C PRO A 532 -28.65 7.25 -18.46
N SER A 533 -29.50 7.33 -19.49
CA SER A 533 -30.40 6.18 -19.87
C SER A 533 -29.86 4.77 -19.45
N GLU A 534 -28.59 4.53 -19.62
CA GLU A 534 -27.99 3.29 -19.21
C GLU A 534 -27.60 3.17 -17.70
N GLY A 535 -27.88 4.20 -16.91
CA GLY A 535 -27.37 4.27 -15.53
C GLY A 535 -26.56 5.53 -15.31
N ILE A 536 -26.51 5.94 -14.05
CA ILE A 536 -26.09 7.28 -13.64
C ILE A 536 -24.84 7.12 -12.80
N VAL A 537 -23.78 7.80 -13.24
CA VAL A 537 -22.40 7.57 -12.77
C VAL A 537 -21.76 8.89 -12.38
N MET A 538 -21.21 8.88 -11.18
CA MET A 538 -20.45 10.00 -10.68
C MET A 538 -19.57 9.52 -9.56
N GLU A 539 -18.31 9.27 -9.86
CA GLU A 539 -17.35 9.05 -8.80
C GLU A 539 -16.37 10.19 -8.86
N PRO A 540 -16.10 10.84 -7.68
CA PRO A 540 -14.92 11.64 -7.54
C PRO A 540 -13.82 10.65 -7.22
N VAL A 541 -12.59 11.14 -7.42
CA VAL A 541 -11.39 10.34 -7.46
C VAL A 541 -10.50 10.81 -6.35
N THR A 542 -11.03 10.70 -5.14
CA THR A 542 -10.28 11.08 -3.99
C THR A 542 -10.76 10.24 -2.86
N PHE A 543 -10.06 10.38 -1.74
CA PHE A 543 -10.45 9.81 -0.48
C PHE A 543 -10.80 10.88 0.57
N TRP A 544 -10.70 12.17 0.18
CA TRP A 544 -11.12 13.31 1.02
C TRP A 544 -10.27 13.29 2.25
N ALA A 545 -8.98 13.30 1.95
CA ALA A 545 -7.97 13.32 2.96
C ALA A 545 -7.18 14.57 2.69
N ARG A 546 -7.02 15.34 3.78
CA ARG A 546 -6.36 16.66 3.78
C ARG A 546 -4.96 16.58 3.21
N GLY A 547 -4.12 15.81 3.91
CA GLY A 547 -2.70 15.62 3.60
C GLY A 547 -2.39 14.16 3.28
N GLU A 548 -3.12 13.64 2.29
CA GLU A 548 -2.78 12.44 1.56
C GLU A 548 -1.95 12.83 0.29
N ARG A 549 -2.28 13.95 -0.34
CA ARG A 549 -1.54 14.36 -1.55
C ARG A 549 -0.31 15.13 -1.17
N ASN A 550 0.46 15.52 -2.17
CA ASN A 550 1.46 16.58 -2.03
C ASN A 550 0.81 17.89 -1.64
N ILE A 551 1.41 18.60 -0.69
CA ILE A 551 0.79 19.79 -0.08
C ILE A 551 -0.57 19.45 0.57
N GLY A 552 -1.61 19.22 -0.22
CA GLY A 552 -2.88 18.73 0.30
C GLY A 552 -4.11 19.38 -0.28
N GLY A 553 -5.25 19.08 0.30
CA GLY A 553 -6.51 19.57 -0.27
C GLY A 553 -6.80 18.57 -1.36
N VAL A 554 -7.88 18.80 -2.10
CA VAL A 554 -8.32 17.85 -3.12
C VAL A 554 -8.31 18.46 -4.54
N LEU A 555 -7.40 19.40 -4.83
CA LEU A 555 -7.51 20.17 -6.07
C LEU A 555 -6.20 20.05 -6.76
N PRO A 556 -6.19 19.54 -7.98
CA PRO A 556 -7.40 19.45 -8.78
C PRO A 556 -8.26 18.26 -8.47
N LEU A 557 -9.52 18.31 -8.87
CA LEU A 557 -10.46 17.20 -8.65
C LEU A 557 -11.11 16.72 -9.97
N ILE A 558 -10.84 15.44 -10.22
CA ILE A 558 -11.55 14.69 -11.20
C ILE A 558 -12.84 14.11 -10.69
N VAL A 559 -13.93 14.47 -11.36
CA VAL A 559 -15.18 13.76 -11.25
C VAL A 559 -15.50 13.12 -12.55
N LEU A 560 -15.60 11.80 -12.48
CA LEU A 560 -15.93 10.96 -13.60
C LEU A 560 -17.42 10.81 -13.73
N THR A 561 -18.01 11.16 -14.90
CA THR A 561 -19.49 11.21 -14.94
C THR A 561 -20.29 11.22 -16.28
N ASN A 562 -21.53 10.73 -16.17
CA ASN A 562 -22.65 10.94 -17.13
C ASN A 562 -23.27 12.38 -17.33
N CYS A 563 -23.04 13.25 -16.35
CA CYS A 563 -23.83 14.43 -16.10
C CYS A 563 -23.32 15.71 -16.71
N ASP A 564 -24.26 16.61 -17.09
CA ASP A 564 -23.98 17.98 -17.58
C ASP A 564 -23.08 18.62 -16.57
N GLU A 565 -23.48 18.55 -15.29
CA GLU A 565 -22.72 19.25 -14.31
C GLU A 565 -22.79 18.70 -12.91
N VAL A 566 -21.76 19.11 -12.18
CA VAL A 566 -21.40 18.56 -10.92
C VAL A 566 -21.18 19.75 -9.99
N GLU A 567 -21.58 19.58 -8.73
CA GLU A 567 -21.48 20.64 -7.72
C GLU A 567 -20.46 20.35 -6.62
N PHE A 568 -19.42 21.18 -6.51
CA PHE A 568 -18.55 21.16 -5.36
C PHE A 568 -19.16 21.94 -4.18
N GLU A 569 -19.37 21.28 -3.02
CA GLU A 569 -20.03 21.92 -1.89
C GLU A 569 -19.30 21.55 -0.60
N CYS A 570 -18.66 22.52 0.06
CA CYS A 570 -17.91 22.34 1.34
C CYS A 570 -17.31 23.62 1.93
N ALA A 571 -17.26 23.73 3.26
CA ALA A 571 -16.59 24.85 3.96
C ALA A 571 -17.22 26.17 3.67
N GLY A 572 -18.53 26.14 3.42
CA GLY A 572 -19.26 27.28 2.90
C GLY A 572 -19.16 27.54 1.41
N VAL A 573 -18.18 26.96 0.72
CA VAL A 573 -17.84 27.31 -0.69
C VAL A 573 -18.69 26.45 -1.66
N THR A 574 -19.01 26.97 -2.86
CA THR A 574 -19.96 26.26 -3.78
C THR A 574 -19.74 26.55 -5.27
N ARG A 575 -19.58 25.52 -6.10
CA ARG A 575 -19.51 25.72 -7.56
C ARG A 575 -20.20 24.63 -8.47
N ARG A 576 -20.88 25.09 -9.52
CA ARG A 576 -21.25 24.20 -10.64
C ARG A 576 -20.09 24.25 -11.65
N VAL A 577 -19.74 23.07 -12.19
CA VAL A 577 -18.74 22.92 -13.27
C VAL A 577 -19.13 21.82 -14.28
N GLY A 578 -18.98 22.15 -15.57
CA GLY A 578 -19.19 21.20 -16.67
C GLY A 578 -17.91 20.47 -17.14
N PRO A 579 -18.06 19.29 -17.80
CA PRO A 579 -17.01 18.43 -18.32
C PRO A 579 -16.00 19.05 -19.22
N ASP A 580 -14.72 18.65 -19.08
CA ASP A 580 -13.55 19.44 -19.57
C ASP A 580 -13.16 19.18 -21.03
N ARG A 581 -13.94 19.75 -21.95
CA ARG A 581 -13.81 19.52 -23.40
C ARG A 581 -12.55 20.19 -23.91
N GLU A 582 -12.26 21.34 -23.32
CA GLU A 582 -11.04 22.10 -23.54
C GLU A 582 -9.84 21.22 -23.21
N ARG A 583 -10.04 20.05 -22.62
CA ARG A 583 -9.00 19.01 -22.46
C ARG A 583 -9.37 17.62 -23.00
N PHE A 584 -10.67 17.32 -23.09
CA PHE A 584 -11.18 16.04 -23.63
C PHE A 584 -12.38 16.31 -24.53
N PRO A 585 -12.10 16.84 -25.74
CA PRO A 585 -13.19 17.05 -26.69
C PRO A 585 -13.86 15.71 -27.06
N HIS A 586 -13.03 14.72 -27.42
CA HIS A 586 -13.50 13.51 -28.13
C HIS A 586 -14.26 12.42 -27.28
N LEU A 587 -14.29 12.58 -25.96
CA LEU A 587 -14.94 11.60 -25.08
C LEU A 587 -16.46 11.75 -25.11
N PRO A 588 -17.19 10.62 -25.23
CA PRO A 588 -18.66 10.68 -25.18
C PRO A 588 -19.06 11.50 -24.03
N ARG A 589 -18.64 11.06 -22.85
CA ARG A 589 -19.06 11.63 -21.58
C ARG A 589 -17.84 12.16 -20.86
N PRO A 590 -17.33 13.35 -21.27
CA PRO A 590 -16.10 13.69 -20.57
C PRO A 590 -16.40 13.83 -19.10
N PRO A 591 -15.33 13.82 -18.29
CA PRO A 591 -15.40 13.98 -16.86
C PRO A 591 -15.27 15.45 -16.44
N VAL A 592 -15.64 15.78 -15.22
CA VAL A 592 -15.60 17.15 -14.79
C VAL A 592 -14.28 17.37 -14.15
N ILE A 593 -13.65 18.48 -14.48
CA ILE A 593 -12.52 18.96 -13.66
C ILE A 593 -12.80 20.31 -12.94
N ILE A 594 -12.42 20.31 -11.65
CA ILE A 594 -12.64 21.39 -10.70
C ILE A 594 -11.23 21.86 -10.39
N ASP A 595 -10.98 23.15 -10.50
CA ASP A 595 -9.64 23.64 -10.82
C ASP A 595 -9.32 24.94 -10.11
N HIS A 596 -8.25 25.62 -10.52
CA HIS A 596 -8.10 27.09 -10.22
C HIS A 596 -9.15 27.91 -11.03
N ARG A 597 -9.28 27.56 -12.30
CA ARG A 597 -10.34 28.04 -13.20
C ARG A 597 -11.71 28.26 -12.57
N HIS A 598 -12.10 27.29 -11.77
CA HIS A 598 -13.40 27.36 -11.13
C HIS A 598 -13.33 27.72 -9.64
N ILE A 599 -12.11 27.84 -9.10
CA ILE A 599 -11.90 28.07 -7.66
C ILE A 599 -10.43 28.47 -7.39
N SER A 600 -10.17 29.30 -6.39
CA SER A 600 -8.80 29.51 -5.88
C SER A 600 -8.75 29.16 -4.36
N ALA A 601 -7.54 28.87 -3.84
CA ALA A 601 -7.31 28.47 -2.42
C ALA A 601 -7.72 29.52 -1.40
N GLU A 602 -7.74 30.78 -1.85
CA GLU A 602 -8.33 31.97 -1.17
C GLU A 602 -9.84 31.92 -0.84
N GLU A 603 -10.63 31.18 -1.64
CA GLU A 603 -12.10 31.02 -1.46
C GLU A 603 -12.43 30.02 -0.34
N LEU A 604 -11.60 28.98 -0.28
CA LEU A 604 -11.62 27.95 0.75
C LEU A 604 -11.06 28.61 2.01
N GLY A 605 -10.02 29.42 1.78
CA GLY A 605 -9.50 30.37 2.75
C GLY A 605 -8.07 30.08 3.10
N GLN A 606 -7.14 30.45 2.20
CA GLN A 606 -5.67 30.45 2.42
C GLN A 606 -5.24 29.51 3.55
N TRP A 607 -5.52 28.22 3.33
CA TRP A 607 -5.29 27.13 4.29
C TRP A 607 -5.61 27.52 5.76
N GLY A 608 -6.84 27.95 5.99
CA GLY A 608 -7.37 28.13 7.33
C GLY A 608 -7.53 26.74 7.87
N MET A 609 -6.46 26.22 8.47
CA MET A 609 -6.41 24.85 8.99
C MET A 609 -7.76 24.38 9.51
N SER A 610 -7.97 23.09 9.36
CA SER A 610 -9.22 22.42 9.69
C SER A 610 -9.76 21.80 8.44
N TRP A 611 -10.48 20.72 8.62
CA TRP A 611 -10.84 19.89 7.54
C TRP A 611 -12.31 19.70 7.68
N HIS A 612 -13.07 19.92 6.60
CA HIS A 612 -14.48 19.95 6.74
C HIS A 612 -15.12 18.99 5.75
N PRO A 613 -16.15 18.23 6.17
CA PRO A 613 -16.81 17.36 5.25
C PRO A 613 -17.47 18.07 4.05
N GLY A 614 -17.86 17.25 3.08
CA GLY A 614 -18.15 17.72 1.74
C GLY A 614 -19.26 16.95 1.11
N ARG A 615 -19.65 17.42 -0.06
CA ARG A 615 -20.94 17.04 -0.67
C ARG A 615 -20.90 17.40 -2.12
N ILE A 616 -21.00 16.37 -2.93
CA ILE A 616 -20.98 16.53 -4.35
C ILE A 616 -22.32 16.08 -4.91
N THR A 617 -22.80 16.76 -5.94
CA THR A 617 -24.03 16.39 -6.62
C THR A 617 -23.89 16.46 -8.14
N GLY A 618 -24.65 15.60 -8.82
CA GLY A 618 -24.68 15.53 -10.28
C GLY A 618 -26.01 16.03 -10.78
N TRP A 619 -26.01 16.43 -12.04
CA TRP A 619 -27.16 17.12 -12.58
C TRP A 619 -27.54 16.80 -14.06
N LEU A 620 -28.83 16.61 -14.28
CA LEU A 620 -29.31 16.20 -15.57
C LEU A 620 -30.60 16.98 -16.01
N ASN A 621 -30.38 17.97 -16.89
CA ASN A 621 -31.32 19.05 -17.16
C ASN A 621 -31.82 19.62 -15.84
N GLY A 622 -30.85 20.09 -15.05
CA GLY A 622 -31.09 20.60 -13.69
C GLY A 622 -32.03 19.80 -12.78
N GLU A 623 -32.03 18.46 -12.88
CA GLU A 623 -32.76 17.57 -11.96
C GLU A 623 -31.71 16.84 -11.11
N GLN A 624 -31.58 17.20 -9.82
CA GLN A 624 -30.52 16.67 -8.90
C GLN A 624 -30.51 15.17 -8.98
N VAL A 625 -29.58 14.61 -9.75
CA VAL A 625 -29.63 13.17 -9.96
C VAL A 625 -28.77 12.45 -8.93
N ALA A 626 -27.49 12.80 -8.81
CA ALA A 626 -26.60 12.07 -7.87
C ALA A 626 -25.97 12.91 -6.75
N LEU A 627 -25.50 12.21 -5.73
CA LEU A 627 -25.01 12.85 -4.50
C LEU A 627 -24.14 11.96 -3.66
N ARG A 628 -22.92 12.41 -3.47
CA ARG A 628 -21.92 11.67 -2.72
C ARG A 628 -21.28 12.56 -1.62
N GLU A 629 -21.24 12.00 -0.41
CA GLU A 629 -20.85 12.73 0.78
C GLU A 629 -19.55 12.22 1.34
N TYR A 630 -18.71 13.15 1.75
CA TYR A 630 -17.42 12.89 2.38
C TYR A 630 -17.42 13.49 3.77
N VAL A 631 -17.46 12.63 4.79
CA VAL A 631 -17.14 13.00 6.17
C VAL A 631 -15.70 13.46 6.25
N ALA A 632 -15.39 14.45 7.09
CA ALA A 632 -14.00 14.91 7.30
C ALA A 632 -13.12 13.97 8.24
N ASP A 633 -13.76 13.04 8.97
CA ASP A 633 -13.10 12.19 10.00
C ASP A 633 -13.63 10.73 9.99
N PRO A 634 -13.12 9.91 9.07
CA PRO A 634 -13.81 8.65 8.83
C PRO A 634 -13.50 7.65 9.88
N LEU A 635 -14.54 7.06 10.45
CA LEU A 635 -14.40 6.03 11.45
C LEU A 635 -15.03 4.78 10.89
N PRO A 636 -14.47 3.62 11.23
CA PRO A 636 -15.00 2.31 10.83
C PRO A 636 -16.40 2.11 11.39
N THR A 637 -17.35 1.81 10.52
CA THR A 637 -18.73 1.68 10.96
C THR A 637 -19.40 0.43 10.46
N THR A 638 -19.34 0.17 9.14
CA THR A 638 -19.96 -1.00 8.45
C THR A 638 -18.90 -1.82 7.81
N LEU A 639 -18.89 -3.09 8.21
CA LEU A 639 -18.08 -4.11 7.58
C LEU A 639 -18.92 -4.90 6.58
N GLN A 640 -18.96 -4.37 5.37
CA GLN A 640 -19.88 -4.81 4.30
C GLN A 640 -19.70 -6.29 3.89
N ILE A 641 -20.77 -6.99 3.59
CA ILE A 641 -20.65 -8.37 3.00
C ILE A 641 -21.57 -8.49 1.76
N ALA A 642 -20.95 -8.48 0.56
CA ALA A 642 -21.60 -8.31 -0.76
C ALA A 642 -21.58 -9.52 -1.75
N PRO A 643 -22.39 -10.55 -1.46
CA PRO A 643 -22.53 -11.59 -2.44
C PRO A 643 -23.25 -11.02 -3.61
N ASP A 644 -22.78 -11.40 -4.76
CA ASP A 644 -23.49 -11.04 -5.94
C ASP A 644 -24.95 -11.54 -5.89
N ARG A 645 -25.21 -12.64 -5.20
CA ARG A 645 -26.55 -13.09 -5.16
C ARG A 645 -26.87 -13.61 -3.77
N ASP A 646 -28.11 -13.40 -3.34
CA ASP A 646 -28.65 -13.93 -2.06
C ASP A 646 -29.29 -15.30 -2.27
N THR A 647 -29.63 -15.61 -3.53
CA THR A 647 -30.37 -16.81 -3.90
C THR A 647 -29.51 -17.54 -4.95
N LEU A 648 -29.37 -18.88 -4.87
CA LEU A 648 -28.80 -19.68 -5.97
C LEU A 648 -29.38 -21.09 -5.98
N PRO A 649 -29.26 -21.86 -7.14
CA PRO A 649 -29.73 -23.27 -7.23
C PRO A 649 -28.74 -24.28 -6.72
N ALA A 650 -29.17 -25.53 -6.60
CA ALA A 650 -28.35 -26.58 -5.96
C ALA A 650 -27.26 -27.03 -6.92
N ASP A 651 -26.40 -26.12 -7.34
CA ASP A 651 -25.54 -26.38 -8.45
C ASP A 651 -24.05 -26.36 -8.00
N GLY A 652 -23.39 -27.48 -8.23
CA GLY A 652 -22.00 -27.71 -7.90
C GLY A 652 -21.03 -26.86 -8.66
N ASP A 653 -21.35 -26.58 -9.91
CA ASP A 653 -20.50 -25.81 -10.79
C ASP A 653 -20.22 -24.41 -10.28
N ILE A 654 -21.21 -23.79 -9.68
CA ILE A 654 -21.09 -22.42 -9.27
C ILE A 654 -20.03 -21.99 -8.31
N ASP A 655 -19.33 -20.94 -8.73
CA ASP A 655 -18.32 -20.23 -7.93
C ASP A 655 -18.89 -18.86 -7.51
N LEU A 656 -19.30 -18.72 -6.26
CA LEU A 656 -19.90 -17.44 -5.79
C LEU A 656 -18.91 -16.34 -5.37
N ARG A 657 -18.74 -15.32 -6.19
CA ARG A 657 -17.97 -14.13 -5.77
C ARG A 657 -18.67 -13.35 -4.66
N VAL A 658 -18.00 -13.22 -3.52
CA VAL A 658 -18.38 -12.35 -2.37
C VAL A 658 -17.38 -11.19 -2.07
N MET A 659 -17.81 -9.94 -2.19
CA MET A 659 -16.95 -8.82 -1.79
C MET A 659 -17.13 -8.39 -0.32
N LEU A 660 -16.11 -7.72 0.22
CA LEU A 660 -16.04 -7.24 1.62
C LEU A 660 -15.47 -5.82 1.70
N ARG A 661 -16.18 -4.88 2.28
CA ARG A 661 -15.60 -3.56 2.45
C ARG A 661 -15.67 -3.01 3.90
N ALA A 662 -14.65 -2.27 4.26
CA ALA A 662 -14.67 -1.51 5.50
C ALA A 662 -15.08 -0.09 5.22
N LEU A 663 -16.27 0.27 5.72
CA LEU A 663 -16.90 1.52 5.37
C LEU A 663 -16.97 2.46 6.52
N ASP A 664 -16.72 3.74 6.23
CA ASP A 664 -16.84 4.82 7.21
C ASP A 664 -18.33 5.17 7.40
N GLN A 665 -18.58 6.22 8.17
CA GLN A 665 -19.95 6.57 8.61
C GLN A 665 -20.90 6.73 7.43
N VAL A 666 -20.61 7.71 6.56
CA VAL A 666 -21.48 8.03 5.43
C VAL A 666 -21.28 7.14 4.22
N GLY A 667 -20.49 6.07 4.32
CA GLY A 667 -20.54 4.95 3.37
C GLY A 667 -19.27 4.62 2.62
N ASN A 668 -18.56 5.67 2.18
CA ASN A 668 -17.25 5.53 1.53
C ASN A 668 -16.31 4.52 2.16
N ARG A 669 -15.48 3.94 1.31
CA ARG A 669 -14.59 2.86 1.75
C ARG A 669 -13.45 3.53 2.40
N LEU A 670 -12.76 2.76 3.21
CA LEU A 670 -11.67 3.25 3.97
C LEU A 670 -10.42 2.81 3.24
N PRO A 671 -9.71 3.70 2.57
CA PRO A 671 -8.64 3.19 1.69
C PRO A 671 -7.29 2.71 2.27
N PHE A 672 -7.04 2.90 3.57
CA PHE A 672 -5.68 2.61 4.10
C PHE A 672 -5.64 1.79 5.35
N LEU A 673 -6.75 1.14 5.63
CA LEU A 673 -6.77 0.27 6.75
C LEU A 673 -6.09 -0.97 6.25
N ASP A 674 -4.82 -1.08 6.58
CA ASP A 674 -4.09 -2.33 6.40
C ASP A 674 -4.61 -3.24 7.51
N ALA A 675 -5.32 -4.30 7.13
CA ALA A 675 -5.76 -5.35 8.10
C ALA A 675 -6.28 -6.61 7.43
N GLY A 676 -6.52 -7.64 8.21
CA GLY A 676 -7.04 -8.89 7.72
C GLY A 676 -8.40 -9.20 8.32
N ILE A 677 -9.38 -9.46 7.47
CA ILE A 677 -10.72 -9.79 7.94
C ILE A 677 -10.80 -11.29 8.12
N ALA A 678 -11.13 -11.73 9.32
CA ALA A 678 -11.24 -13.15 9.62
C ALA A 678 -12.64 -13.58 9.30
N VAL A 679 -12.80 -14.66 8.53
CA VAL A 679 -14.14 -15.07 8.17
C VAL A 679 -14.45 -16.56 8.21
N THR A 680 -15.74 -16.82 8.44
CA THR A 680 -16.31 -18.15 8.49
C THR A 680 -17.35 -18.29 7.40
N VAL A 681 -17.58 -19.55 7.00
CA VAL A 681 -18.53 -19.94 5.99
C VAL A 681 -19.15 -21.30 6.33
N ASP A 682 -20.48 -21.35 6.48
CA ASP A 682 -21.17 -22.60 6.84
C ASP A 682 -22.16 -23.03 5.80
N GLY A 683 -22.62 -24.27 5.92
CA GLY A 683 -23.58 -24.80 4.97
C GLY A 683 -22.87 -25.10 3.67
N PRO A 684 -23.62 -25.19 2.54
CA PRO A 684 -23.13 -25.91 1.35
C PRO A 684 -22.11 -25.24 0.40
N ALA A 685 -21.32 -24.27 0.87
CA ALA A 685 -20.07 -23.88 0.12
C ALA A 685 -18.74 -24.24 0.83
N ARG A 686 -17.66 -24.25 0.07
CA ARG A 686 -16.29 -24.21 0.60
C ARG A 686 -15.78 -22.81 0.25
N LEU A 687 -15.00 -22.21 1.14
CA LEU A 687 -14.32 -20.98 0.79
C LEU A 687 -13.20 -21.43 -0.06
N ILE A 688 -12.65 -20.55 -0.89
CA ILE A 688 -11.43 -20.85 -1.65
C ILE A 688 -10.39 -19.83 -1.31
N GLY A 689 -9.38 -20.32 -0.58
CA GLY A 689 -8.24 -19.54 -0.11
C GLY A 689 -7.99 -19.44 1.43
N PRO A 690 -7.21 -18.42 1.85
CA PRO A 690 -6.98 -18.00 3.22
C PRO A 690 -8.24 -17.76 3.96
N ASP A 691 -8.35 -18.34 5.16
CA ASP A 691 -9.48 -18.04 6.03
C ASP A 691 -9.32 -16.57 6.52
N LEU A 692 -8.08 -16.09 6.63
CA LEU A 692 -7.80 -14.66 6.82
C LEU A 692 -7.59 -13.89 5.53
N ARG A 693 -8.47 -12.92 5.29
CA ARG A 693 -8.49 -12.13 4.04
C ARG A 693 -8.04 -10.65 4.19
N MET A 694 -7.02 -10.25 3.42
CA MET A 694 -6.34 -8.95 3.63
C MET A 694 -6.82 -7.85 2.71
N LEU A 695 -7.14 -6.72 3.31
CA LEU A 695 -7.70 -5.61 2.59
C LEU A 695 -6.67 -4.91 1.78
N GLN A 696 -7.08 -4.44 0.61
CA GLN A 696 -6.28 -3.50 -0.20
C GLN A 696 -7.26 -2.54 -0.87
N GLY A 697 -6.97 -1.25 -0.75
CA GLY A 697 -8.00 -0.21 -0.91
C GLY A 697 -9.20 -0.16 0.05
N GLY A 698 -9.18 -0.88 1.17
CA GLY A 698 -10.37 -1.03 2.05
C GLY A 698 -11.39 -2.07 1.63
N THR A 699 -10.88 -3.17 1.05
CA THR A 699 -11.68 -4.04 0.22
C THR A 699 -10.97 -5.33 0.01
N THR A 700 -11.71 -6.43 0.00
CA THR A 700 -11.32 -7.66 -0.74
C THR A 700 -12.54 -8.56 -0.99
N GLY A 701 -12.34 -9.67 -1.71
CA GLY A 701 -13.41 -10.57 -2.12
C GLY A 701 -12.90 -11.99 -2.10
N MET A 702 -13.77 -12.92 -2.46
CA MET A 702 -13.48 -14.32 -2.26
C MET A 702 -14.52 -15.14 -2.93
N LEU A 703 -14.16 -16.36 -3.33
CA LEU A 703 -15.11 -17.21 -4.08
C LEU A 703 -15.38 -18.46 -3.29
N LEU A 704 -16.58 -18.97 -3.47
CA LEU A 704 -17.10 -20.01 -2.63
C LEU A 704 -17.57 -21.12 -3.53
N ARG A 705 -16.76 -22.15 -3.66
CA ARG A 705 -17.10 -23.23 -4.56
C ARG A 705 -18.22 -24.11 -4.01
N LEU A 706 -19.47 -23.88 -4.45
CA LEU A 706 -20.62 -24.65 -3.94
C LEU A 706 -20.48 -26.20 -3.96
N THR A 707 -21.17 -26.86 -3.03
CA THR A 707 -21.12 -28.33 -2.95
C THR A 707 -22.28 -29.02 -3.68
N GLY A 708 -23.18 -28.26 -4.25
CA GLY A 708 -24.24 -28.89 -5.00
C GLY A 708 -25.39 -29.44 -4.22
N ASP A 709 -25.44 -29.17 -2.93
CA ASP A 709 -26.55 -29.65 -2.12
C ASP A 709 -27.20 -28.46 -1.47
N ALA A 710 -28.52 -28.58 -1.31
CA ALA A 710 -29.35 -27.53 -0.75
C ALA A 710 -29.06 -27.18 0.69
N GLY A 711 -29.24 -25.91 0.99
CA GLY A 711 -29.00 -25.39 2.31
C GLY A 711 -28.98 -23.89 2.26
N THR A 712 -28.80 -23.26 3.42
CA THR A 712 -28.47 -21.84 3.51
C THR A 712 -27.02 -21.75 3.95
N ILE A 713 -26.33 -20.82 3.29
CA ILE A 713 -24.91 -20.58 3.48
C ILE A 713 -24.83 -19.35 4.32
N ARG A 714 -23.84 -19.35 5.20
CA ARG A 714 -23.81 -18.39 6.30
C ARG A 714 -22.38 -18.01 6.60
N ILE A 715 -22.15 -16.72 6.62
CA ILE A 715 -20.84 -16.15 6.38
C ILE A 715 -20.48 -15.06 7.39
N THR A 716 -19.54 -15.30 8.31
CA THR A 716 -19.16 -14.21 9.27
C THR A 716 -17.98 -13.46 8.72
N ALA A 717 -17.75 -12.24 9.19
CA ALA A 717 -16.54 -11.50 8.90
C ALA A 717 -16.28 -10.59 10.05
N ARG A 718 -15.11 -10.72 10.67
CA ARG A 718 -14.81 -10.07 11.95
C ARG A 718 -13.46 -9.30 11.94
N HIS A 719 -13.39 -8.25 12.78
CA HIS A 719 -12.19 -7.42 12.99
C HIS A 719 -12.40 -6.44 14.17
N PRO A 720 -11.52 -6.46 15.16
CA PRO A 720 -11.86 -5.82 16.43
C PRO A 720 -12.06 -4.30 16.43
N GLN A 721 -11.95 -3.65 15.27
CA GLN A 721 -12.46 -2.28 15.12
C GLN A 721 -13.96 -2.12 14.71
N PHE A 722 -14.72 -3.22 14.51
CA PHE A 722 -15.94 -3.20 13.67
C PHE A 722 -17.08 -4.06 14.19
N PRO A 723 -18.30 -3.53 14.29
CA PRO A 723 -19.38 -4.43 14.74
C PRO A 723 -19.55 -5.68 13.86
N GLU A 724 -19.68 -6.84 14.51
CA GLU A 724 -19.56 -8.20 13.89
C GLU A 724 -20.48 -8.68 12.70
N ALA A 725 -19.97 -8.64 11.47
CA ALA A 725 -20.78 -8.81 10.23
C ALA A 725 -21.15 -10.26 9.78
N VAL A 726 -22.35 -10.36 9.21
CA VAL A 726 -22.88 -11.64 8.73
C VAL A 726 -23.82 -11.52 7.51
N ALA A 727 -23.79 -12.55 6.68
CA ALA A 727 -24.65 -12.67 5.54
C ALA A 727 -24.85 -14.16 5.10
N THR A 728 -25.89 -14.34 4.32
CA THR A 728 -26.34 -15.65 4.05
C THR A 728 -26.91 -15.55 2.72
N VAL A 729 -27.04 -16.69 2.07
CA VAL A 729 -27.77 -16.85 0.82
C VAL A 729 -28.47 -18.24 0.85
N THR A 730 -29.58 -18.40 0.17
CA THR A 730 -30.19 -19.70 0.19
C THR A 730 -29.71 -20.45 -1.02
N VAL A 731 -29.62 -21.76 -0.86
CA VAL A 731 -29.22 -22.67 -1.92
C VAL A 731 -30.37 -23.65 -2.02
N GLY A 732 -31.26 -23.39 -2.98
CA GLY A 732 -32.31 -24.31 -3.38
C GLY A 732 -33.68 -24.00 -2.79
N MET B 1 21.03 12.10 54.04
CA MET B 1 20.57 10.88 53.33
C MET B 1 19.08 11.01 53.17
N ARG B 2 18.67 11.50 52.00
CA ARG B 2 17.24 11.48 51.64
C ARG B 2 16.87 10.12 51.13
N VAL B 3 15.61 9.73 51.37
CA VAL B 3 15.02 8.55 50.73
C VAL B 3 14.30 9.06 49.46
N THR B 4 14.67 8.49 48.31
CA THR B 4 14.01 8.77 47.05
C THR B 4 13.65 7.43 46.42
N GLN B 5 12.67 6.77 47.04
CA GLN B 5 12.02 5.60 46.42
C GLN B 5 11.30 6.08 45.11
N LYS B 6 11.06 5.12 44.19
CA LYS B 6 10.53 5.35 42.84
C LYS B 6 9.31 4.46 42.55
N LEU B 7 8.12 5.02 42.73
CA LEU B 7 6.91 4.20 42.92
C LEU B 7 5.85 4.33 41.82
N ASN B 8 6.24 3.81 40.68
CA ASN B 8 5.31 3.70 39.59
C ASN B 8 4.37 2.49 39.74
N HIS B 9 4.52 1.69 40.80
CA HIS B 9 3.77 0.43 40.94
C HIS B 9 2.58 0.58 41.91
N GLY B 10 1.76 -0.47 41.98
CA GLY B 10 0.66 -0.54 42.91
C GLY B 10 -0.46 0.46 42.69
N TRP B 11 -0.49 1.15 41.55
CA TRP B 11 -1.48 2.22 41.33
C TRP B 11 -2.84 1.66 40.89
N ILE B 12 -3.88 2.53 40.96
CA ILE B 12 -5.29 2.26 40.57
C ILE B 12 -5.81 3.37 39.68
N PHE B 13 -6.42 2.90 38.60
CA PHE B 13 -6.87 3.69 37.47
C PHE B 13 -8.34 3.45 37.14
N ALA B 14 -9.06 4.55 36.97
CA ALA B 14 -10.44 4.42 36.59
C ALA B 14 -10.88 5.61 35.75
N GLU B 15 -12.02 5.42 35.06
CA GLU B 15 -12.61 6.41 34.16
C GLU B 15 -13.60 7.26 34.93
N GLY B 16 -13.56 8.58 34.70
CA GLY B 16 -14.40 9.54 35.48
C GLY B 16 -13.74 10.15 36.72
N ALA B 17 -14.54 10.74 37.61
CA ALA B 17 -14.02 11.44 38.78
C ALA B 17 -14.69 11.04 40.13
N ALA B 18 -14.05 10.26 41.01
CA ALA B 18 -14.66 9.95 42.35
C ALA B 18 -14.46 11.12 43.34
N ASP B 19 -15.10 11.05 44.50
CA ASP B 19 -14.70 11.98 45.57
C ASP B 19 -13.23 11.57 45.87
N PRO B 20 -12.32 12.56 45.90
CA PRO B 20 -10.92 12.26 46.20
C PRO B 20 -10.53 11.69 47.62
N ALA B 21 -11.54 11.50 48.50
CA ALA B 21 -11.36 10.95 49.84
C ALA B 21 -11.28 9.44 49.81
N THR B 22 -12.38 8.83 49.37
CA THR B 22 -12.74 7.40 49.60
C THR B 22 -12.02 6.44 48.66
N PRO B 23 -11.97 5.12 49.01
CA PRO B 23 -11.52 4.04 48.10
C PRO B 23 -12.10 4.12 46.69
N LEU B 24 -11.35 3.56 45.75
CA LEU B 24 -11.63 3.60 44.29
C LEU B 24 -11.25 2.27 43.65
N ALA B 25 -12.24 1.51 43.18
CA ALA B 25 -11.98 0.25 42.48
C ALA B 25 -11.69 0.52 40.96
N GLY B 26 -10.46 0.27 40.55
CA GLY B 26 -10.01 0.37 39.15
C GLY B 26 -8.85 -0.61 39.05
N GLU B 27 -8.24 -0.84 37.89
CA GLU B 27 -7.41 -2.06 37.86
C GLU B 27 -6.07 -1.75 38.44
N THR B 28 -5.44 -2.77 39.07
CA THR B 28 -4.07 -2.65 39.63
C THR B 28 -3.16 -2.48 38.41
N VAL B 29 -2.69 -1.26 38.17
CA VAL B 29 -1.91 -0.91 36.97
C VAL B 29 -0.54 -0.36 37.36
N THR B 30 0.35 -0.20 36.40
CA THR B 30 1.68 0.36 36.67
C THR B 30 1.88 1.51 35.75
N LEU B 31 2.74 2.46 36.13
CA LEU B 31 3.14 3.62 35.29
C LEU B 31 4.51 3.40 34.71
N PRO B 32 4.91 4.12 33.65
CA PRO B 32 4.09 4.94 32.77
C PRO B 32 2.88 4.24 32.27
N HIS B 33 1.77 4.97 32.08
CA HIS B 33 0.51 4.38 31.64
C HIS B 33 -0.33 5.29 30.73
N ASN B 34 -1.08 4.69 29.81
CA ASN B 34 -1.96 5.40 28.88
C ASN B 34 -3.39 5.03 29.22
N ALA B 35 -4.24 6.02 29.33
CA ALA B 35 -5.61 5.81 29.77
C ALA B 35 -6.52 4.93 28.95
N VAL B 36 -6.47 5.08 27.64
CA VAL B 36 -7.38 4.33 26.79
C VAL B 36 -6.59 4.04 25.50
N ASP B 37 -6.26 2.76 25.35
CA ASP B 37 -5.26 2.31 24.39
C ASP B 37 -5.87 2.00 23.03
N LEU B 38 -5.28 2.65 22.01
CA LEU B 38 -5.87 2.87 20.69
C LEU B 38 -5.39 1.87 19.65
N PRO B 39 -6.22 1.69 18.59
CA PRO B 39 -5.76 1.09 17.35
C PRO B 39 -4.62 1.85 16.72
N LEU B 40 -3.91 1.16 15.83
CA LEU B 40 -2.86 1.77 14.98
C LEU B 40 -3.39 2.82 14.05
N SER B 41 -4.62 2.62 13.54
CA SER B 41 -5.27 3.60 12.63
C SER B 41 -6.80 3.54 12.56
N TYR B 42 -7.36 4.68 12.10
CA TYR B 42 -8.79 4.91 11.93
C TYR B 42 -9.57 4.69 13.23
N PHE B 43 -9.49 5.71 14.10
CA PHE B 43 -10.07 5.65 15.46
C PHE B 43 -10.46 7.06 15.91
N ASP B 44 -10.99 7.13 17.14
CA ASP B 44 -11.79 8.26 17.63
C ASP B 44 -11.01 9.51 18.05
N GLU B 45 -9.86 9.37 18.67
CA GLU B 45 -9.04 10.56 19.08
C GLU B 45 -9.77 11.58 19.95
N THR B 46 -11.06 11.33 20.20
CA THR B 46 -11.80 11.95 21.28
C THR B 46 -12.04 10.89 22.38
N SER B 47 -11.55 9.70 22.09
CA SER B 47 -11.67 8.58 22.96
C SER B 47 -11.13 8.89 24.40
N TYR B 48 -10.11 9.73 24.45
CA TYR B 48 -9.41 9.95 25.66
C TYR B 48 -9.68 11.32 26.26
N GLN B 49 -10.82 11.94 25.93
CA GLN B 49 -11.04 13.33 26.39
C GLN B 49 -11.92 13.52 27.65
N ARG B 50 -11.89 12.48 28.50
CA ARG B 50 -12.65 12.39 29.74
C ARG B 50 -11.75 12.44 30.96
N ALA B 51 -12.41 12.69 32.09
CA ALA B 51 -11.79 12.58 33.39
C ALA B 51 -11.39 11.11 33.64
N PHE B 52 -10.26 10.92 34.32
CA PHE B 52 -9.85 9.62 34.91
C PHE B 52 -9.36 9.79 36.35
N THR B 53 -8.99 8.69 36.98
CA THR B 53 -8.46 8.78 38.29
C THR B 53 -7.41 7.78 38.60
N TYR B 54 -6.46 8.28 39.34
CA TYR B 54 -5.46 7.50 39.93
C TYR B 54 -5.48 7.75 41.43
N GLN B 55 -5.60 6.65 42.15
CA GLN B 55 -5.56 6.71 43.58
C GLN B 55 -4.46 5.72 43.94
N ARG B 56 -3.84 5.96 45.10
CA ARG B 56 -2.76 5.15 45.66
C ARG B 56 -2.91 4.74 47.15
N VAL B 57 -2.60 3.46 47.43
CA VAL B 57 -2.47 2.89 48.79
C VAL B 57 -1.05 3.23 49.33
N ILE B 58 -0.95 4.32 50.11
CA ILE B 58 0.31 4.80 50.81
C ILE B 58 0.29 4.63 52.36
N ALA B 59 1.41 4.16 52.91
CA ALA B 59 1.57 3.90 54.35
C ALA B 59 2.34 5.03 55.06
N TRP B 60 1.92 5.36 56.27
CA TRP B 60 2.72 6.13 57.22
C TRP B 60 4.02 5.39 57.59
N ASP B 61 5.04 6.11 58.04
CA ASP B 61 6.13 5.49 58.78
C ASP B 61 6.49 6.28 60.04
N ASP B 62 6.92 5.54 61.05
CA ASP B 62 7.58 6.08 62.25
C ASP B 62 8.89 6.75 61.82
N ALA B 63 9.54 6.18 60.80
CA ALA B 63 10.69 6.75 60.06
C ALA B 63 10.61 8.18 59.51
N TRP B 64 9.42 8.77 59.47
CA TRP B 64 9.20 9.99 58.69
C TRP B 64 8.99 11.29 59.46
N GLN B 65 8.87 11.21 60.79
CA GLN B 65 8.45 12.35 61.60
C GLN B 65 9.52 13.42 61.53
N GLY B 66 9.04 14.67 61.45
CA GLY B 66 9.87 15.83 61.14
C GLY B 66 10.60 15.76 59.79
N ARG B 67 10.13 14.92 58.86
CA ARG B 67 10.76 14.76 57.51
C ARG B 67 9.69 14.89 56.42
N ARG B 68 9.79 15.92 55.56
CA ARG B 68 8.78 16.19 54.49
C ARG B 68 8.56 14.99 53.61
N VAL B 69 7.33 14.55 53.39
CA VAL B 69 7.10 13.54 52.33
C VAL B 69 6.41 14.14 51.12
N GLN B 70 7.00 13.80 49.97
CA GLN B 70 6.69 14.39 48.65
C GLN B 70 6.65 13.41 47.46
N LEU B 71 5.50 13.30 46.80
CA LEU B 71 5.49 12.66 45.50
C LEU B 71 5.87 13.73 44.49
N ARG B 72 6.87 13.36 43.69
CA ARG B 72 7.27 14.05 42.43
C ARG B 72 6.60 13.36 41.21
N PHE B 73 5.75 14.11 40.49
CA PHE B 73 5.14 13.63 39.24
C PHE B 73 5.99 14.19 38.08
N ASP B 74 6.68 13.30 37.37
CA ASP B 74 7.70 13.68 36.34
C ASP B 74 6.98 14.15 35.05
N GLY B 75 5.77 13.66 34.77
CA GLY B 75 4.93 14.21 33.70
C GLY B 75 3.59 13.50 33.61
N ALA B 76 2.52 14.24 33.31
CA ALA B 76 1.21 13.62 33.17
C ALA B 76 0.25 14.49 32.33
N MET B 77 -0.54 13.89 31.43
CA MET B 77 -1.52 14.67 30.63
C MET B 77 -2.98 14.31 30.97
N ALA B 78 -3.86 15.23 31.47
CA ALA B 78 -3.62 16.69 31.78
C ALA B 78 -4.67 17.31 32.77
N ASP B 79 -4.57 18.61 33.13
CA ASP B 79 -5.48 19.29 34.10
C ASP B 79 -5.43 18.54 35.45
N ASN B 80 -4.21 18.39 35.92
CA ASN B 80 -3.90 17.37 36.90
C ASN B 80 -3.91 17.94 38.33
N VAL B 81 -4.46 17.16 39.27
CA VAL B 81 -4.68 17.57 40.67
C VAL B 81 -4.34 16.47 41.64
N VAL B 82 -4.07 16.86 42.87
CA VAL B 82 -3.77 15.94 43.93
C VAL B 82 -4.62 16.16 45.16
N TRP B 83 -4.93 15.05 45.81
CA TRP B 83 -5.56 15.04 47.06
C TRP B 83 -4.87 14.04 47.95
N VAL B 84 -4.64 14.44 49.22
CA VAL B 84 -4.22 13.51 50.30
C VAL B 84 -5.37 13.34 51.32
N ASN B 85 -5.79 12.09 51.54
CA ASN B 85 -6.98 11.78 52.33
C ASN B 85 -8.12 12.78 52.15
N GLY B 86 -8.37 13.15 50.90
CA GLY B 86 -9.44 14.08 50.57
C GLY B 86 -9.15 15.55 50.67
N VAL B 87 -7.88 15.95 50.91
CA VAL B 87 -7.46 17.40 50.87
C VAL B 87 -6.35 17.77 49.79
N GLN B 88 -6.60 18.90 49.14
CA GLN B 88 -6.02 19.27 47.86
C GLN B 88 -4.74 20.07 47.94
N VAL B 89 -3.61 19.40 47.72
CA VAL B 89 -2.32 20.04 47.92
C VAL B 89 -1.71 20.70 46.69
N VAL B 90 -2.14 20.32 45.49
CA VAL B 90 -1.56 20.95 44.29
C VAL B 90 -2.39 20.89 42.98
N ALA B 91 -2.52 22.06 42.37
CA ALA B 91 -3.03 22.17 41.03
C ALA B 91 -1.84 22.29 40.07
N HIS B 92 -1.86 21.54 38.96
CA HIS B 92 -1.00 21.82 37.75
C HIS B 92 -1.82 21.53 36.47
N PRO B 93 -1.80 22.43 35.46
CA PRO B 93 -2.61 22.17 34.27
C PRO B 93 -1.80 21.45 33.19
N ASP B 94 -0.50 21.74 33.14
CA ASP B 94 0.28 21.52 31.96
C ASP B 94 0.92 20.17 32.02
N GLY B 95 0.57 19.38 31.00
CA GLY B 95 0.82 17.93 30.93
C GLY B 95 2.12 17.40 30.32
N TYR B 96 3.12 18.28 30.21
CA TYR B 96 4.47 17.91 29.76
C TYR B 96 5.56 18.18 30.75
N THR B 97 5.23 18.89 31.83
CA THR B 97 6.21 19.30 32.83
C THR B 97 5.95 18.67 34.20
N PRO B 98 6.99 18.62 35.07
CA PRO B 98 6.83 18.01 36.36
C PRO B 98 6.31 19.00 37.36
N PHE B 99 5.68 18.44 38.39
CA PHE B 99 4.95 19.19 39.41
C PHE B 99 4.91 18.43 40.73
N VAL B 100 5.02 19.12 41.88
CA VAL B 100 5.22 18.45 43.22
C VAL B 100 3.95 18.46 44.11
N ALA B 101 3.79 17.42 44.94
CA ALA B 101 2.64 17.28 45.87
C ALA B 101 3.06 17.05 47.32
N ASP B 102 2.86 18.03 48.22
CA ASP B 102 3.36 17.93 49.60
C ASP B 102 2.32 17.38 50.54
N LEU B 103 2.55 16.15 50.99
CA LEU B 103 1.53 15.40 51.76
C LEU B 103 1.63 15.69 53.25
N THR B 104 2.90 15.71 53.68
CA THR B 104 3.38 15.88 55.06
C THR B 104 2.20 15.92 56.01
N ASP B 105 1.56 17.06 56.02
CA ASP B 105 0.58 17.43 57.03
C ASP B 105 -0.58 16.45 57.02
N HIS B 106 -1.02 16.09 55.82
CA HIS B 106 -2.24 15.36 55.67
C HIS B 106 -1.91 13.90 55.74
N LEU B 107 -1.42 13.46 56.90
CA LEU B 107 -1.04 12.08 57.09
C LEU B 107 -1.36 11.68 58.49
N ARG B 108 -1.64 10.39 58.65
CA ARG B 108 -2.19 9.83 59.90
C ARG B 108 -1.50 8.52 60.08
N PRO B 109 -1.58 7.92 61.28
CA PRO B 109 -1.20 6.52 61.27
C PRO B 109 -1.87 5.66 60.13
N GLY B 110 -1.43 4.39 60.03
CA GLY B 110 -1.95 3.44 59.04
C GLY B 110 -1.90 3.99 57.63
N ASP B 111 -2.88 3.65 56.79
CA ASP B 111 -2.87 3.95 55.31
C ASP B 111 -3.57 5.25 54.81
N ASN B 112 -2.80 6.21 54.29
CA ASN B 112 -3.30 7.53 53.78
C ASN B 112 -3.60 7.50 52.24
N LEU B 113 -4.81 7.85 51.83
CA LEU B 113 -5.19 7.84 50.42
C LEU B 113 -4.73 9.09 49.66
N VAL B 114 -4.14 8.86 48.49
CA VAL B 114 -3.67 9.94 47.62
C VAL B 114 -4.36 9.80 46.28
N THR B 115 -4.99 10.88 45.82
CA THR B 115 -5.70 10.85 44.54
C THR B 115 -5.19 11.84 43.50
N VAL B 116 -5.51 11.55 42.25
CA VAL B 116 -5.14 12.38 41.09
C VAL B 116 -6.26 12.48 40.03
N ARG B 117 -6.95 13.60 39.94
CA ARG B 117 -7.92 13.78 38.84
C ARG B 117 -7.23 14.38 37.61
N ILE B 118 -7.39 13.65 36.50
CA ILE B 118 -6.78 13.96 35.22
C ILE B 118 -7.79 13.81 34.09
N ASP B 119 -7.64 14.65 33.09
CA ASP B 119 -8.62 14.72 32.03
C ASP B 119 -7.89 15.10 30.75
N GLY B 120 -8.05 14.27 29.72
CA GLY B 120 -7.45 14.52 28.42
C GLY B 120 -8.29 15.32 27.43
N SER B 121 -8.82 16.44 27.88
CA SER B 121 -9.62 17.30 27.04
C SER B 121 -8.75 18.46 26.51
N GLU B 122 -8.95 18.81 25.25
CA GLU B 122 -8.19 19.92 24.65
C GLU B 122 -8.66 21.30 25.13
N ASN B 123 -8.38 21.53 26.40
CA ASN B 123 -8.93 22.65 27.12
C ASN B 123 -8.45 23.92 26.48
N PRO B 124 -9.36 24.78 26.08
CA PRO B 124 -8.86 25.98 25.41
C PRO B 124 -7.98 26.92 26.26
N ALA B 125 -8.03 26.79 27.59
CA ALA B 125 -7.29 27.70 28.47
C ALA B 125 -5.86 27.28 28.65
N ILE B 126 -5.55 26.04 28.23
CA ILE B 126 -4.30 25.37 28.60
C ILE B 126 -3.36 25.21 27.40
N PRO B 127 -2.23 25.97 27.37
CA PRO B 127 -1.29 25.55 26.37
C PRO B 127 -0.99 24.07 26.71
N PRO B 128 -1.10 23.20 25.69
CA PRO B 128 -1.05 23.54 24.23
C PRO B 128 -2.37 23.60 23.41
N PHE B 129 -3.51 23.54 24.07
CA PHE B 129 -4.77 23.46 23.37
C PHE B 129 -5.38 24.84 23.03
N GLY B 130 -6.41 24.76 22.22
CA GLY B 130 -7.09 25.93 21.75
C GLY B 130 -7.92 25.55 20.56
N ALA B 131 -7.25 25.26 19.46
CA ALA B 131 -7.92 24.96 18.20
C ALA B 131 -7.40 23.63 17.62
N GLN B 132 -6.44 23.67 16.67
CA GLN B 132 -5.96 22.44 15.98
C GLN B 132 -4.52 22.18 16.31
N ILE B 133 -4.17 20.92 16.11
CA ILE B 133 -2.88 20.37 16.45
C ILE B 133 -2.61 19.17 15.56
N ASP B 134 -1.37 19.09 15.07
CA ASP B 134 -0.89 17.93 14.30
C ASP B 134 -0.04 17.04 15.22
N TYR B 135 -0.75 16.42 16.17
CA TYR B 135 -0.28 15.32 17.04
C TYR B 135 -1.36 15.04 18.05
N LEU B 136 -1.22 13.95 18.80
CA LEU B 136 -2.16 13.67 19.86
C LEU B 136 -1.50 13.98 21.22
N THR B 137 -2.30 14.44 22.19
CA THR B 137 -1.85 14.60 23.57
C THR B 137 -2.05 13.36 24.42
N TYR B 138 -2.96 12.49 24.00
CA TYR B 138 -3.34 11.28 24.75
C TYR B 138 -3.85 11.64 26.17
N ALA B 139 -3.77 10.68 27.08
CA ALA B 139 -3.93 10.93 28.49
C ALA B 139 -3.12 9.87 29.17
N GLY B 140 -3.00 10.01 30.47
CA GLY B 140 -2.34 9.02 31.29
C GLY B 140 -1.23 9.69 32.00
N ILE B 141 -0.89 9.16 33.17
CA ILE B 141 0.31 9.59 33.88
C ILE B 141 1.33 8.70 33.14
N TYR B 142 1.82 9.28 32.05
CA TYR B 142 2.65 8.57 31.09
C TYR B 142 4.06 8.59 31.54
N ARG B 143 4.41 9.41 32.51
CA ARG B 143 5.76 9.40 33.03
C ARG B 143 5.84 8.87 34.44
N ASP B 144 7.08 8.84 34.90
CA ASP B 144 7.39 8.49 36.26
C ASP B 144 6.64 9.24 37.40
N VAL B 145 6.72 8.60 38.57
CA VAL B 145 6.43 9.20 39.85
C VAL B 145 7.51 8.70 40.81
N TRP B 146 8.01 9.61 41.67
CA TRP B 146 8.98 9.30 42.76
C TRP B 146 8.45 9.76 44.17
N LEU B 147 8.70 8.96 45.21
CA LEU B 147 8.41 9.35 46.60
C LEU B 147 9.71 9.85 47.22
N MET B 148 9.62 10.90 48.01
CA MET B 148 10.79 11.58 48.51
C MET B 148 10.60 12.00 49.96
N VAL B 149 11.27 11.27 50.88
CA VAL B 149 11.32 11.64 52.30
C VAL B 149 12.55 12.53 52.48
N LEU B 150 12.26 13.77 52.86
CA LEU B 150 13.24 14.79 52.85
C LEU B 150 13.48 15.29 54.25
N PRO B 151 14.73 15.67 54.54
CA PRO B 151 14.94 16.58 55.65
C PRO B 151 14.21 17.92 55.33
N GLU B 152 13.69 18.64 56.36
CA GLU B 152 12.88 19.90 56.14
C GLU B 152 13.81 20.95 55.50
N ARG B 153 15.09 20.96 55.87
CA ARG B 153 16.06 21.74 55.08
C ARG B 153 16.48 20.86 53.94
N HIS B 154 16.33 21.35 52.71
CA HIS B 154 16.70 20.57 51.53
C HIS B 154 16.95 21.32 50.22
N LEU B 155 17.74 20.62 49.40
CA LEU B 155 18.03 20.97 48.02
C LEU B 155 16.91 20.58 47.08
N THR B 156 16.17 21.60 46.64
CA THR B 156 15.15 21.48 45.57
C THR B 156 15.81 21.55 44.15
N ASN B 157 16.79 22.45 43.98
CA ASN B 157 17.47 22.59 42.66
C ASN B 157 18.87 23.14 42.75
N ALA B 158 19.62 22.99 41.67
CA ALA B 158 20.90 23.66 41.46
C ALA B 158 21.21 23.89 39.98
N ARG B 159 22.15 24.77 39.71
CA ARG B 159 22.56 25.12 38.35
C ARG B 159 24.09 25.11 38.25
N ILE B 160 24.62 24.42 37.23
CA ILE B 160 26.08 24.33 36.97
C ILE B 160 26.56 25.26 35.77
N LEU B 161 27.32 26.32 36.09
CA LEU B 161 27.91 27.18 35.07
C LEU B 161 29.28 26.54 34.78
N THR B 162 29.81 26.83 33.57
CA THR B 162 31.17 26.39 33.11
C THR B 162 31.87 27.49 32.26
N PRO B 163 32.30 28.58 32.90
CA PRO B 163 33.20 29.47 32.19
C PRO B 163 34.43 28.71 31.76
N ASP B 164 34.96 29.11 30.62
CA ASP B 164 36.20 28.57 30.10
C ASP B 164 36.16 27.06 30.07
N ALA B 165 35.15 26.56 29.36
CA ALA B 165 35.17 25.21 28.91
C ALA B 165 36.49 24.93 28.23
N LEU B 166 36.98 25.89 27.47
CA LEU B 166 38.08 25.70 26.56
C LEU B 166 39.47 25.79 27.23
N SER B 167 39.65 26.74 28.17
CA SER B 167 40.95 26.91 28.86
C SER B 167 41.48 25.56 29.40
N ASP B 168 42.77 25.50 29.62
CA ASP B 168 43.43 24.25 29.95
C ASP B 168 43.02 23.85 31.37
N ALA B 169 42.84 24.87 32.23
CA ALA B 169 42.30 24.75 33.61
C ALA B 169 40.91 25.42 33.70
N LYS B 170 39.97 24.72 34.30
CA LYS B 170 38.57 25.02 34.11
C LYS B 170 37.81 25.28 35.39
N THR B 171 36.97 26.31 35.37
CA THR B 171 36.14 26.62 36.53
C THR B 171 34.89 25.75 36.44
N VAL B 172 34.24 25.61 37.59
CA VAL B 172 32.86 25.13 37.72
C VAL B 172 32.20 26.02 38.78
N VAL B 173 31.17 26.80 38.40
CA VAL B 173 30.41 27.66 39.33
C VAL B 173 29.10 26.96 39.67
N ILE B 174 28.64 27.09 40.91
CA ILE B 174 27.46 26.37 41.39
C ILE B 174 26.57 27.33 42.22
N ARG B 175 25.29 27.19 41.98
CA ARG B 175 24.29 28.07 42.50
C ARG B 175 23.18 27.18 42.99
N PRO B 176 23.35 26.55 44.17
CA PRO B 176 22.32 25.64 44.66
C PRO B 176 21.09 26.40 45.09
N GLU B 177 19.94 25.75 44.99
CA GLU B 177 18.67 26.33 45.41
C GLU B 177 18.17 25.50 46.59
N VAL B 178 18.08 26.12 47.77
CA VAL B 178 17.87 25.45 49.05
C VAL B 178 16.68 26.06 49.78
N THR B 179 15.96 25.28 50.58
CA THR B 179 14.78 25.85 51.28
C THR B 179 15.19 26.95 52.28
N ALA B 180 16.34 26.79 52.92
CA ALA B 180 16.76 27.69 53.99
C ALA B 180 18.17 28.16 53.73
N PRO B 181 18.47 29.46 53.98
CA PRO B 181 19.91 29.89 53.99
C PRO B 181 20.76 29.03 54.95
N GLY B 182 22.02 28.77 54.64
CA GLY B 182 22.78 27.82 55.46
C GLY B 182 23.90 27.16 54.67
N PRO B 183 24.79 26.37 55.33
CA PRO B 183 25.90 25.81 54.56
C PRO B 183 25.49 24.72 53.56
N VAL B 184 26.21 24.72 52.41
CA VAL B 184 26.09 23.70 51.30
C VAL B 184 27.47 23.17 50.73
N ARG B 185 27.72 21.85 50.82
CA ARG B 185 29.02 21.21 50.40
C ARG B 185 28.91 20.60 49.03
N ALA B 186 29.98 20.79 48.23
CA ALA B 186 30.06 20.43 46.79
C ALA B 186 31.35 19.71 46.41
N ARG B 187 31.19 18.44 46.14
CA ARG B 187 32.22 17.57 45.60
C ARG B 187 31.91 17.32 44.13
N LEU B 188 32.73 17.90 43.25
CA LEU B 188 32.89 17.40 41.87
C LEU B 188 33.61 16.06 41.86
N LEU B 189 33.24 15.22 40.90
CA LEU B 189 33.75 13.86 40.81
C LEU B 189 33.56 13.26 39.41
N ASP B 190 34.46 12.34 39.04
CA ASP B 190 34.51 11.63 37.73
C ASP B 190 33.76 10.23 37.67
N GLY B 191 32.54 10.13 38.22
CA GLY B 191 31.83 8.84 38.37
C GLY B 191 32.31 7.98 39.54
N ASP B 192 33.63 7.98 39.78
CA ASP B 192 34.32 7.29 40.89
C ASP B 192 35.29 8.21 41.64
N ARG B 193 36.17 8.88 40.90
CA ARG B 193 37.18 9.76 41.44
C ARG B 193 36.64 11.06 42.04
N GLU B 194 37.33 11.69 42.99
CA GLU B 194 37.08 13.11 43.29
C GLU B 194 37.81 13.99 42.23
N ILE B 195 37.52 15.29 42.19
CA ILE B 195 38.37 16.23 41.47
C ILE B 195 38.64 17.45 42.34
N ALA B 196 37.62 18.04 42.96
CA ALA B 196 37.79 19.01 44.07
C ALA B 196 36.57 19.01 45.00
N ALA B 197 36.67 19.66 46.16
CA ALA B 197 35.49 19.90 47.00
C ALA B 197 35.28 21.40 47.29
N THR B 198 34.18 21.72 47.97
CA THR B 198 33.95 23.04 48.58
C THR B 198 32.69 23.09 49.48
N GLU B 199 32.77 23.72 50.67
CA GLU B 199 31.59 24.07 51.51
C GLU B 199 31.11 25.45 51.04
N GLY B 200 29.86 25.82 51.35
CA GLY B 200 29.50 27.28 51.01
C GLY B 200 28.13 27.87 51.47
N GLU B 201 28.35 28.96 52.17
CA GLU B 201 27.42 30.02 52.21
C GLU B 201 27.43 30.52 50.76
N GLY B 202 26.28 30.47 50.12
CA GLY B 202 26.04 31.29 48.94
C GLY B 202 26.50 30.57 47.71
N GLU B 203 27.31 31.25 46.89
CA GLU B 203 27.76 30.68 45.59
C GLU B 203 29.08 29.91 45.59
N LEU B 204 29.00 28.66 45.10
CA LEU B 204 30.11 27.67 45.17
C LEU B 204 30.91 27.60 43.90
N THR B 205 32.22 27.81 44.03
CA THR B 205 33.15 27.93 42.91
C THR B 205 34.13 26.75 43.07
N LEU B 206 34.51 26.14 41.93
CA LEU B 206 35.63 25.17 41.86
C LEU B 206 36.56 25.56 40.72
N ALA B 207 37.39 26.55 41.01
CA ALA B 207 38.32 27.11 40.04
C ALA B 207 39.57 26.23 39.87
N GLY B 208 40.12 26.29 38.67
CA GLY B 208 41.48 25.85 38.38
C GLY B 208 41.73 24.41 37.96
N LEU B 209 40.71 23.73 37.44
CA LEU B 209 40.78 22.26 37.24
C LEU B 209 41.50 21.91 35.98
N THR B 210 42.69 21.29 36.08
CA THR B 210 43.56 20.89 34.92
C THR B 210 43.29 19.43 34.51
N GLY B 211 43.40 19.15 33.22
CA GLY B 211 43.30 17.79 32.69
C GLY B 211 41.93 17.15 32.68
N LEU B 212 40.91 17.87 32.23
CA LEU B 212 39.56 17.32 32.02
C LEU B 212 39.17 17.46 30.49
N SER B 213 38.10 16.78 30.06
CA SER B 213 37.71 16.79 28.61
C SER B 213 36.48 17.58 28.22
N LEU B 214 36.65 18.22 27.07
CA LEU B 214 35.55 18.86 26.42
C LEU B 214 34.51 17.84 26.02
N TRP B 215 33.28 18.21 26.28
CA TRP B 215 32.16 17.51 25.76
C TRP B 215 31.86 18.01 24.37
N SER B 216 31.78 17.05 23.46
CA SER B 216 31.46 17.27 22.03
C SER B 216 30.70 16.09 21.37
N THR B 217 30.17 16.35 20.18
CA THR B 217 29.49 15.32 19.35
C THR B 217 30.45 14.17 19.09
N ASP B 218 31.71 14.56 18.84
CA ASP B 218 32.85 13.67 18.55
C ASP B 218 33.05 12.75 19.81
N ASN B 219 33.13 13.36 21.03
CA ASN B 219 33.37 12.69 22.36
C ASN B 219 32.51 13.31 23.58
N PRO B 220 31.54 12.55 24.18
CA PRO B 220 30.70 13.06 25.29
C PRO B 220 31.19 12.93 26.79
N GLN B 221 32.11 13.78 27.23
CA GLN B 221 32.65 13.66 28.57
C GLN B 221 31.68 14.22 29.54
N LEU B 222 31.22 13.36 30.46
CA LEU B 222 30.41 13.82 31.59
C LEU B 222 31.16 13.84 32.97
N TYR B 223 30.57 14.61 33.89
CA TYR B 223 31.10 14.81 35.23
C TYR B 223 29.92 15.06 36.10
N THR B 224 30.00 14.63 37.34
CA THR B 224 28.88 14.76 38.26
C THR B 224 29.30 15.74 39.38
N VAL B 225 28.37 16.59 39.82
CA VAL B 225 28.55 17.46 40.96
C VAL B 225 27.69 16.83 42.04
N GLU B 226 28.19 16.80 43.28
CA GLU B 226 27.43 16.26 44.41
C GLU B 226 27.19 17.24 45.59
N LEU B 227 25.93 17.47 45.96
CA LEU B 227 25.64 18.46 47.01
C LEU B 227 25.15 17.84 48.35
N THR B 228 25.83 18.20 49.44
CA THR B 228 25.51 17.74 50.76
C THR B 228 25.03 18.97 51.50
N LEU B 229 24.19 18.74 52.49
CA LEU B 229 23.96 19.71 53.52
C LEU B 229 24.49 19.11 54.80
N PRO B 230 25.48 19.75 55.48
CA PRO B 230 25.83 19.27 56.82
C PRO B 230 24.68 19.43 57.81
N ASP B 231 23.93 20.52 57.69
CA ASP B 231 22.83 20.78 58.63
C ASP B 231 21.89 19.57 58.61
N SER B 232 21.25 19.37 57.46
CA SER B 232 20.16 18.38 57.30
C SER B 232 20.61 17.00 56.77
N GLY B 233 21.82 16.90 56.24
CA GLY B 233 22.30 15.68 55.65
C GLY B 233 21.61 15.40 54.33
N ASP B 234 20.96 16.43 53.72
CA ASP B 234 20.32 16.25 52.40
C ASP B 234 21.40 16.10 51.31
N VAL B 235 21.12 15.21 50.35
CA VAL B 235 22.07 14.82 49.31
C VAL B 235 21.39 14.65 47.95
N THR B 236 22.01 15.25 46.93
CA THR B 236 21.49 15.28 45.54
C THR B 236 22.67 15.38 44.58
N THR B 237 22.53 14.74 43.40
CA THR B 237 23.52 14.81 42.28
C THR B 237 23.02 15.56 41.06
N HIS B 238 23.94 16.26 40.41
CA HIS B 238 23.65 17.06 39.23
C HIS B 238 24.78 16.82 38.22
N ARG B 239 24.42 16.50 36.96
CA ARG B 239 25.38 16.10 35.92
C ARG B 239 25.34 16.99 34.73
N PHE B 240 26.48 17.17 34.11
CA PHE B 240 26.71 18.30 33.24
C PHE B 240 27.92 17.91 32.38
N GLY B 241 28.37 18.85 31.53
CA GLY B 241 29.49 18.63 30.63
C GLY B 241 30.25 19.92 30.42
N PHE B 242 31.44 19.76 29.80
CA PHE B 242 32.33 20.89 29.49
C PHE B 242 32.34 21.31 27.98
N ARG B 243 31.36 22.12 27.54
CA ARG B 243 31.20 22.47 26.11
C ARG B 243 31.21 23.97 25.75
N THR B 244 31.33 24.29 24.44
CA THR B 244 30.93 25.63 23.93
C THR B 244 30.14 25.66 22.57
N ALA B 245 28.82 25.94 22.61
CA ALA B 245 27.92 26.36 21.44
C ALA B 245 27.80 27.90 21.11
N GLU B 246 28.67 28.40 20.25
CA GLU B 246 28.60 29.77 19.72
C GLU B 246 27.64 29.66 18.48
N TRP B 247 26.64 30.55 18.34
CA TRP B 247 25.86 30.72 17.07
C TRP B 247 26.26 32.07 16.48
N THR B 248 26.57 32.12 15.18
CA THR B 248 27.06 33.36 14.55
C THR B 248 26.56 33.44 13.10
N PRO B 249 26.42 34.67 12.55
CA PRO B 249 26.01 34.72 11.14
C PRO B 249 26.91 33.86 10.25
N GLN B 250 28.15 33.66 10.69
CA GLN B 250 29.11 32.79 9.98
C GLN B 250 28.75 31.32 10.07
N GLY B 251 28.16 30.87 11.17
CA GLY B 251 27.76 29.48 11.33
C GLY B 251 27.79 29.00 12.77
N PHE B 252 27.34 27.78 12.98
CA PHE B 252 27.29 27.21 14.33
C PHE B 252 28.65 26.70 14.78
N LEU B 253 29.05 27.02 16.00
CA LEU B 253 30.39 26.67 16.51
C LEU B 253 30.31 25.82 17.78
N LEU B 254 30.97 24.66 17.75
CA LEU B 254 31.04 23.74 18.89
C LEU B 254 32.49 23.51 19.41
N ASN B 255 32.74 23.93 20.66
CA ASN B 255 34.10 24.03 21.21
C ASN B 255 34.98 24.82 20.27
N GLY B 256 34.49 25.98 19.83
CA GLY B 256 35.13 26.69 18.74
C GLY B 256 34.96 26.04 17.37
N GLN B 257 35.39 24.78 17.19
CA GLN B 257 35.40 24.15 15.83
C GLN B 257 34.00 24.21 15.19
N PRO B 258 33.93 24.52 13.87
CA PRO B 258 32.67 24.83 13.20
C PRO B 258 31.88 23.58 12.96
N MET B 259 30.62 23.71 12.62
CA MET B 259 29.74 22.56 12.49
C MET B 259 28.46 22.83 11.70
N LYS B 260 28.28 22.12 10.57
CA LYS B 260 27.03 22.24 9.84
C LYS B 260 26.13 21.31 10.52
N LEU B 261 25.02 21.87 10.94
CA LEU B 261 24.06 21.11 11.71
C LEU B 261 23.23 20.30 10.72
N ARG B 262 22.68 19.21 11.23
CA ARG B 262 22.07 18.18 10.42
C ARG B 262 21.28 17.32 11.37
N GLY B 263 19.96 17.30 11.21
CA GLY B 263 19.11 16.51 12.10
C GLY B 263 17.70 16.29 11.60
N LEU B 264 16.84 15.86 12.54
CA LEU B 264 15.42 15.55 12.29
C LEU B 264 14.50 15.92 13.44
N ASN B 265 13.18 15.90 13.19
CA ASN B 265 12.19 16.23 14.21
C ASN B 265 11.65 14.94 14.87
N ARG B 266 11.21 15.05 16.12
CA ARG B 266 10.91 13.90 17.00
C ARG B 266 9.69 14.03 17.92
N HIS B 267 8.85 13.00 17.94
CA HIS B 267 7.72 12.84 18.91
C HIS B 267 7.88 11.75 19.97
N GLN B 268 7.11 11.78 21.07
CA GLN B 268 6.99 10.61 21.99
C GLN B 268 5.77 9.75 21.70
N SER B 269 4.94 10.17 20.73
CA SER B 269 3.88 9.34 20.18
C SER B 269 4.66 8.08 19.95
N TRP B 270 4.16 6.99 20.55
CA TRP B 270 4.37 5.59 20.08
C TRP B 270 3.08 5.06 19.50
N ALA B 271 3.11 3.92 18.84
CA ALA B 271 1.91 3.39 18.25
C ALA B 271 1.25 2.66 19.39
N HIS B 272 -0.08 2.69 19.39
CA HIS B 272 -0.97 2.16 20.46
C HIS B 272 -0.83 2.74 21.85
N GLN B 273 0.37 3.03 22.33
CA GLN B 273 0.57 3.41 23.74
C GLN B 273 0.73 4.91 23.93
N GLY B 274 0.78 5.63 22.81
CA GLY B 274 0.87 7.09 22.82
C GLY B 274 2.12 7.53 23.54
N TYR B 275 1.96 8.42 24.51
CA TYR B 275 3.12 8.95 25.18
C TYR B 275 3.80 7.95 26.10
N ALA B 276 3.03 7.01 26.68
CA ALA B 276 3.51 6.11 27.76
C ALA B 276 4.53 4.98 27.37
N ALA B 277 5.83 5.33 27.41
CA ALA B 277 6.90 4.36 27.19
C ALA B 277 8.18 4.71 27.99
N GLY B 278 8.84 3.65 28.44
CA GLY B 278 9.71 3.66 29.61
C GLY B 278 11.07 4.07 29.19
N ARG B 279 11.87 4.44 30.20
CA ARG B 279 13.25 4.94 30.03
C ARG B 279 13.92 4.23 28.88
N HIS B 280 14.00 2.92 29.04
CA HIS B 280 14.76 2.21 28.08
C HIS B 280 14.36 2.56 26.63
N ALA B 281 13.07 2.63 26.40
CA ALA B 281 12.56 2.93 25.07
C ALA B 281 12.92 4.35 24.63
N GLN B 282 12.77 5.29 25.57
CA GLN B 282 13.10 6.71 25.37
C GLN B 282 14.52 6.84 24.91
N GLU B 283 15.39 6.04 25.52
CA GLU B 283 16.82 6.02 25.15
C GLU B 283 17.10 5.54 23.69
N ARG B 284 16.49 4.39 23.38
CA ARG B 284 16.65 3.78 22.06
C ARG B 284 16.41 4.82 20.88
N ASP B 285 15.42 5.71 21.04
CA ASP B 285 15.13 6.80 20.06
C ASP B 285 16.25 7.82 19.89
N ALA B 286 16.86 8.23 21.00
CA ALA B 286 18.03 9.11 20.98
C ALA B 286 19.20 8.37 20.34
N GLU B 287 19.20 7.06 20.60
CA GLU B 287 20.18 6.17 20.02
C GLU B 287 20.03 6.05 18.47
N ILE B 288 18.80 5.88 17.99
CA ILE B 288 18.56 5.64 16.54
C ILE B 288 18.71 6.86 15.64
N VAL B 289 18.53 8.04 16.19
CA VAL B 289 19.04 9.25 15.51
C VAL B 289 20.57 9.18 15.42
N ARG B 290 21.24 9.35 16.56
CA ARG B 290 22.66 9.60 16.59
C ARG B 290 23.42 8.54 15.87
N HIS B 291 23.15 7.28 16.19
CA HIS B 291 24.02 6.23 15.66
C HIS B 291 23.60 5.85 14.27
N ASP B 292 22.34 5.48 14.06
CA ASP B 292 21.95 5.00 12.71
C ASP B 292 22.03 6.13 11.69
N LEU B 293 21.25 7.18 11.92
CA LEU B 293 21.17 8.33 10.97
C LEU B 293 22.31 9.36 11.08
N CYS B 294 23.43 9.02 11.72
CA CYS B 294 24.46 9.99 11.97
C CYS B 294 23.91 11.42 12.06
N CYS B 295 23.02 11.67 13.00
CA CYS B 295 22.46 12.98 13.13
C CYS B 295 23.03 13.61 14.38
N ASN B 296 23.74 14.70 14.17
CA ASN B 296 24.23 15.52 15.27
C ASN B 296 23.15 16.29 16.02
N MET B 297 21.98 16.53 15.45
CA MET B 297 20.90 17.29 16.18
C MET B 297 19.51 16.67 16.13
N VAL B 298 18.71 16.97 17.17
CA VAL B 298 17.30 16.60 17.27
C VAL B 298 16.48 17.77 17.89
N ARG B 299 15.28 17.95 17.31
CA ARG B 299 14.31 18.94 17.75
C ARG B 299 13.15 18.21 18.40
N THR B 300 13.04 18.43 19.70
CA THR B 300 11.95 17.89 20.52
C THR B 300 10.59 18.51 20.06
N SER B 301 10.03 17.99 18.98
CA SER B 301 8.80 18.56 18.44
C SER B 301 7.54 17.92 19.09
N HIS B 302 6.58 18.71 19.63
CA HIS B 302 6.65 20.16 19.89
C HIS B 302 6.53 20.57 21.33
N TYR B 303 7.40 20.06 22.20
CA TYR B 303 7.20 20.19 23.63
C TYR B 303 8.35 19.57 24.33
N PRO B 304 8.45 19.81 25.65
CA PRO B 304 9.54 19.13 26.33
C PRO B 304 9.29 17.63 26.51
N GLN B 305 10.41 16.93 26.58
CA GLN B 305 10.46 15.49 26.54
C GLN B 305 11.08 14.88 27.79
N SER B 306 11.14 13.55 27.80
CA SER B 306 11.67 12.79 28.93
C SER B 306 13.13 13.17 29.17
N THR B 307 13.45 13.42 30.45
CA THR B 307 14.84 13.61 30.87
C THR B 307 15.60 12.30 30.63
N TRP B 308 14.90 11.14 30.62
CA TRP B 308 15.52 9.85 30.22
C TRP B 308 16.11 9.91 28.78
N PHE B 309 15.40 10.60 27.87
CA PHE B 309 15.93 10.95 26.53
C PHE B 309 17.05 12.01 26.67
N LEU B 310 16.77 13.11 27.38
CA LEU B 310 17.71 14.23 27.44
C LEU B 310 19.06 13.85 28.08
N ASP B 311 19.03 12.98 29.12
CA ASP B 311 20.23 12.32 29.67
C ASP B 311 20.96 11.61 28.51
N ARG B 312 20.21 10.76 27.82
CA ARG B 312 20.76 9.90 26.78
C ARG B 312 21.56 10.62 25.72
N CYS B 313 20.97 11.67 25.16
CA CYS B 313 21.69 12.58 24.28
C CYS B 313 22.89 13.34 24.88
N ASP B 314 22.95 13.56 26.20
CA ASP B 314 24.16 14.12 26.83
C ASP B 314 25.27 13.02 26.67
N GLU B 315 24.82 11.76 26.80
CA GLU B 315 25.70 10.58 26.91
C GLU B 315 26.33 10.09 25.68
N ILE B 316 25.65 10.32 24.57
CA ILE B 316 26.04 9.76 23.26
C ILE B 316 26.36 10.84 22.20
N GLY B 317 26.60 12.09 22.62
CA GLY B 317 27.06 13.13 21.68
C GLY B 317 26.06 13.58 20.63
N LEU B 318 24.86 13.98 21.12
CA LEU B 318 23.70 14.44 20.31
C LEU B 318 23.11 15.76 20.81
N LEU B 319 23.34 16.86 20.09
CA LEU B 319 22.91 18.20 20.52
C LEU B 319 21.43 18.17 20.50
N VAL B 320 20.82 19.17 21.14
CA VAL B 320 19.37 19.20 21.28
C VAL B 320 18.86 20.61 21.10
N PHE B 321 17.62 20.69 20.62
CA PHE B 321 16.86 21.94 20.42
C PHE B 321 15.51 21.65 21.08
N GLU B 322 15.25 22.28 22.23
CA GLU B 322 13.98 22.02 23.00
C GLU B 322 13.10 23.25 23.02
N GLU B 323 11.79 23.03 23.15
CA GLU B 323 10.82 24.12 23.19
C GLU B 323 9.53 23.85 23.96
N ILE B 324 8.91 24.96 24.40
CA ILE B 324 7.63 24.96 25.11
C ILE B 324 6.62 24.24 24.29
N PRO B 325 5.68 23.56 24.95
CA PRO B 325 4.61 22.89 24.20
C PRO B 325 3.77 23.93 23.45
N GLY B 326 3.29 23.54 22.26
CA GLY B 326 2.49 24.45 21.42
C GLY B 326 2.45 24.15 19.93
N TRP B 327 1.51 24.82 19.24
CA TRP B 327 1.20 24.57 17.82
C TRP B 327 0.39 25.66 17.09
N GLN B 328 1.10 26.72 16.73
CA GLN B 328 0.54 27.80 15.96
C GLN B 328 -0.41 28.70 16.73
N HIS B 329 -1.29 28.10 17.56
CA HIS B 329 -2.36 28.78 18.35
C HIS B 329 -1.90 29.57 19.58
N ILE B 330 -2.53 30.73 19.81
CA ILE B 330 -2.23 31.63 20.95
C ILE B 330 -3.51 31.95 21.76
N GLY B 331 -3.51 31.67 23.04
CA GLY B 331 -4.68 31.91 23.83
C GLY B 331 -4.74 33.33 24.37
N ASP B 332 -5.84 33.54 25.09
CA ASP B 332 -6.16 34.68 25.95
C ASP B 332 -5.00 35.09 26.87
N GLN B 333 -5.19 36.11 27.72
CA GLN B 333 -4.15 36.46 28.71
C GLN B 333 -3.73 35.27 29.55
N ALA B 334 -4.72 34.53 30.06
CA ALA B 334 -4.52 33.39 30.94
C ALA B 334 -3.50 32.37 30.42
N TRP B 335 -3.71 32.02 29.15
CA TRP B 335 -3.02 30.93 28.43
C TRP B 335 -1.59 31.32 28.03
N GLN B 336 -1.42 32.56 27.62
CA GLN B 336 -0.09 33.13 27.37
C GLN B 336 0.67 33.11 28.67
N ASP B 337 -0.06 33.47 29.74
CA ASP B 337 0.46 33.50 31.13
C ASP B 337 0.90 32.06 31.42
N ARG B 338 -0.02 31.11 31.28
CA ARG B 338 0.35 29.68 31.45
C ARG B 338 1.65 29.32 30.70
N SER B 339 1.88 29.95 29.55
CA SER B 339 3.09 29.74 28.75
C SER B 339 4.33 30.36 29.32
N VAL B 340 4.37 31.64 29.63
CA VAL B 340 5.60 32.12 30.20
C VAL B 340 5.86 31.23 31.40
N ASP B 341 4.80 30.77 32.07
CA ASP B 341 4.95 29.87 33.23
C ASP B 341 5.61 28.56 32.82
N ASN B 342 5.23 28.08 31.63
CA ASN B 342 5.82 26.87 30.95
C ASN B 342 7.27 26.99 30.44
N VAL B 343 7.66 28.14 29.87
CA VAL B 343 9.10 28.49 29.69
C VAL B 343 9.81 28.26 31.02
N ARG B 344 9.43 29.01 32.07
CA ARG B 344 10.03 28.92 33.40
C ARG B 344 10.21 27.44 33.77
N ALA B 345 9.11 26.68 33.79
CA ALA B 345 9.13 25.26 34.22
C ALA B 345 10.15 24.39 33.41
N MET B 346 10.31 24.74 32.13
CA MET B 346 11.20 24.02 31.20
C MET B 346 12.68 24.30 31.42
N ILE B 347 13.08 25.57 31.55
CA ILE B 347 14.51 25.93 31.70
C ILE B 347 15.03 25.41 33.04
N THR B 348 14.38 25.83 34.12
CA THR B 348 14.69 25.41 35.48
C THR B 348 15.00 23.89 35.55
N ARG B 349 14.19 23.10 34.82
CA ARG B 349 14.35 21.64 34.75
C ARG B 349 15.55 21.11 34.02
N ASP B 350 15.99 21.82 33.00
CA ASP B 350 17.03 21.30 32.08
C ASP B 350 18.21 22.24 31.88
N TRP B 351 18.38 23.24 32.75
CA TRP B 351 19.49 24.19 32.62
C TRP B 351 20.93 23.59 32.68
N ASN B 352 21.09 22.34 33.14
CA ASN B 352 22.41 21.65 33.23
C ASN B 352 22.73 20.60 32.10
N HIS B 353 21.77 20.20 31.25
CA HIS B 353 22.11 19.29 30.08
C HIS B 353 23.02 20.00 29.05
N PRO B 354 24.26 19.49 28.89
CA PRO B 354 25.10 20.00 27.81
C PRO B 354 24.55 19.77 26.41
N SER B 355 23.71 18.75 26.24
CA SER B 355 23.21 18.34 24.93
C SER B 355 22.44 19.49 24.29
N ILE B 356 21.39 19.96 24.98
CA ILE B 356 20.60 21.17 24.63
C ILE B 356 21.55 22.33 24.37
N VAL B 357 21.27 23.05 23.27
CA VAL B 357 22.03 24.26 22.82
C VAL B 357 21.18 25.47 22.34
N ILE B 358 19.86 25.24 22.27
CA ILE B 358 18.91 26.25 21.86
C ILE B 358 17.45 26.04 22.43
N TRP B 359 16.86 27.18 22.88
CA TRP B 359 15.52 27.28 23.43
C TRP B 359 14.52 27.87 22.38
N GLY B 360 13.54 27.04 22.02
CA GLY B 360 12.31 27.48 21.32
C GLY B 360 11.36 28.04 22.36
N VAL B 361 11.37 29.39 22.40
CA VAL B 361 10.48 30.14 23.31
C VAL B 361 9.21 30.64 22.62
N ARG B 362 9.18 30.63 21.26
CA ARG B 362 7.96 30.93 20.50
C ARG B 362 7.12 29.67 20.31
N ILE B 363 5.80 29.87 20.37
CA ILE B 363 4.82 28.79 20.17
C ILE B 363 5.01 28.38 18.75
N ASN B 364 5.10 27.09 18.53
CA ASN B 364 5.51 26.63 17.23
C ASN B 364 4.72 27.23 16.07
N GLU B 365 5.42 28.02 15.26
CA GLU B 365 4.79 28.60 14.05
C GLU B 365 3.63 29.56 14.32
N SER B 366 3.71 30.36 15.36
CA SER B 366 2.68 31.37 15.52
C SER B 366 3.02 32.55 14.60
N PRO B 367 2.00 33.36 14.30
CA PRO B 367 2.28 34.74 13.93
C PRO B 367 2.86 35.54 15.11
N ASP B 368 3.68 36.56 14.82
CA ASP B 368 4.40 37.35 15.83
C ASP B 368 3.46 37.95 16.87
N ASN B 369 3.98 38.18 18.08
CA ASN B 369 3.22 38.72 19.24
C ASN B 369 4.21 39.55 20.12
N HIS B 370 4.28 40.86 19.89
CA HIS B 370 5.21 41.73 20.62
C HIS B 370 5.06 41.52 22.11
N ASP B 371 3.85 41.77 22.61
CA ASP B 371 3.53 41.75 24.03
C ASP B 371 3.83 40.38 24.63
N PHE B 372 3.39 39.35 23.98
CA PHE B 372 3.55 38.01 24.53
C PHE B 372 4.96 37.41 24.48
N TYR B 373 5.71 37.66 23.41
CA TYR B 373 7.01 37.04 23.24
C TYR B 373 8.12 37.75 23.91
N VAL B 374 8.23 39.07 23.71
CA VAL B 374 9.21 39.88 24.50
C VAL B 374 9.28 39.29 25.94
N ARG B 375 8.11 38.89 26.47
CA ARG B 375 7.96 38.17 27.74
C ARG B 375 8.86 36.92 27.83
N THR B 376 8.49 35.85 27.10
CA THR B 376 9.22 34.52 27.05
C THR B 376 10.72 34.62 26.72
N ASN B 377 11.03 35.25 25.59
CA ASN B 377 12.37 35.78 25.35
C ASN B 377 13.07 36.41 26.53
N ALA B 378 12.60 37.59 26.94
CA ALA B 378 13.22 38.28 28.05
C ALA B 378 13.31 37.27 29.23
N LEU B 379 12.24 36.48 29.47
CA LEU B 379 12.18 35.55 30.64
C LEU B 379 13.27 34.52 30.63
N ALA B 380 13.39 33.85 29.51
CA ALA B 380 14.32 32.77 29.41
C ALA B 380 15.74 33.29 29.69
N ARG B 381 16.19 34.26 28.87
CA ARG B 381 17.49 34.91 29.02
C ARG B 381 17.91 35.36 30.41
N GLU B 382 16.94 35.66 31.30
CA GLU B 382 17.15 35.97 32.75
C GLU B 382 17.32 34.68 33.57
N LEU B 383 16.70 33.60 33.09
CA LEU B 383 16.87 32.24 33.63
C LEU B 383 18.10 31.49 33.18
N ASP B 384 18.69 31.93 32.07
CA ASP B 384 19.80 31.24 31.38
C ASP B 384 20.57 32.09 30.34
N PRO B 385 21.67 32.78 30.76
CA PRO B 385 22.42 33.60 29.78
C PRO B 385 23.30 32.75 28.85
N THR B 386 23.74 31.62 29.38
CA THR B 386 24.73 30.72 28.74
C THR B 386 24.43 30.22 27.32
N ARG B 387 23.16 30.08 27.00
CA ARG B 387 22.74 29.47 25.74
C ARG B 387 21.94 30.45 24.91
N ALA B 388 21.82 30.12 23.62
CA ALA B 388 21.22 30.99 22.65
C ALA B 388 19.80 30.50 22.46
N ILE B 389 19.07 31.27 21.64
CA ILE B 389 17.57 31.30 21.57
C ILE B 389 16.99 31.64 20.19
N GLY B 390 15.99 30.87 19.83
CA GLY B 390 15.23 31.07 18.64
C GLY B 390 13.81 30.61 18.92
N GLY B 391 12.98 30.72 17.89
CA GLY B 391 11.59 30.32 18.02
C GLY B 391 11.03 30.09 16.64
N VAL B 392 10.49 28.90 16.46
CA VAL B 392 10.14 28.38 15.14
C VAL B 392 8.95 29.06 14.47
N ARG B 393 9.19 29.34 13.19
CA ARG B 393 8.22 30.04 12.35
C ARG B 393 8.13 29.43 10.97
N CYS B 394 7.13 29.85 10.22
CA CYS B 394 7.14 29.62 8.82
C CYS B 394 6.90 30.91 8.06
N ILE B 395 6.85 32.07 8.71
CA ILE B 395 6.53 33.33 8.02
C ILE B 395 7.77 34.19 7.89
N THR B 396 7.86 35.00 6.84
CA THR B 396 9.05 35.85 6.60
C THR B 396 9.00 37.21 7.37
N ASP B 397 10.04 38.04 7.22
CA ASP B 397 10.04 39.43 7.69
C ASP B 397 9.69 39.57 9.17
N SER B 398 10.03 38.55 9.97
CA SER B 398 9.42 38.39 11.29
C SER B 398 10.19 39.12 12.39
N GLU B 399 9.43 39.63 13.38
CA GLU B 399 9.94 40.29 14.57
C GLU B 399 10.88 39.32 15.23
N MET B 400 12.17 39.52 14.96
CA MET B 400 13.23 38.66 15.48
C MET B 400 13.73 39.17 16.83
N LEU B 401 13.00 38.86 17.90
CA LEU B 401 13.45 39.22 19.24
C LEU B 401 14.49 38.21 19.76
N GLU B 402 14.63 37.10 19.03
CA GLU B 402 15.43 35.97 19.47
C GLU B 402 16.88 36.07 18.92
N ASP B 403 17.75 35.24 19.52
CA ASP B 403 19.19 35.17 19.13
C ASP B 403 19.32 34.58 17.71
N VAL B 404 18.42 33.63 17.39
CA VAL B 404 18.49 32.79 16.15
C VAL B 404 17.20 32.71 15.32
N TYR B 405 17.29 33.02 14.03
CA TYR B 405 16.13 33.10 13.19
C TYR B 405 15.79 31.73 12.61
N THR B 406 15.05 30.96 13.41
CA THR B 406 14.71 29.55 13.11
C THR B 406 13.53 29.37 12.18
N MET B 407 13.81 28.87 10.96
CA MET B 407 12.89 28.94 9.78
C MET B 407 12.45 27.57 9.23
N ASN B 408 11.22 27.48 8.77
CA ASN B 408 10.68 26.25 8.19
C ASN B 408 10.51 26.33 6.69
N ASP B 409 11.62 26.27 5.96
CA ASP B 409 11.55 26.41 4.49
C ASP B 409 10.86 25.17 3.80
N PHE B 410 9.56 25.25 3.54
CA PHE B 410 8.81 24.20 2.78
C PHE B 410 8.69 24.57 1.32
N ILE B 411 9.51 25.53 0.90
CA ILE B 411 9.53 26.01 -0.46
C ILE B 411 9.47 24.85 -1.46
N LEU B 412 9.99 23.68 -1.09
CA LEU B 412 10.05 22.50 -1.99
C LEU B 412 8.96 21.43 -1.76
N ASP B 413 8.03 21.18 -2.72
CA ASP B 413 7.93 21.76 -4.11
C ASP B 413 6.63 22.58 -4.32
N GLU B 414 6.77 23.89 -4.10
CA GLU B 414 5.71 24.86 -4.30
C GLU B 414 5.33 25.04 -5.81
N SER B 415 6.28 25.08 -6.75
CA SER B 415 5.97 25.28 -8.20
C SER B 415 4.94 24.29 -8.79
N GLU B 416 4.77 23.14 -8.16
CA GLU B 416 3.67 22.20 -8.45
C GLU B 416 2.29 22.78 -8.43
N LEU B 417 2.11 23.89 -7.71
CA LEU B 417 0.88 24.67 -7.72
C LEU B 417 0.85 25.51 -9.00
N PRO B 418 -0.29 25.54 -9.69
CA PRO B 418 -0.33 26.14 -11.01
C PRO B 418 -0.12 27.64 -11.01
N LEU B 419 -0.51 28.35 -9.95
CA LEU B 419 -0.39 29.81 -9.95
C LEU B 419 1.01 30.27 -9.47
N ILE B 420 2.09 29.65 -10.00
CA ILE B 420 3.52 29.83 -9.54
C ILE B 420 4.62 29.86 -10.62
N ASN B 421 5.26 31.02 -10.79
CA ASN B 421 6.40 31.14 -11.68
C ASN B 421 7.61 30.48 -11.13
N ARG B 422 7.91 30.70 -9.85
CA ARG B 422 9.23 30.38 -9.36
C ARG B 422 9.66 28.94 -9.77
N PRO B 423 10.89 28.83 -10.34
CA PRO B 423 11.38 27.53 -10.81
C PRO B 423 11.80 26.74 -9.60
N ARG B 424 11.71 25.41 -9.62
CA ARG B 424 12.03 24.57 -8.42
C ARG B 424 13.22 25.03 -7.50
N THR B 425 13.02 25.14 -6.18
CA THR B 425 14.05 25.64 -5.21
C THR B 425 13.96 24.76 -3.97
N ALA B 426 15.10 24.28 -3.44
CA ALA B 426 15.12 23.49 -2.19
C ALA B 426 14.96 24.39 -0.97
N LEU B 427 15.71 25.50 -0.96
CA LEU B 427 15.72 26.49 0.12
C LEU B 427 15.78 27.94 -0.35
N ARG B 428 15.19 28.83 0.44
CA ARG B 428 15.22 30.25 0.14
C ARG B 428 16.58 30.89 0.53
N PRO B 429 17.08 31.88 -0.23
CA PRO B 429 18.19 32.70 0.24
C PRO B 429 17.88 33.40 1.57
N THR B 430 18.74 33.24 2.58
CA THR B 430 18.50 33.86 3.92
C THR B 430 18.02 35.34 3.81
N GLU B 431 18.77 36.13 3.02
CA GLU B 431 18.49 37.50 2.65
C GLU B 431 17.01 37.82 2.52
N GLU B 432 16.29 37.01 1.77
CA GLU B 432 14.88 37.25 1.55
C GLU B 432 14.04 36.92 2.79
N VAL B 433 14.27 35.74 3.37
CA VAL B 433 13.41 35.19 4.47
C VAL B 433 13.31 36.04 5.77
N THR B 434 14.41 36.63 6.22
CA THR B 434 14.40 37.48 7.43
C THR B 434 13.84 38.90 7.21
N GLY B 435 14.13 39.51 6.06
CA GLY B 435 13.85 40.92 5.79
C GLY B 435 14.59 41.80 6.78
N ILE B 436 15.86 41.48 6.91
CA ILE B 436 16.75 42.10 7.85
C ILE B 436 17.96 42.28 6.96
N LYS B 437 18.30 43.51 6.57
CA LYS B 437 19.48 43.72 5.70
C LYS B 437 20.81 43.07 6.27
N LYS B 438 21.00 43.16 7.61
CA LYS B 438 22.17 42.59 8.35
C LYS B 438 22.06 41.07 8.28
N PRO B 439 23.19 40.36 8.22
CA PRO B 439 23.17 38.89 8.33
C PRO B 439 23.05 38.47 9.77
N VAL B 440 22.30 37.41 10.04
CA VAL B 440 21.92 37.00 11.40
C VAL B 440 21.86 35.51 11.48
N PRO B 441 21.98 34.93 12.69
CA PRO B 441 22.03 33.45 12.68
C PRO B 441 20.73 32.78 12.13
N TYR B 442 20.88 32.01 11.09
CA TYR B 442 19.75 31.36 10.42
C TYR B 442 19.91 29.82 10.57
N LEU B 443 18.83 29.16 11.00
CA LEU B 443 18.76 27.69 11.05
C LEU B 443 17.45 27.17 10.49
N VAL B 444 17.56 26.21 9.58
CA VAL B 444 16.38 25.60 8.96
C VAL B 444 15.87 24.43 9.78
N THR B 445 14.65 24.54 10.27
CA THR B 445 14.15 23.67 11.36
C THR B 445 13.16 22.58 10.98
N GLU B 446 12.57 22.71 9.79
CA GLU B 446 11.63 21.73 9.24
C GLU B 446 11.57 21.92 7.72
N TYR B 447 11.33 20.83 7.02
CA TYR B 447 11.16 20.86 5.58
C TYR B 447 10.68 19.51 5.11
N ASN B 448 10.11 19.53 3.89
CA ASN B 448 9.46 18.35 3.30
C ASN B 448 8.10 17.91 3.89
N GLY B 449 8.02 16.77 4.61
CA GLY B 449 6.80 16.29 5.26
C GLY B 449 5.58 16.39 4.36
N HIS B 450 4.58 17.17 4.80
CA HIS B 450 3.34 17.38 4.03
C HIS B 450 3.60 17.75 2.54
N MET B 451 4.75 18.36 2.20
CA MET B 451 5.09 18.66 0.78
C MET B 451 5.08 17.38 -0.10
N PHE B 452 5.62 16.29 0.43
CA PHE B 452 5.71 14.99 -0.25
C PHE B 452 5.61 13.84 0.77
N PRO B 453 4.36 13.45 1.08
CA PRO B 453 3.98 12.22 1.77
C PRO B 453 4.42 10.91 1.07
N THR B 454 4.77 9.89 1.86
CA THR B 454 5.28 8.63 1.30
C THR B 454 5.02 7.46 2.27
N LYS B 455 4.03 6.65 1.98
CA LYS B 455 3.77 5.50 2.83
C LYS B 455 4.95 4.62 2.68
N ALA B 456 5.11 3.72 3.63
CA ALA B 456 6.26 2.84 3.59
C ALA B 456 6.02 1.77 2.59
N GLN B 457 4.75 1.51 2.30
CA GLN B 457 4.41 0.58 1.29
C GLN B 457 4.58 1.21 -0.07
N ASP B 458 4.50 2.53 -0.18
CA ASP B 458 4.49 3.22 -1.52
C ASP B 458 5.53 2.84 -2.64
N PRO B 459 5.21 3.06 -3.94
CA PRO B 459 5.96 2.50 -5.06
C PRO B 459 7.31 3.19 -5.42
N GLU B 460 8.25 2.37 -5.87
CA GLU B 460 9.67 2.75 -6.10
C GLU B 460 9.87 4.20 -6.55
N LEU B 461 9.17 4.60 -7.60
CA LEU B 461 9.41 5.92 -8.19
C LEU B 461 9.19 7.08 -7.20
N ARG B 462 8.13 6.97 -6.41
CA ARG B 462 7.80 7.97 -5.37
C ARG B 462 8.90 8.02 -4.31
N GLN B 463 9.41 6.83 -3.99
CA GLN B 463 10.44 6.60 -2.98
C GLN B 463 11.75 7.18 -3.37
N MET B 464 12.11 7.02 -4.61
CA MET B 464 13.31 7.62 -5.07
C MET B 464 13.17 9.11 -4.92
N GLU B 465 11.96 9.66 -5.09
CA GLU B 465 11.77 11.11 -5.06
C GLU B 465 11.81 11.64 -3.67
N HIS B 466 11.20 10.90 -2.75
CA HIS B 466 11.29 11.19 -1.30
C HIS B 466 12.77 11.41 -0.99
N VAL B 467 13.52 10.38 -1.29
CA VAL B 467 14.95 10.40 -1.09
C VAL B 467 15.57 11.62 -1.79
N ILE B 468 15.21 11.81 -3.05
CA ILE B 468 15.84 12.83 -3.86
C ILE B 468 15.71 14.09 -3.09
N ARG B 469 14.50 14.41 -2.69
CA ARG B 469 14.24 15.71 -2.13
C ARG B 469 15.02 15.88 -0.83
N HIS B 470 14.86 14.94 0.08
CA HIS B 470 15.73 14.95 1.25
C HIS B 470 17.21 15.28 0.95
N LEU B 471 17.81 14.60 0.00
CA LEU B 471 19.18 14.94 -0.41
C LEU B 471 19.35 16.44 -0.87
N GLU B 472 18.31 16.96 -1.56
CA GLU B 472 18.39 18.24 -2.27
C GLU B 472 18.47 19.34 -1.29
N VAL B 473 17.79 19.11 -0.19
CA VAL B 473 17.80 20.07 0.83
C VAL B 473 19.16 20.06 1.51
N LEU B 474 19.57 18.90 1.99
CA LEU B 474 20.84 18.74 2.68
C LEU B 474 21.97 19.34 1.94
N ASN B 475 21.91 19.21 0.61
CA ASN B 475 22.96 19.78 -0.23
C ASN B 475 23.04 21.29 -0.22
N ALA B 476 21.86 21.90 -0.34
CA ALA B 476 21.73 23.33 -0.35
C ALA B 476 22.28 23.85 0.96
N ALA B 477 21.78 23.27 2.06
CA ALA B 477 22.15 23.62 3.44
C ALA B 477 23.65 23.56 3.67
N HIS B 478 24.26 22.48 3.25
CA HIS B 478 25.69 22.42 3.29
C HIS B 478 26.34 23.46 2.37
N GLY B 479 25.68 23.77 1.26
CA GLY B 479 26.22 24.71 0.30
C GLY B 479 26.35 26.18 0.66
N ASP B 480 25.40 26.71 1.44
CA ASP B 480 25.31 28.16 1.72
C ASP B 480 25.82 28.49 3.16
N PRO B 481 26.92 29.30 3.31
CA PRO B 481 27.39 29.61 4.67
C PRO B 481 26.45 30.48 5.56
N ALA B 482 25.47 31.24 5.00
CA ALA B 482 24.48 31.99 5.87
C ALA B 482 23.48 31.07 6.61
N ILE B 483 23.49 29.78 6.24
CA ILE B 483 22.60 28.79 6.81
C ILE B 483 23.39 27.86 7.68
N SER B 484 23.03 27.81 8.96
CA SER B 484 23.81 27.12 9.97
C SER B 484 23.37 25.69 10.13
N GLY B 485 23.09 25.01 9.01
CA GLY B 485 22.56 23.64 9.02
C GLY B 485 21.04 23.53 9.01
N CYS B 486 20.52 22.30 9.12
CA CYS B 486 19.09 22.08 8.94
C CYS B 486 18.55 20.76 9.44
N ILE B 487 17.23 20.68 9.56
CA ILE B 487 16.60 19.58 10.28
C ILE B 487 15.35 19.08 9.56
N GLY B 488 15.33 17.79 9.19
CA GLY B 488 14.24 17.20 8.39
C GLY B 488 12.93 16.83 9.07
N TRP B 489 11.80 17.15 8.44
CA TRP B 489 10.50 16.74 8.98
C TRP B 489 10.11 15.45 8.29
N CYS B 490 10.22 14.28 8.92
CA CYS B 490 10.55 14.05 10.31
C CYS B 490 11.21 12.67 10.51
N MET B 491 11.45 12.23 11.74
CA MET B 491 12.05 10.91 11.95
C MET B 491 11.08 9.78 11.53
N PHE B 492 9.96 9.68 12.20
CA PHE B 492 9.01 8.61 11.95
C PHE B 492 7.69 9.21 11.72
N ASP B 493 6.79 8.41 11.19
CA ASP B 493 5.37 8.81 11.05
C ASP B 493 4.75 8.74 12.43
N TYR B 494 3.90 9.74 12.71
CA TYR B 494 3.30 9.97 14.03
C TYR B 494 1.76 9.93 14.01
N ASN B 495 1.13 9.24 14.96
CA ASN B 495 -0.35 9.33 15.02
C ASN B 495 -0.96 10.80 15.20
N THR B 496 -2.15 11.10 14.65
CA THR B 496 -2.65 12.50 14.62
C THR B 496 -4.21 12.70 14.62
N HIS B 497 -4.65 13.97 14.47
CA HIS B 497 -6.08 14.42 14.48
C HIS B 497 -6.75 14.31 13.09
N LYS B 498 -8.10 14.35 13.04
CA LYS B 498 -8.88 14.32 11.78
C LYS B 498 -8.56 15.42 10.74
N ASP B 499 -8.14 16.60 11.18
CA ASP B 499 -7.75 17.68 10.24
C ASP B 499 -6.44 17.47 9.45
N PHE B 500 -5.67 16.40 9.76
CA PHE B 500 -4.30 16.16 9.22
C PHE B 500 -4.09 14.72 8.87
N GLY B 501 -3.33 14.45 7.82
CA GLY B 501 -2.96 13.07 7.42
C GLY B 501 -3.74 12.47 6.26
N ALA B 502 -3.71 11.14 6.15
CA ALA B 502 -4.37 10.42 5.01
C ALA B 502 -5.82 10.06 5.26
N GLY B 503 -6.38 10.57 6.35
CA GLY B 503 -7.71 10.22 6.78
C GLY B 503 -7.68 9.14 7.82
N ASP B 504 -6.57 8.38 7.86
CA ASP B 504 -6.37 7.24 8.76
C ASP B 504 -5.84 7.55 10.16
N ARG B 505 -5.52 8.82 10.40
CA ARG B 505 -4.91 9.38 11.64
C ARG B 505 -3.38 9.16 11.68
N ILE B 506 -2.82 8.95 10.50
CA ILE B 506 -1.36 9.05 10.29
C ILE B 506 -0.98 10.17 9.30
N CYS B 507 0.12 10.83 9.65
CA CYS B 507 0.86 11.70 8.75
C CYS B 507 2.11 10.98 8.34
N HIS B 508 2.17 10.56 7.09
CA HIS B 508 3.23 9.70 6.59
C HIS B 508 4.51 10.54 6.11
N HIS B 509 5.20 11.13 7.10
CA HIS B 509 6.25 12.12 6.88
C HIS B 509 7.66 11.64 7.35
N GLY B 510 7.68 10.63 8.25
CA GLY B 510 8.92 10.01 8.77
C GLY B 510 9.78 9.42 7.66
N VAL B 511 11.10 9.56 7.78
CA VAL B 511 12.04 8.80 6.95
C VAL B 511 12.21 7.38 7.53
N MET B 512 11.47 7.10 8.60
CA MET B 512 11.27 5.78 9.15
C MET B 512 9.77 5.58 9.29
N ASP B 513 9.35 4.34 9.45
CA ASP B 513 7.93 4.10 9.77
C ASP B 513 7.70 4.42 11.21
N ILE B 514 6.49 4.20 11.69
CA ILE B 514 6.15 4.52 13.09
C ILE B 514 6.86 3.66 14.16
N TRP B 515 7.42 2.52 13.71
CA TRP B 515 8.23 1.64 14.56
C TRP B 515 9.74 1.92 14.54
N ARG B 516 10.13 3.09 14.02
CA ARG B 516 11.52 3.52 14.05
C ARG B 516 12.33 2.54 13.21
N GLU B 517 11.70 2.06 12.13
CA GLU B 517 12.27 1.17 11.12
C GLU B 517 12.39 1.97 9.84
N PRO B 518 13.55 1.95 9.19
CA PRO B 518 13.82 2.90 8.10
C PRO B 518 13.09 2.66 6.74
N LYS B 519 12.63 3.74 6.12
CA LYS B 519 12.18 3.68 4.76
C LYS B 519 13.43 3.95 3.97
N PHE B 520 13.35 3.95 2.67
CA PHE B 520 14.55 4.20 1.91
C PHE B 520 15.18 5.49 2.34
N ALA B 521 14.44 6.57 2.45
CA ALA B 521 15.06 7.87 2.75
C ALA B 521 15.65 8.03 4.14
N ALA B 522 15.80 6.92 4.87
CA ALA B 522 16.52 6.92 6.14
C ALA B 522 17.97 6.83 5.90
N HIS B 523 18.35 6.26 4.76
CA HIS B 523 19.78 6.02 4.43
C HIS B 523 20.44 7.25 3.73
N ALA B 524 19.63 8.27 3.40
CA ALA B 524 20.12 9.56 2.98
C ALA B 524 20.77 10.27 4.16
N TYR B 525 20.19 10.10 5.36
CA TYR B 525 20.86 10.63 6.58
C TYR B 525 21.90 9.62 7.12
N GLY B 526 21.63 8.33 6.88
CA GLY B 526 22.46 7.20 7.32
C GLY B 526 23.81 7.19 6.65
N SER B 527 23.82 7.50 5.34
CA SER B 527 25.03 7.51 4.51
C SER B 527 25.77 8.84 4.55
N GLN B 528 25.54 9.65 5.58
CA GLN B 528 26.40 10.81 5.73
C GLN B 528 27.57 10.55 6.69
N LYS B 529 27.54 9.42 7.40
CA LYS B 529 28.62 9.16 8.34
C LYS B 529 29.88 8.84 7.57
N PRO B 530 31.06 9.23 8.15
CA PRO B 530 32.34 8.68 7.71
C PRO B 530 32.37 7.12 7.68
N PRO B 531 32.84 6.53 6.56
CA PRO B 531 32.94 5.09 6.61
C PRO B 531 33.62 4.63 7.91
N SER B 532 34.76 5.26 8.29
CA SER B 532 35.59 4.85 9.44
C SER B 532 34.80 4.55 10.74
N GLU B 533 33.58 5.07 10.89
CA GLU B 533 32.61 4.62 11.95
C GLU B 533 32.02 3.28 11.59
N GLY B 534 31.20 3.29 10.53
CA GLY B 534 30.57 2.11 9.92
C GLY B 534 30.40 2.28 8.41
N ILE B 535 30.06 1.20 7.71
CA ILE B 535 29.89 1.26 6.24
C ILE B 535 28.45 1.05 5.83
N VAL B 536 27.93 1.98 5.04
CA VAL B 536 26.58 1.90 4.53
C VAL B 536 26.53 1.92 3.04
N MET B 537 25.78 0.98 2.48
CA MET B 537 25.48 0.98 1.05
C MET B 537 24.10 0.35 0.83
N GLU B 538 23.19 1.18 0.34
CA GLU B 538 21.77 0.84 0.20
C GLU B 538 21.23 1.39 -1.12
N PRO B 539 21.01 0.47 -2.04
CA PRO B 539 20.37 0.83 -3.29
C PRO B 539 18.95 1.16 -3.01
N VAL B 540 18.33 1.84 -3.95
CA VAL B 540 16.93 2.16 -3.81
C VAL B 540 16.26 1.44 -4.94
N THR B 541 15.73 0.26 -4.62
CA THR B 541 14.86 -0.51 -5.51
C THR B 541 14.33 -1.72 -4.78
N PHE B 542 13.35 -2.36 -5.34
CA PHE B 542 13.04 -3.71 -4.92
C PHE B 542 13.53 -4.79 -5.86
N TRP B 543 14.26 -4.38 -6.92
CA TRP B 543 14.72 -5.27 -8.01
C TRP B 543 13.60 -6.17 -8.56
N ALA B 544 12.42 -5.56 -8.75
CA ALA B 544 11.37 -6.17 -9.59
C ALA B 544 11.21 -5.34 -10.83
N ARG B 545 10.78 -6.10 -11.86
CA ARG B 545 10.91 -5.72 -13.28
C ARG B 545 9.85 -4.72 -13.68
N GLY B 546 8.61 -5.13 -13.48
CA GLY B 546 7.45 -4.32 -13.81
C GLY B 546 7.00 -3.35 -12.73
N GLU B 547 7.73 -3.29 -11.60
CA GLU B 547 7.38 -2.38 -10.49
C GLU B 547 7.41 -0.90 -10.93
N ARG B 548 8.48 -0.45 -11.61
CA ARG B 548 8.56 0.95 -12.15
C ARG B 548 7.99 1.08 -13.60
N ASN B 549 7.37 2.24 -13.91
CA ASN B 549 6.79 2.59 -15.21
C ASN B 549 7.71 2.10 -16.24
N ILE B 550 7.17 1.43 -17.24
CA ILE B 550 8.02 0.78 -18.25
C ILE B 550 8.68 -0.48 -17.61
N GLY B 551 9.97 -0.44 -17.25
CA GLY B 551 10.50 -1.50 -16.40
C GLY B 551 11.97 -1.41 -16.08
N GLY B 552 12.47 -2.42 -15.39
CA GLY B 552 13.83 -2.34 -14.87
C GLY B 552 13.97 -1.43 -13.66
N VAL B 553 15.25 -1.24 -13.29
CA VAL B 553 15.63 -0.38 -12.16
C VAL B 553 16.69 0.65 -12.58
N LEU B 554 16.61 1.14 -13.81
CA LEU B 554 17.42 2.27 -14.17
C LEU B 554 16.57 3.51 -14.47
N PRO B 555 17.02 4.71 -14.13
CA PRO B 555 18.28 4.95 -13.47
C PRO B 555 18.23 4.52 -11.97
N LEU B 556 19.36 4.10 -11.38
CA LEU B 556 19.41 3.67 -9.95
C LEU B 556 20.22 4.47 -8.88
N ILE B 557 19.58 4.70 -7.74
CA ILE B 557 20.28 5.31 -6.63
C ILE B 557 20.84 4.32 -5.61
N VAL B 558 22.11 4.54 -5.30
CA VAL B 558 22.82 3.84 -4.25
C VAL B 558 23.29 4.90 -3.28
N LEU B 559 22.93 4.69 -2.02
CA LEU B 559 23.19 5.65 -1.00
C LEU B 559 24.38 5.23 -0.16
N THR B 560 25.49 5.98 -0.28
CA THR B 560 26.75 5.46 0.23
C THR B 560 27.76 6.45 0.68
N ASN B 561 28.58 5.90 1.57
CA ASN B 561 29.87 6.43 1.91
C ASN B 561 31.06 5.56 1.32
N CYS B 562 31.20 5.47 -0.02
CA CYS B 562 32.27 4.62 -0.70
C CYS B 562 32.98 5.31 -1.90
N ASP B 563 34.27 5.02 -2.19
CA ASP B 563 34.93 5.69 -3.39
C ASP B 563 34.09 5.35 -4.65
N GLU B 564 33.74 4.07 -4.78
CA GLU B 564 33.16 3.48 -5.96
C GLU B 564 31.91 2.69 -5.60
N VAL B 565 31.20 2.27 -6.66
CA VAL B 565 30.16 1.23 -6.60
C VAL B 565 30.10 0.40 -7.90
N GLU B 566 30.14 -0.94 -7.79
CA GLU B 566 30.13 -1.79 -8.99
C GLU B 566 28.81 -2.51 -9.17
N PHE B 567 28.06 -2.01 -10.14
CA PHE B 567 26.79 -2.61 -10.57
C PHE B 567 27.05 -3.75 -11.53
N GLU B 568 26.34 -4.89 -11.36
CA GLU B 568 26.47 -6.14 -12.18
C GLU B 568 25.11 -6.71 -12.53
N CYS B 569 24.76 -6.88 -13.81
CA CYS B 569 23.68 -7.83 -14.21
C CYS B 569 23.63 -8.34 -15.67
N ALA B 570 23.44 -9.65 -15.85
CA ALA B 570 23.42 -10.31 -17.20
C ALA B 570 24.55 -9.81 -18.07
N GLY B 571 25.77 -9.99 -17.56
CA GLY B 571 26.97 -9.51 -18.20
C GLY B 571 26.95 -8.05 -18.61
N VAL B 572 26.52 -7.18 -17.72
CA VAL B 572 26.84 -5.75 -17.84
C VAL B 572 27.45 -5.30 -16.50
N THR B 573 28.60 -4.63 -16.55
CA THR B 573 29.44 -4.45 -15.36
C THR B 573 30.14 -3.09 -15.44
N ARG B 574 29.95 -2.25 -14.42
CA ARG B 574 30.49 -0.91 -14.46
C ARG B 574 30.90 -0.40 -13.07
N ARG B 575 32.07 0.21 -13.00
CA ARG B 575 32.46 1.08 -11.88
C ARG B 575 31.65 2.39 -12.00
N VAL B 576 31.10 2.87 -10.88
CA VAL B 576 30.45 4.24 -10.77
C VAL B 576 30.68 4.84 -9.40
N GLY B 577 30.78 6.16 -9.37
CA GLY B 577 31.02 6.86 -8.14
C GLY B 577 29.96 7.84 -7.76
N PRO B 578 30.22 8.56 -6.65
CA PRO B 578 29.42 9.72 -6.32
C PRO B 578 29.08 10.57 -7.56
N ASP B 579 27.80 10.82 -7.71
CA ASP B 579 27.38 11.87 -8.57
C ASP B 579 27.63 13.10 -7.78
N ARG B 580 28.86 13.60 -7.88
CA ARG B 580 29.25 14.87 -7.27
C ARG B 580 28.76 16.10 -8.06
N GLU B 581 28.61 15.98 -9.38
CA GLU B 581 28.10 17.06 -10.23
C GLU B 581 26.67 17.45 -9.74
N ARG B 582 25.87 16.46 -9.37
CA ARG B 582 24.50 16.74 -8.93
C ARG B 582 24.32 17.27 -7.53
N PHE B 583 25.29 16.98 -6.65
CA PHE B 583 25.26 17.42 -5.26
C PHE B 583 26.64 17.98 -4.86
N PRO B 584 27.07 19.10 -5.51
CA PRO B 584 28.45 19.49 -5.24
C PRO B 584 28.78 19.51 -3.72
N HIS B 585 27.93 20.15 -2.90
CA HIS B 585 28.27 20.55 -1.49
C HIS B 585 28.25 19.48 -0.34
N LEU B 586 27.75 18.29 -0.70
CA LEU B 586 27.55 17.18 0.23
C LEU B 586 28.85 16.52 0.73
N PRO B 587 28.80 15.85 1.92
CA PRO B 587 29.90 15.01 2.42
C PRO B 587 30.00 13.66 1.75
N ARG B 588 28.85 13.05 1.58
CA ARG B 588 28.75 11.77 0.94
C ARG B 588 27.69 11.82 -0.12
N PRO B 589 27.97 12.57 -1.19
CA PRO B 589 27.01 12.45 -2.25
C PRO B 589 26.88 10.99 -2.61
N PRO B 590 25.69 10.58 -3.05
CA PRO B 590 25.43 9.19 -3.36
C PRO B 590 25.69 8.91 -4.80
N VAL B 591 25.68 7.63 -5.11
CA VAL B 591 25.98 7.15 -6.45
C VAL B 591 24.69 7.02 -7.14
N ILE B 592 24.66 7.52 -8.37
CA ILE B 592 23.53 7.36 -9.25
C ILE B 592 24.05 6.75 -10.49
N ILE B 593 23.25 5.81 -10.99
CA ILE B 593 23.51 4.95 -12.14
C ILE B 593 22.32 5.13 -13.09
N ASP B 594 22.59 5.51 -14.33
CA ASP B 594 21.58 6.03 -15.25
C ASP B 594 22.03 5.71 -16.70
N HIS B 595 21.40 6.34 -17.68
CA HIS B 595 21.82 6.34 -19.11
C HIS B 595 23.31 6.68 -19.43
N ARG B 596 23.89 7.62 -18.67
CA ARG B 596 25.27 8.07 -18.87
C ARG B 596 26.28 6.94 -18.63
N HIS B 597 25.84 5.90 -17.94
CA HIS B 597 26.67 4.75 -17.60
C HIS B 597 26.26 3.43 -18.21
N ILE B 598 24.97 3.27 -18.48
CA ILE B 598 24.48 2.13 -19.26
C ILE B 598 23.51 2.59 -20.35
N SER B 599 23.87 2.33 -21.61
CA SER B 599 23.14 2.89 -22.74
C SER B 599 21.90 2.06 -22.97
N ALA B 600 21.06 2.62 -23.84
CA ALA B 600 19.81 2.02 -24.33
C ALA B 600 20.00 0.60 -24.86
N GLU B 601 20.59 0.46 -26.04
CA GLU B 601 20.63 -0.85 -26.65
C GLU B 601 21.37 -1.82 -25.71
N GLU B 602 22.39 -1.36 -24.96
CA GLU B 602 23.18 -2.22 -24.02
C GLU B 602 22.35 -3.02 -23.03
N LEU B 603 21.07 -2.67 -23.00
CA LEU B 603 20.05 -3.37 -22.26
C LEU B 603 19.43 -4.47 -23.12
N GLY B 604 19.40 -4.25 -24.44
CA GLY B 604 19.08 -5.26 -25.48
C GLY B 604 19.56 -6.67 -25.23
N GLN B 605 20.75 -6.81 -24.62
CA GLN B 605 21.29 -8.13 -24.24
C GLN B 605 20.28 -8.96 -23.47
N TRP B 606 19.50 -8.28 -22.65
CA TRP B 606 18.78 -8.93 -21.58
C TRP B 606 17.63 -9.80 -22.12
N GLY B 607 17.14 -9.50 -23.33
CA GLY B 607 16.04 -10.28 -23.91
C GLY B 607 14.75 -9.93 -23.21
N MET B 608 13.90 -10.90 -22.90
CA MET B 608 12.62 -10.67 -22.16
C MET B 608 12.59 -11.26 -20.75
N SER B 609 13.59 -12.04 -20.33
CA SER B 609 13.58 -12.67 -18.99
C SER B 609 14.15 -11.71 -17.95
N TRP B 610 13.89 -11.98 -16.66
CA TRP B 610 14.37 -11.10 -15.58
C TRP B 610 15.52 -11.75 -14.75
N HIS B 611 16.50 -10.93 -14.32
CA HIS B 611 17.86 -11.38 -13.93
C HIS B 611 18.36 -10.94 -12.51
N PRO B 612 18.90 -11.88 -11.69
CA PRO B 612 19.67 -11.52 -10.52
C PRO B 612 20.67 -10.35 -10.72
N GLY B 613 20.88 -9.55 -9.69
CA GLY B 613 21.90 -8.49 -9.71
C GLY B 613 22.77 -8.58 -8.49
N ARG B 614 23.92 -7.90 -8.52
CA ARG B 614 24.84 -7.82 -7.37
C ARG B 614 25.47 -6.43 -7.36
N ILE B 615 25.22 -5.67 -6.30
CA ILE B 615 25.82 -4.34 -6.15
C ILE B 615 26.91 -4.42 -5.05
N THR B 616 28.16 -4.40 -5.50
CA THR B 616 29.35 -4.34 -4.68
C THR B 616 29.73 -2.86 -4.42
N GLY B 617 30.31 -2.59 -3.23
CA GLY B 617 30.81 -1.26 -2.78
C GLY B 617 32.29 -1.35 -2.43
N TRP B 618 33.01 -0.24 -2.62
CA TRP B 618 34.47 -0.23 -2.61
C TRP B 618 35.10 0.86 -1.74
N LEU B 619 36.32 0.60 -1.30
CA LEU B 619 37.00 1.56 -0.47
C LEU B 619 38.51 1.32 -0.55
N ASN B 620 39.17 2.12 -1.38
CA ASN B 620 40.62 2.04 -1.63
C ASN B 620 40.93 0.65 -2.13
N GLY B 621 40.30 0.31 -3.25
CA GLY B 621 40.54 -0.97 -3.87
C GLY B 621 39.94 -2.17 -3.14
N GLU B 622 39.93 -2.15 -1.79
CA GLU B 622 39.27 -3.19 -0.99
C GLU B 622 37.74 -3.22 -1.27
N GLN B 623 37.17 -4.42 -1.24
CA GLN B 623 35.72 -4.60 -1.44
C GLN B 623 35.06 -4.71 -0.12
N VAL B 624 34.19 -3.76 0.18
CA VAL B 624 33.58 -3.73 1.50
C VAL B 624 32.12 -4.31 1.48
N ALA B 625 31.20 -3.55 0.89
CA ALA B 625 29.76 -3.80 0.92
C ALA B 625 29.41 -4.63 -0.28
N LEU B 626 28.68 -5.69 -0.05
CA LEU B 626 28.11 -6.51 -1.11
C LEU B 626 26.62 -6.33 -0.92
N ARG B 627 25.82 -6.41 -1.99
CA ARG B 627 24.34 -6.51 -1.86
C ARG B 627 23.68 -7.34 -2.99
N GLU B 628 23.14 -8.51 -2.61
CA GLU B 628 22.54 -9.50 -3.53
C GLU B 628 21.06 -9.31 -3.64
N TYR B 629 20.53 -9.11 -4.85
CA TYR B 629 19.08 -9.26 -5.12
C TYR B 629 18.91 -10.38 -6.13
N VAL B 630 17.84 -11.14 -5.94
CA VAL B 630 17.49 -12.20 -6.85
C VAL B 630 16.19 -11.75 -7.48
N ALA B 631 15.78 -12.46 -8.51
CA ALA B 631 14.62 -12.10 -9.38
C ALA B 631 13.31 -12.84 -9.07
N ASP B 632 13.40 -13.91 -8.30
CA ASP B 632 12.24 -14.70 -7.96
C ASP B 632 12.14 -14.82 -6.45
N PRO B 633 11.99 -13.67 -5.77
CA PRO B 633 11.81 -13.73 -4.31
C PRO B 633 10.72 -14.70 -3.87
N LEU B 634 11.06 -15.54 -2.91
CA LEU B 634 10.13 -16.48 -2.33
C LEU B 634 10.11 -16.22 -0.82
N PRO B 635 9.08 -16.72 -0.11
CA PRO B 635 9.11 -16.66 1.36
C PRO B 635 10.14 -17.64 1.91
N THR B 636 11.13 -17.11 2.62
CA THR B 636 12.28 -17.87 3.07
C THR B 636 12.31 -17.90 4.59
N THR B 637 12.53 -16.71 5.19
CA THR B 637 12.70 -16.53 6.62
C THR B 637 11.81 -15.43 7.11
N LEU B 638 10.94 -15.77 8.04
CA LEU B 638 10.22 -14.76 8.73
C LEU B 638 11.00 -14.34 9.97
N GLN B 639 11.70 -13.20 9.89
CA GLN B 639 12.67 -12.71 10.97
C GLN B 639 12.04 -12.00 12.20
N ILE B 640 12.66 -12.21 13.34
CA ILE B 640 12.22 -11.65 14.60
C ILE B 640 13.52 -11.16 15.15
N ALA B 641 13.75 -9.85 15.08
CA ALA B 641 14.95 -9.29 15.70
C ALA B 641 14.58 -8.35 16.82
N PRO B 642 14.72 -8.81 18.10
CA PRO B 642 14.54 -7.94 19.24
C PRO B 642 15.66 -6.98 19.26
N ASP B 643 15.52 -5.87 20.00
CA ASP B 643 16.69 -5.00 20.30
C ASP B 643 17.75 -5.78 21.12
N ARG B 644 17.30 -6.72 21.96
CA ARG B 644 18.16 -7.28 22.98
C ARG B 644 17.92 -8.76 23.23
N ASP B 645 19.04 -9.45 23.49
CA ASP B 645 19.09 -10.85 23.89
C ASP B 645 18.81 -11.02 25.34
N THR B 646 19.53 -10.23 26.12
CA THR B 646 19.64 -10.39 27.54
C THR B 646 19.07 -9.08 28.08
N LEU B 647 18.39 -9.12 29.23
CA LEU B 647 17.89 -7.91 29.92
C LEU B 647 17.91 -7.88 31.46
N PRO B 648 17.66 -6.69 32.06
CA PRO B 648 17.30 -6.62 33.50
C PRO B 648 15.93 -7.22 33.79
N ALA B 649 15.72 -7.77 34.99
CA ALA B 649 14.36 -8.07 35.46
C ALA B 649 13.82 -6.74 35.95
N ASP B 650 13.10 -6.05 35.08
CA ASP B 650 12.76 -4.65 35.29
C ASP B 650 11.37 -4.30 34.75
N GLY B 651 10.46 -3.94 35.64
CA GLY B 651 9.16 -3.46 35.20
C GLY B 651 9.13 -2.34 34.14
N ASP B 652 10.07 -1.40 34.15
CA ASP B 652 9.92 -0.19 33.30
C ASP B 652 10.10 -0.39 31.82
N ILE B 653 10.94 -1.37 31.50
CA ILE B 653 11.46 -1.56 30.17
C ILE B 653 10.37 -1.98 29.18
N ASP B 654 10.34 -1.23 28.06
CA ASP B 654 9.58 -1.49 26.82
C ASP B 654 10.52 -1.82 25.67
N LEU B 655 10.50 -3.12 25.35
CA LEU B 655 11.39 -3.73 24.39
C LEU B 655 10.73 -3.63 23.09
N ARG B 656 11.44 -3.01 22.13
CA ARG B 656 11.00 -3.04 20.73
C ARG B 656 11.44 -4.31 20.02
N VAL B 657 10.46 -4.98 19.41
CA VAL B 657 10.71 -6.18 18.64
C VAL B 657 10.22 -6.00 17.21
N MET B 658 11.12 -6.16 16.22
CA MET B 658 10.79 -5.99 14.80
C MET B 658 10.50 -7.29 14.03
N LEU B 659 9.69 -7.22 12.97
CA LEU B 659 9.37 -8.40 12.17
C LEU B 659 9.71 -8.16 10.73
N ARG B 660 10.18 -9.20 10.04
CA ARG B 660 10.63 -9.09 8.64
C ARG B 660 10.42 -10.36 7.74
N ALA B 661 9.59 -10.13 6.71
CA ALA B 661 9.22 -11.11 5.71
C ALA B 661 10.28 -11.09 4.62
N LEU B 662 11.08 -12.18 4.54
CA LEU B 662 12.34 -12.16 3.83
C LEU B 662 12.43 -13.21 2.80
N ASP B 663 13.10 -12.84 1.70
CA ASP B 663 13.50 -13.72 0.60
C ASP B 663 14.85 -14.43 0.82
N GLN B 664 15.12 -15.35 -0.10
CA GLN B 664 16.37 -16.10 -0.11
C GLN B 664 17.54 -15.27 0.43
N VAL B 665 17.87 -14.19 -0.25
CA VAL B 665 19.19 -13.56 -0.12
C VAL B 665 19.28 -12.34 0.77
N GLY B 666 18.39 -12.25 1.74
CA GLY B 666 18.46 -11.18 2.69
C GLY B 666 17.26 -10.30 2.58
N ASN B 667 16.83 -10.01 1.37
CA ASN B 667 15.82 -8.97 1.14
C ASN B 667 14.35 -9.21 1.60
N ARG B 668 13.70 -8.08 1.88
CA ARG B 668 12.29 -7.98 2.27
C ARG B 668 11.30 -7.92 1.11
N LEU B 669 10.08 -8.41 1.37
CA LEU B 669 9.00 -8.58 0.39
C LEU B 669 7.98 -7.42 0.28
N PRO B 670 8.38 -6.23 -0.19
CA PRO B 670 7.67 -4.95 0.07
C PRO B 670 6.17 -4.90 -0.17
N PHE B 671 5.66 -5.69 -1.10
CA PHE B 671 4.20 -5.73 -1.36
C PHE B 671 3.58 -7.05 -0.88
N LEU B 672 4.03 -7.52 0.28
CA LEU B 672 3.45 -8.71 0.87
C LEU B 672 2.52 -8.28 1.95
N ASP B 673 1.24 -8.20 1.58
CA ASP B 673 0.21 -7.89 2.55
C ASP B 673 -0.17 -9.16 3.25
N ALA B 674 0.07 -9.17 4.56
CA ALA B 674 -0.29 -10.26 5.40
C ALA B 674 -0.06 -9.84 6.83
N GLY B 675 -0.96 -10.35 7.67
CA GLY B 675 -0.82 -10.26 9.10
C GLY B 675 0.08 -11.38 9.56
N ILE B 676 0.86 -11.11 10.62
CA ILE B 676 1.66 -12.13 11.30
C ILE B 676 0.97 -12.45 12.67
N ALA B 677 0.55 -13.72 12.84
CA ALA B 677 -0.08 -14.17 14.06
C ALA B 677 1.05 -14.41 15.05
N VAL B 678 1.05 -13.64 16.14
CA VAL B 678 2.11 -13.66 17.12
C VAL B 678 1.61 -14.25 18.43
N THR B 679 2.58 -14.60 19.29
CA THR B 679 2.31 -14.95 20.65
C THR B 679 3.55 -14.82 21.54
N VAL B 680 3.33 -14.25 22.70
CA VAL B 680 4.38 -13.93 23.64
C VAL B 680 4.09 -14.63 24.99
N ASP B 681 5.03 -15.51 25.38
CA ASP B 681 5.15 -16.06 26.75
C ASP B 681 6.44 -15.56 27.36
N GLY B 682 6.60 -15.74 28.67
CA GLY B 682 7.73 -15.11 29.40
C GLY B 682 7.29 -13.86 30.16
N PRO B 683 8.20 -13.24 30.91
CA PRO B 683 7.74 -12.22 31.88
C PRO B 683 7.41 -10.82 31.29
N ALA B 684 6.50 -10.76 30.30
CA ALA B 684 6.11 -9.47 29.67
C ALA B 684 4.77 -9.51 28.88
N ARG B 685 3.96 -8.44 29.00
CA ARG B 685 2.74 -8.27 28.18
C ARG B 685 3.14 -7.74 26.76
N LEU B 686 2.28 -7.96 25.75
CA LEU B 686 2.54 -7.47 24.37
C LEU B 686 1.64 -6.30 24.10
N ILE B 687 2.23 -5.16 23.75
CA ILE B 687 1.50 -3.93 23.44
C ILE B 687 1.16 -3.84 21.97
N GLY B 688 -0.17 -3.76 21.73
CA GLY B 688 -0.84 -4.06 20.46
C GLY B 688 -1.52 -5.43 20.41
N PRO B 689 -2.12 -5.82 19.25
CA PRO B 689 -2.78 -7.15 19.08
C PRO B 689 -1.95 -8.36 18.59
N ASP B 690 -2.53 -9.56 18.74
CA ASP B 690 -1.95 -10.84 18.28
C ASP B 690 -1.44 -10.69 16.84
N LEU B 691 -2.32 -10.16 15.98
CA LEU B 691 -2.13 -10.13 14.54
C LEU B 691 -1.51 -8.80 14.11
N ARG B 692 -0.24 -8.79 13.67
CA ARG B 692 0.48 -7.54 13.20
C ARG B 692 0.71 -7.48 11.66
N MET B 693 0.41 -6.34 11.01
CA MET B 693 0.35 -6.24 9.51
C MET B 693 1.59 -5.78 8.79
N LEU B 694 2.12 -6.61 7.93
CA LEU B 694 3.34 -6.23 7.23
C LEU B 694 3.19 -5.06 6.26
N GLN B 695 3.35 -3.86 6.78
CA GLN B 695 3.40 -2.67 5.96
C GLN B 695 4.81 -2.53 5.47
N GLY B 696 4.99 -2.44 4.17
CA GLY B 696 6.33 -2.22 3.64
C GLY B 696 7.21 -3.43 3.82
N GLY B 697 6.60 -4.61 3.99
CA GLY B 697 7.33 -5.85 4.31
C GLY B 697 7.83 -6.02 5.76
N THR B 698 7.45 -5.11 6.64
CA THR B 698 7.95 -5.05 8.01
C THR B 698 6.79 -4.66 8.94
N THR B 699 7.02 -4.82 10.23
CA THR B 699 6.05 -4.39 11.22
C THR B 699 6.65 -4.57 12.61
N GLY B 700 6.31 -3.64 13.50
CA GLY B 700 6.93 -3.54 14.80
C GLY B 700 5.95 -3.74 15.93
N MET B 701 6.50 -4.11 17.10
CA MET B 701 5.78 -4.28 18.39
C MET B 701 6.68 -3.89 19.57
N LEU B 702 6.04 -3.65 20.70
CA LEU B 702 6.74 -3.36 21.92
C LEU B 702 6.19 -4.23 23.02
N LEU B 703 7.09 -4.91 23.74
CA LEU B 703 6.74 -5.68 24.92
C LEU B 703 7.16 -4.91 26.18
N ARG B 704 6.21 -4.71 27.11
CA ARG B 704 6.51 -4.18 28.45
C ARG B 704 6.89 -5.29 29.43
N LEU B 705 8.11 -5.20 29.96
CA LEU B 705 8.63 -6.15 30.92
C LEU B 705 7.82 -6.07 32.22
N THR B 706 7.59 -7.21 32.89
CA THR B 706 6.79 -7.26 34.14
C THR B 706 7.58 -6.95 35.42
N GLY B 707 8.90 -7.17 35.39
CA GLY B 707 9.76 -7.08 36.57
C GLY B 707 10.21 -8.44 37.07
N ASP B 708 9.45 -9.48 36.72
CA ASP B 708 9.84 -10.90 36.90
C ASP B 708 11.18 -11.12 36.12
N ALA B 709 11.79 -12.28 36.37
CA ALA B 709 13.04 -12.67 35.73
C ALA B 709 12.82 -13.87 34.80
N GLY B 710 13.70 -14.00 33.82
CA GLY B 710 13.76 -15.22 33.03
C GLY B 710 13.74 -15.20 31.50
N THR B 711 12.82 -15.97 30.89
CA THR B 711 12.89 -16.36 29.47
C THR B 711 11.60 -15.96 28.69
N ILE B 712 11.80 -15.01 27.77
CA ILE B 712 10.75 -14.46 26.88
C ILE B 712 10.73 -15.24 25.57
N ARG B 713 9.79 -16.16 25.42
CA ARG B 713 9.67 -16.94 24.17
C ARG B 713 8.65 -16.22 23.34
N ILE B 714 9.11 -15.66 22.24
CA ILE B 714 8.25 -14.98 21.27
C ILE B 714 8.14 -15.81 19.98
N THR B 715 6.93 -15.84 19.40
CA THR B 715 6.65 -16.66 18.20
C THR B 715 5.93 -15.89 17.12
N ALA B 716 6.48 -15.93 15.90
CA ALA B 716 5.80 -15.48 14.68
C ALA B 716 5.49 -16.72 13.85
N ARG B 717 4.33 -16.68 13.20
CA ARG B 717 4.00 -17.68 12.18
C ARG B 717 3.06 -17.06 11.16
N HIS B 718 2.93 -17.77 10.03
CA HIS B 718 2.21 -17.37 8.81
C HIS B 718 2.41 -18.54 7.80
N PRO B 719 1.39 -18.82 6.96
CA PRO B 719 1.46 -20.18 6.37
C PRO B 719 2.37 -20.27 5.16
N GLN B 720 2.64 -19.14 4.52
CA GLN B 720 3.68 -19.05 3.49
C GLN B 720 5.10 -19.03 4.10
N PHE B 721 5.26 -19.16 5.42
CA PHE B 721 6.57 -18.96 6.03
C PHE B 721 6.83 -20.03 7.07
N PRO B 722 8.11 -20.41 7.17
CA PRO B 722 8.41 -21.38 8.20
C PRO B 722 8.20 -20.66 9.52
N GLU B 723 7.32 -21.19 10.35
CA GLU B 723 7.15 -20.74 11.73
C GLU B 723 8.46 -20.37 12.39
N ALA B 724 8.54 -19.23 13.08
CA ALA B 724 9.80 -18.75 13.71
C ALA B 724 9.68 -18.43 15.20
N VAL B 725 10.73 -18.79 15.95
CA VAL B 725 10.81 -18.60 17.42
C VAL B 725 12.10 -17.90 17.83
N ALA B 726 11.97 -16.80 18.60
CA ALA B 726 13.12 -16.01 19.10
C ALA B 726 13.01 -15.88 20.61
N THR B 727 14.16 -15.85 21.32
CA THR B 727 14.17 -15.59 22.77
C THR B 727 15.06 -14.43 23.21
N VAL B 728 14.74 -13.97 24.44
CA VAL B 728 15.43 -12.91 25.13
C VAL B 728 15.36 -13.26 26.63
N THR B 729 16.54 -13.27 27.31
CA THR B 729 16.62 -13.50 28.79
C THR B 729 16.63 -12.20 29.66
N VAL B 730 16.20 -12.34 30.92
CA VAL B 730 15.76 -11.23 31.81
C VAL B 730 16.40 -11.35 33.25
N GLY B 731 17.64 -10.84 33.40
CA GLY B 731 18.44 -10.87 34.66
C GLY B 731 19.97 -10.70 34.49
C1 GAL C . 1.56 -7.02 -23.72
C2 GAL C . 1.30 -8.52 -23.47
C3 GAL C . 0.47 -8.66 -22.15
C4 GAL C . 1.22 -7.90 -21.06
C5 GAL C . 1.34 -6.42 -21.42
C6 GAL C . 1.88 -5.57 -20.26
O1 GAL C . 2.28 -6.68 -24.93
O2 GAL C . 0.62 -9.09 -24.59
O3 GAL C . 0.15 -9.97 -21.59
O4 GAL C . 2.53 -8.46 -20.90
O5 GAL C . 2.19 -6.40 -22.58
O6 GAL C . 1.57 -4.17 -20.48
C1 GLC D . -23.94 20.73 4.74
C2 GLC D . -22.43 20.95 4.45
C3 GLC D . -21.70 19.70 3.88
C4 GLC D . -21.99 18.53 4.84
C5 GLC D . -23.49 18.21 4.77
C6 GLC D . -23.84 16.93 5.57
O1 GLC D . -24.70 21.10 3.57
O2 GLC D . -22.29 22.09 3.57
O3 GLC D . -20.28 19.92 3.66
O4 GLC D . -21.24 17.35 4.53
O5 GLC D . -24.29 19.38 5.16
O6 GLC D . -25.13 16.95 6.23
C1 PEG E . -24.63 -29.31 -29.82
O1 PEG E . -24.10 -29.78 -31.08
C2 PEG E . -24.31 -30.29 -28.68
O2 PEG E . -23.00 -29.98 -28.15
C3 PEG E . -22.53 -30.99 -27.26
C4 PEG E . -21.59 -30.39 -26.22
O4 PEG E . -22.29 -30.03 -25.02
CL CL F . 3.40 12.27 -44.01
CL CL G . -40.12 -22.44 -45.27
C1 GAL H . 4.70 21.63 9.66
C2 GAL H . 4.50 21.57 11.19
C3 GAL H . 4.59 20.13 11.65
C4 GAL H . 3.57 19.23 10.91
C5 GAL H . 3.14 19.58 9.44
C6 GAL H . 1.57 19.78 9.25
O1 GAL H . 4.36 22.93 9.12
O2 GAL H . 5.47 22.29 11.99
O3 GAL H . 4.46 20.08 13.09
O4 GAL H . 2.47 19.10 11.82
O5 GAL H . 4.02 20.59 8.88
O6 GAL H . 0.98 20.72 8.32
C1 PEG I . 4.42 50.02 18.76
O1 PEG I . 3.17 49.69 19.39
C2 PEG I . 5.54 49.22 19.44
O2 PEG I . 6.05 48.21 18.57
C3 PEG I . 5.25 47.02 18.54
C4 PEG I . 5.27 46.31 17.19
O4 PEG I . 6.57 45.74 16.95
C1 PEG J . 0.28 23.07 50.52
O1 PEG J . -0.94 22.32 50.61
C2 PEG J . 0.27 23.98 49.28
O2 PEG J . 1.35 24.94 49.35
C3 PEG J . 2.52 24.84 48.49
C4 PEG J . 3.77 24.61 49.34
O4 PEG J . 3.62 23.37 50.06
C1 PEG K . 20.65 40.59 15.74
O1 PEG K . 20.14 39.70 16.74
C2 PEG K . 19.53 40.87 14.74
O2 PEG K . 18.38 41.34 15.43
C3 PEG K . 17.37 41.90 14.60
C4 PEG K . 17.79 43.30 14.22
O4 PEG K . 16.81 43.89 13.35
C1 PEG L . 8.17 28.82 -5.20
O1 PEG L . 9.58 28.93 -4.95
C2 PEG L . 7.96 27.65 -6.16
O2 PEG L . 8.56 26.45 -5.66
C3 PEG L . 9.59 25.83 -6.44
C4 PEG L . 9.78 24.49 -5.75
O4 PEG L . 10.44 24.68 -4.50
CL CL M . 26.59 22.32 30.58
CL CL N . 3.55 39.68 34.11
C ACT O . 3.03 -22.58 10.03
O ACT O . 2.10 -21.72 9.97
OXT ACT O . 3.78 -22.71 9.02
CH3 ACT O . 3.25 -23.46 11.25
C ACT P . 8.70 21.70 40.20
O ACT P . 8.85 22.67 41.00
OXT ACT P . 7.83 21.77 39.29
CH3 ACT P . 9.58 20.47 40.34
#